data_7JQ8
#
_entry.id   7JQ8
#
loop_
_entity.id
_entity.type
_entity.pdbx_description
1 polymer 'Bromodomain-containing protein 3'
2 polymer 'Integrase peptide'
#
loop_
_entity_poly.entity_id
_entity_poly.type
_entity_poly.pdbx_seq_one_letter_code
_entity_poly.pdbx_strand_id
1 'polypeptide(L)'
;HHHHHHSHMGKQASASYDSEEEEEGLPMSYDEKRQLSLDINRLPGEKLGRVVHIIQSREPSLRDSNPDEIEIDFETLKPT
TLRELERYVKSCLQKK
;
A
2 'polypeptide(L)' SRLTWRVQRSQNPLKIRLTREAP B
#
# COMPACT_ATOMS: atom_id res chain seq x y z
N HIS A 1 26.47 27.15 -60.40
CA HIS A 1 26.73 26.69 -59.02
C HIS A 1 25.41 26.29 -58.34
N HIS A 2 25.34 25.03 -57.91
CA HIS A 2 24.21 24.48 -57.14
C HIS A 2 24.64 24.22 -55.70
N HIS A 3 23.70 23.89 -54.80
CA HIS A 3 24.00 23.69 -53.38
C HIS A 3 23.17 22.53 -52.77
N HIS A 4 23.87 21.67 -52.01
CA HIS A 4 23.26 20.59 -51.21
C HIS A 4 23.89 20.61 -49.81
N HIS A 5 23.07 20.34 -48.79
CA HIS A 5 23.52 20.23 -47.39
C HIS A 5 23.15 18.86 -46.84
N HIS A 6 24.02 18.29 -46.01
CA HIS A 6 23.84 16.95 -45.42
C HIS A 6 24.40 16.91 -43.99
N SER A 7 23.70 16.17 -43.11
CA SER A 7 24.07 15.98 -41.70
C SER A 7 23.19 14.87 -41.10
N HIS A 8 23.79 14.00 -40.24
CA HIS A 8 23.07 12.91 -39.57
C HIS A 8 23.19 13.07 -38.04
N MET A 9 22.12 13.56 -37.42
CA MET A 9 22.05 13.82 -35.97
C MET A 9 21.46 12.59 -35.25
N GLY A 10 22.27 11.52 -35.21
CA GLY A 10 21.81 10.21 -34.70
C GLY A 10 21.87 10.11 -33.18
N LYS A 11 20.71 10.25 -32.53
CA LYS A 11 20.59 10.08 -31.06
C LYS A 11 20.02 8.69 -30.74
N GLN A 12 20.66 8.01 -29.79
CA GLN A 12 20.26 6.68 -29.30
C GLN A 12 18.95 6.74 -28.49
N ALA A 13 18.08 5.74 -28.68
CA ALA A 13 16.86 5.57 -27.86
C ALA A 13 17.17 4.71 -26.62
N SER A 14 16.19 4.59 -25.71
CA SER A 14 16.35 3.80 -24.47
C SER A 14 15.03 3.15 -24.07
N ALA A 15 15.07 1.83 -23.83
CA ALA A 15 13.93 1.04 -23.33
C ALA A 15 14.48 -0.04 -22.40
N SER A 16 14.08 0.00 -21.13
CA SER A 16 14.62 -0.89 -20.08
C SER A 16 13.48 -1.44 -19.22
N TYR A 17 13.52 -2.76 -18.95
CA TYR A 17 12.50 -3.46 -18.15
C TYR A 17 13.19 -4.40 -17.16
N ASP A 18 12.58 -4.63 -16.00
CA ASP A 18 13.12 -5.53 -14.96
C ASP A 18 12.93 -6.99 -15.41
N SER A 19 13.94 -7.84 -15.17
CA SER A 19 13.95 -9.22 -15.68
C SER A 19 13.05 -10.15 -14.84
N GLU A 20 12.90 -9.82 -13.55
CA GLU A 20 12.19 -10.66 -12.57
C GLU A 20 10.91 -9.97 -12.08
N GLU A 21 10.12 -10.68 -11.26
CA GLU A 21 8.88 -10.15 -10.64
C GLU A 21 8.89 -10.45 -9.14
N GLU A 22 10.10 -10.56 -8.59
CA GLU A 22 10.32 -11.00 -7.19
C GLU A 22 9.87 -9.90 -6.21
N GLU A 23 9.63 -10.30 -4.96
CA GLU A 23 9.35 -9.36 -3.87
C GLU A 23 10.70 -8.71 -3.49
N GLU A 24 10.99 -7.57 -4.13
CA GLU A 24 12.26 -6.84 -3.97
C GLU A 24 12.51 -6.52 -2.49
N GLY A 25 11.47 -6.03 -1.80
CA GLY A 25 11.50 -5.79 -0.35
C GLY A 25 12.63 -4.88 0.11
N LEU A 26 12.94 -3.88 -0.74
CA LEU A 26 13.98 -2.88 -0.48
C LEU A 26 13.66 -2.07 0.80
N PRO A 27 14.68 -1.58 1.57
CA PRO A 27 14.45 -0.83 2.81
C PRO A 27 13.65 0.46 2.55
N MET A 28 12.32 0.39 2.81
CA MET A 28 11.39 1.46 2.47
C MET A 28 11.70 2.69 3.33
N SER A 29 12.04 3.80 2.66
CA SER A 29 12.46 5.04 3.32
C SER A 29 11.27 5.73 4.01
N TYR A 30 11.61 6.60 4.97
CA TYR A 30 10.66 7.32 5.85
C TYR A 30 9.53 8.02 5.05
N ASP A 31 9.93 8.66 3.94
CA ASP A 31 9.03 9.48 3.10
C ASP A 31 8.00 8.63 2.35
N GLU A 32 8.37 7.37 2.03
CA GLU A 32 7.49 6.45 1.29
C GLU A 32 6.34 5.94 2.17
N LYS A 33 6.57 5.93 3.49
CA LYS A 33 5.51 5.64 4.48
C LYS A 33 4.47 6.77 4.46
N ARG A 34 4.97 8.04 4.40
CA ARG A 34 4.12 9.23 4.27
C ARG A 34 3.42 9.23 2.90
N GLN A 35 4.14 8.79 1.85
CA GLN A 35 3.63 8.77 0.47
C GLN A 35 2.39 7.87 0.34
N LEU A 36 2.39 6.76 1.10
CA LEU A 36 1.22 5.89 1.20
C LEU A 36 0.09 6.61 1.93
N SER A 37 0.42 7.20 3.10
CA SER A 37 -0.56 7.80 4.03
C SER A 37 -1.52 8.77 3.31
N LEU A 38 -0.98 9.80 2.65
CA LEU A 38 -1.78 10.85 1.96
C LEU A 38 -2.69 10.25 0.88
N ASP A 39 -2.13 9.32 0.12
CA ASP A 39 -2.79 8.70 -1.05
C ASP A 39 -3.82 7.63 -0.63
N ILE A 40 -3.65 7.06 0.56
CA ILE A 40 -4.60 6.09 1.14
C ILE A 40 -5.72 6.85 1.87
N ASN A 41 -5.38 8.01 2.43
CA ASN A 41 -6.35 8.87 3.15
C ASN A 41 -7.42 9.45 2.23
N ARG A 42 -7.15 9.47 0.90
CA ARG A 42 -8.11 9.98 -0.09
C ARG A 42 -8.95 8.85 -0.72
N LEU A 43 -8.61 7.58 -0.38
CA LEU A 43 -9.39 6.40 -0.84
C LEU A 43 -10.72 6.30 -0.04
N PRO A 44 -11.87 5.97 -0.72
CA PRO A 44 -13.19 5.78 -0.04
C PRO A 44 -13.18 4.63 0.98
N GLY A 45 -14.19 4.65 1.89
CA GLY A 45 -14.31 3.67 2.98
C GLY A 45 -14.34 2.21 2.52
N GLU A 46 -14.86 1.99 1.30
CA GLU A 46 -14.88 0.67 0.64
C GLU A 46 -13.44 0.12 0.48
N LYS A 47 -12.56 0.95 -0.11
CA LYS A 47 -11.15 0.57 -0.36
C LYS A 47 -10.39 0.48 0.95
N LEU A 48 -10.70 1.38 1.89
CA LEU A 48 -10.12 1.42 3.24
C LEU A 48 -10.35 0.08 3.98
N GLY A 49 -11.45 -0.62 3.63
CA GLY A 49 -11.74 -1.95 4.14
C GLY A 49 -10.70 -2.99 3.77
N ARG A 50 -10.25 -2.96 2.49
CA ARG A 50 -9.21 -3.89 1.98
C ARG A 50 -7.81 -3.43 2.42
N VAL A 51 -7.62 -2.11 2.45
CA VAL A 51 -6.35 -1.47 2.86
C VAL A 51 -5.96 -1.92 4.27
N VAL A 52 -6.93 -1.90 5.21
CA VAL A 52 -6.70 -2.35 6.59
C VAL A 52 -6.62 -3.88 6.68
N HIS A 53 -7.43 -4.58 5.86
CA HIS A 53 -7.60 -6.04 5.92
C HIS A 53 -6.26 -6.79 5.73
N ILE A 54 -5.45 -6.30 4.77
CA ILE A 54 -4.12 -6.87 4.47
C ILE A 54 -3.11 -6.57 5.61
N ILE A 55 -3.31 -5.41 6.29
CA ILE A 55 -2.48 -5.01 7.45
C ILE A 55 -2.82 -5.87 8.68
N GLN A 56 -4.11 -6.19 8.82
CA GLN A 56 -4.64 -7.00 9.94
C GLN A 56 -4.30 -8.49 9.75
N SER A 57 -4.08 -8.87 8.49
CA SER A 57 -3.60 -10.22 8.14
C SER A 57 -2.10 -10.35 8.51
N ARG A 58 -1.37 -9.23 8.40
CA ARG A 58 0.05 -9.14 8.80
C ARG A 58 0.19 -8.99 10.33
N GLU A 59 -0.77 -8.24 10.92
CA GLU A 59 -0.80 -7.94 12.36
C GLU A 59 -2.09 -8.56 12.97
N PRO A 60 -2.07 -9.89 13.31
CA PRO A 60 -3.27 -10.61 13.81
C PRO A 60 -3.67 -10.14 15.22
N SER A 61 -2.72 -9.48 15.92
CA SER A 61 -2.94 -8.89 17.23
C SER A 61 -4.02 -7.79 17.15
N LEU A 62 -3.82 -6.84 16.21
CA LEU A 62 -4.73 -5.71 16.01
C LEU A 62 -6.03 -6.16 15.32
N ARG A 63 -5.92 -7.22 14.50
CA ARG A 63 -7.06 -7.82 13.79
C ARG A 63 -8.15 -8.26 14.78
N ASP A 64 -7.70 -9.02 15.78
CA ASP A 64 -8.58 -9.65 16.78
C ASP A 64 -9.02 -8.63 17.85
N SER A 65 -8.13 -7.68 18.18
CA SER A 65 -8.38 -6.69 19.24
C SER A 65 -9.44 -5.66 18.80
N ASN A 66 -9.21 -5.07 17.61
CA ASN A 66 -10.06 -4.01 17.05
C ASN A 66 -10.42 -4.32 15.58
N PRO A 67 -11.64 -4.87 15.33
CA PRO A 67 -12.22 -4.97 13.97
C PRO A 67 -13.00 -3.70 13.56
N ASP A 68 -13.07 -2.69 14.48
CA ASP A 68 -13.84 -1.46 14.27
C ASP A 68 -12.92 -0.25 14.01
N GLU A 69 -11.94 -0.03 14.89
CA GLU A 69 -10.96 1.09 14.74
C GLU A 69 -9.57 0.51 14.54
N ILE A 70 -9.04 0.65 13.31
CA ILE A 70 -7.79 0.00 12.92
C ILE A 70 -6.71 1.05 12.64
N GLU A 71 -5.56 0.92 13.34
CA GLU A 71 -4.42 1.82 13.19
C GLU A 71 -3.33 1.16 12.35
N ILE A 72 -3.15 1.66 11.12
CA ILE A 72 -2.09 1.20 10.21
C ILE A 72 -0.79 1.94 10.57
N ASP A 73 0.19 1.19 11.11
CA ASP A 73 1.50 1.76 11.49
C ASP A 73 2.49 1.47 10.35
N PHE A 74 2.61 2.41 9.41
CA PHE A 74 3.44 2.26 8.20
C PHE A 74 4.95 2.14 8.54
N GLU A 75 5.39 2.87 9.57
CA GLU A 75 6.81 3.02 9.89
C GLU A 75 7.47 1.69 10.29
N THR A 76 6.75 0.84 11.03
CA THR A 76 7.27 -0.48 11.45
C THR A 76 6.84 -1.58 10.47
N LEU A 77 5.75 -1.33 9.69
CA LEU A 77 5.23 -2.28 8.69
C LEU A 77 6.30 -2.64 7.65
N LYS A 78 6.28 -3.93 7.26
CA LYS A 78 7.29 -4.55 6.40
C LYS A 78 7.18 -3.99 4.96
N PRO A 79 8.33 -3.74 4.23
CA PRO A 79 8.29 -3.24 2.83
C PRO A 79 7.56 -4.21 1.86
N THR A 80 7.46 -5.49 2.26
CA THR A 80 6.71 -6.53 1.52
C THR A 80 5.19 -6.34 1.67
N THR A 81 4.79 -5.88 2.87
CA THR A 81 3.40 -5.52 3.17
C THR A 81 3.00 -4.26 2.39
N LEU A 82 3.83 -3.22 2.55
CA LEU A 82 3.60 -1.89 1.98
C LEU A 82 3.73 -1.88 0.45
N ARG A 83 4.46 -2.87 -0.09
CA ARG A 83 4.50 -3.19 -1.53
C ARG A 83 3.07 -3.30 -2.08
N GLU A 84 2.19 -4.00 -1.33
CA GLU A 84 0.79 -4.21 -1.72
C GLU A 84 0.01 -2.90 -1.68
N LEU A 85 0.20 -2.10 -0.61
CA LEU A 85 -0.47 -0.78 -0.44
C LEU A 85 -0.09 0.16 -1.59
N GLU A 86 1.20 0.13 -1.95
CA GLU A 86 1.78 1.00 -2.98
C GLU A 86 1.20 0.65 -4.35
N ARG A 87 1.32 -0.64 -4.73
CA ARG A 87 0.88 -1.12 -6.05
C ARG A 87 -0.65 -1.00 -6.21
N TYR A 88 -1.39 -1.17 -5.08
CA TYR A 88 -2.85 -1.15 -5.06
C TYR A 88 -3.38 0.29 -5.21
N VAL A 89 -2.85 1.23 -4.39
CA VAL A 89 -3.27 2.64 -4.44
C VAL A 89 -2.92 3.23 -5.81
N LYS A 90 -1.77 2.82 -6.33
CA LYS A 90 -1.27 3.20 -7.65
C LYS A 90 -2.21 2.70 -8.76
N SER A 91 -2.77 1.50 -8.53
CA SER A 91 -3.76 0.86 -9.42
C SER A 91 -5.15 1.54 -9.31
N CYS A 92 -5.40 2.25 -8.19
CA CYS A 92 -6.64 3.03 -7.98
C CYS A 92 -6.53 4.42 -8.64
N LEU A 93 -5.33 5.00 -8.57
CA LEU A 93 -5.02 6.35 -9.06
C LEU A 93 -4.79 6.34 -10.59
N GLN A 94 -4.12 5.27 -11.05
CA GLN A 94 -3.75 5.08 -12.46
C GLN A 94 -4.47 3.86 -13.02
N LYS A 95 -4.76 3.86 -14.32
CA LYS A 95 -5.38 2.72 -15.02
C LYS A 95 -4.30 1.68 -15.35
N LYS A 96 -3.83 0.98 -14.30
CA LYS A 96 -2.69 0.03 -14.38
C LYS A 96 -2.95 -1.19 -13.49
N SER B 1 -24.56 -2.13 4.85
CA SER B 1 -23.31 -2.87 4.76
C SER B 1 -22.50 -2.70 6.06
N ARG B 2 -22.22 -1.44 6.40
CA ARG B 2 -21.43 -1.07 7.58
C ARG B 2 -21.61 0.42 7.90
N LEU B 3 -21.23 0.82 9.12
CA LEU B 3 -21.16 2.24 9.51
C LEU B 3 -19.87 2.85 8.93
N THR B 4 -20.03 3.80 8.01
CA THR B 4 -18.94 4.48 7.30
C THR B 4 -17.94 5.12 8.28
N TRP B 5 -16.73 4.54 8.34
CA TRP B 5 -15.60 5.11 9.09
C TRP B 5 -14.89 6.22 8.28
N ARG B 6 -13.94 6.89 8.94
CA ARG B 6 -13.02 7.80 8.27
C ARG B 6 -11.60 7.42 8.67
N VAL B 7 -10.68 7.58 7.75
CA VAL B 7 -9.25 7.49 8.02
C VAL B 7 -8.77 8.83 8.64
N GLN B 8 -8.16 8.75 9.84
CA GLN B 8 -7.72 9.93 10.61
C GLN B 8 -6.25 9.73 11.03
N ARG B 9 -5.46 10.81 11.01
CA ARG B 9 -4.04 10.77 11.39
C ARG B 9 -3.87 10.61 12.91
N SER B 10 -3.22 9.51 13.31
CA SER B 10 -2.86 9.25 14.70
C SER B 10 -1.45 9.82 14.98
N GLN B 11 -1.38 11.02 15.61
CA GLN B 11 -0.14 11.78 15.92
C GLN B 11 0.89 11.85 14.74
N ASN B 12 1.61 10.74 14.51
CA ASN B 12 2.62 10.65 13.42
C ASN B 12 1.93 10.63 12.05
N PRO B 13 2.60 11.15 10.96
CA PRO B 13 2.13 11.01 9.56
C PRO B 13 2.26 9.55 9.06
N LEU B 14 2.89 8.69 9.89
CA LEU B 14 3.16 7.28 9.58
C LEU B 14 2.13 6.35 10.26
N LYS B 15 1.18 6.95 11.00
CA LYS B 15 0.09 6.20 11.67
C LYS B 15 -1.27 6.83 11.35
N ILE B 16 -2.25 5.99 10.97
CA ILE B 16 -3.62 6.42 10.66
C ILE B 16 -4.65 5.46 11.32
N ARG B 17 -5.48 6.01 12.23
CA ARG B 17 -6.61 5.28 12.84
C ARG B 17 -7.89 5.53 12.03
N LEU B 18 -8.54 4.44 11.60
CA LEU B 18 -9.86 4.51 10.99
C LEU B 18 -10.91 4.51 12.12
N THR B 19 -11.26 5.72 12.57
CA THR B 19 -12.14 5.95 13.73
C THR B 19 -13.59 5.49 13.45
N ARG B 20 -14.27 5.03 14.50
CA ARG B 20 -15.63 4.47 14.41
C ARG B 20 -16.66 5.60 14.26
N GLU B 21 -16.96 5.96 13.01
CA GLU B 21 -17.85 7.08 12.69
C GLU B 21 -19.24 6.60 12.26
N ALA B 22 -20.26 7.41 12.58
CA ALA B 22 -21.61 7.27 12.04
C ALA B 22 -21.63 7.83 10.61
N PRO B 23 -22.26 7.14 9.62
CA PRO B 23 -22.37 7.62 8.21
C PRO B 23 -22.93 9.07 8.12
N HIS A 1 38.15 47.41 -38.26
CA HIS A 1 38.55 46.00 -38.28
C HIS A 1 37.50 45.15 -37.56
N HIS A 2 37.08 44.02 -38.17
CA HIS A 2 36.03 43.13 -37.61
C HIS A 2 36.20 41.70 -38.15
N HIS A 3 36.48 40.74 -37.22
CA HIS A 3 36.75 39.33 -37.56
C HIS A 3 36.86 38.49 -36.27
N HIS A 4 35.96 38.74 -35.29
CA HIS A 4 35.99 38.05 -33.99
C HIS A 4 35.71 36.54 -34.13
N HIS A 5 36.67 35.73 -33.66
CA HIS A 5 36.52 34.28 -33.55
C HIS A 5 36.74 33.90 -32.08
N HIS A 6 35.65 33.96 -31.30
CA HIS A 6 35.66 33.62 -29.87
C HIS A 6 34.53 32.62 -29.60
N SER A 7 34.91 31.38 -29.21
CA SER A 7 33.98 30.26 -29.07
C SER A 7 34.20 29.53 -27.72
N HIS A 8 33.29 28.60 -27.40
CA HIS A 8 33.38 27.74 -26.19
C HIS A 8 32.90 26.31 -26.48
N MET A 9 32.80 25.96 -27.78
CA MET A 9 32.34 24.63 -28.23
C MET A 9 33.40 23.55 -27.92
N GLY A 10 33.09 22.68 -26.94
CA GLY A 10 33.99 21.59 -26.53
C GLY A 10 33.71 21.10 -25.12
N LYS A 11 32.46 20.64 -24.89
CA LYS A 11 32.10 19.91 -23.65
C LYS A 11 31.20 18.71 -24.02
N GLN A 12 31.22 17.71 -23.12
CA GLN A 12 30.40 16.49 -23.23
C GLN A 12 30.35 15.80 -21.86
N ALA A 13 29.19 15.21 -21.53
CA ALA A 13 28.94 14.61 -20.21
C ALA A 13 28.12 13.33 -20.36
N SER A 14 28.83 12.20 -20.52
CA SER A 14 28.23 10.86 -20.65
C SER A 14 27.67 10.39 -19.28
N ALA A 15 26.33 10.34 -19.19
CA ALA A 15 25.61 9.90 -17.97
C ALA A 15 25.52 8.36 -17.92
N SER A 16 26.54 7.73 -17.33
CA SER A 16 26.62 6.25 -17.22
C SER A 16 26.56 5.82 -15.75
N TYR A 17 25.59 4.94 -15.42
CA TYR A 17 25.30 4.51 -14.03
C TYR A 17 24.58 3.15 -14.01
N ASP A 18 24.80 2.38 -12.91
CA ASP A 18 24.12 1.10 -12.66
C ASP A 18 24.00 0.87 -11.13
N SER A 19 22.95 1.48 -10.52
CA SER A 19 22.65 1.38 -9.07
C SER A 19 21.31 0.64 -8.81
N GLU A 20 20.46 0.55 -9.85
CA GLU A 20 19.08 0.03 -9.74
C GLU A 20 19.05 -1.50 -9.54
N GLU A 21 18.62 -1.95 -8.35
CA GLU A 21 18.37 -3.37 -8.06
C GLU A 21 17.22 -3.48 -7.04
N GLU A 22 16.05 -3.93 -7.51
CA GLU A 22 14.85 -4.08 -6.65
C GLU A 22 14.96 -5.28 -5.71
N GLU A 23 14.16 -5.25 -4.63
CA GLU A 23 14.02 -6.34 -3.67
C GLU A 23 12.53 -6.60 -3.37
N GLU A 24 12.22 -7.80 -2.86
CA GLU A 24 10.87 -8.17 -2.42
C GLU A 24 10.46 -7.32 -1.20
N GLY A 25 11.35 -7.24 -0.21
CA GLY A 25 11.18 -6.36 0.95
C GLY A 25 12.20 -5.27 0.92
N LEU A 26 12.18 -4.49 -0.18
CA LEU A 26 13.06 -3.33 -0.41
C LEU A 26 13.06 -2.34 0.78
N PRO A 27 14.15 -1.57 1.03
CA PRO A 27 14.15 -0.54 2.09
C PRO A 27 13.17 0.61 1.75
N MET A 28 11.91 0.46 2.21
CA MET A 28 10.84 1.42 1.99
C MET A 28 11.19 2.72 2.76
N SER A 29 11.40 3.82 2.01
CA SER A 29 11.89 5.09 2.58
C SER A 29 10.89 5.72 3.56
N TYR A 30 11.39 6.60 4.44
CA TYR A 30 10.57 7.32 5.44
C TYR A 30 9.50 8.19 4.73
N ASP A 31 9.89 8.71 3.55
CA ASP A 31 9.02 9.51 2.68
C ASP A 31 7.92 8.63 2.06
N GLU A 32 8.28 7.36 1.74
CA GLU A 32 7.35 6.36 1.16
C GLU A 32 6.29 5.93 2.18
N LYS A 33 6.67 5.92 3.47
CA LYS A 33 5.75 5.62 4.59
C LYS A 33 4.65 6.71 4.66
N ARG A 34 5.12 7.96 4.61
CA ARG A 34 4.29 9.16 4.65
C ARG A 34 3.51 9.34 3.34
N GLN A 35 4.04 8.82 2.23
CA GLN A 35 3.38 8.91 0.92
C GLN A 35 2.12 8.04 0.92
N LEU A 36 2.25 6.83 1.51
CA LEU A 36 1.11 5.92 1.73
C LEU A 36 0.15 6.50 2.78
N SER A 37 0.67 7.27 3.76
CA SER A 37 -0.16 7.90 4.81
C SER A 37 -1.23 8.83 4.21
N LEU A 38 -0.83 9.61 3.19
CA LEU A 38 -1.73 10.56 2.50
C LEU A 38 -2.56 9.86 1.39
N ASP A 39 -1.89 8.97 0.63
CA ASP A 39 -2.49 8.33 -0.56
C ASP A 39 -3.50 7.23 -0.21
N ILE A 40 -3.38 6.64 0.98
CA ILE A 40 -4.40 5.71 1.52
C ILE A 40 -5.52 6.53 2.20
N ASN A 41 -5.15 7.68 2.80
CA ASN A 41 -6.10 8.58 3.50
C ASN A 41 -7.09 9.23 2.51
N ARG A 42 -6.65 9.46 1.26
CA ARG A 42 -7.50 10.06 0.19
C ARG A 42 -8.52 9.04 -0.35
N LEU A 43 -8.30 7.74 -0.09
CA LEU A 43 -9.22 6.66 -0.52
C LEU A 43 -10.45 6.60 0.42
N PRO A 44 -11.68 6.29 -0.12
CA PRO A 44 -12.88 6.05 0.72
C PRO A 44 -12.89 4.63 1.35
N GLY A 45 -13.83 4.41 2.30
CA GLY A 45 -13.93 3.17 3.08
C GLY A 45 -14.07 1.89 2.26
N GLU A 46 -14.48 2.04 0.99
CA GLU A 46 -14.63 0.95 0.01
C GLU A 46 -13.24 0.31 -0.30
N LYS A 47 -12.28 1.19 -0.61
CA LYS A 47 -10.88 0.80 -0.91
C LYS A 47 -10.19 0.38 0.39
N LEU A 48 -10.45 1.18 1.44
CA LEU A 48 -9.89 1.00 2.77
C LEU A 48 -10.30 -0.35 3.40
N GLY A 49 -11.43 -0.91 2.93
CA GLY A 49 -11.88 -2.24 3.32
C GLY A 49 -10.87 -3.33 2.96
N ARG A 50 -10.28 -3.21 1.76
CA ARG A 50 -9.25 -4.14 1.27
C ARG A 50 -7.86 -3.78 1.82
N VAL A 51 -7.61 -2.46 2.02
CA VAL A 51 -6.34 -1.95 2.59
C VAL A 51 -6.10 -2.57 3.98
N VAL A 52 -7.06 -2.40 4.91
CA VAL A 52 -6.94 -2.95 6.27
C VAL A 52 -7.05 -4.48 6.27
N HIS A 53 -7.71 -5.08 5.26
CA HIS A 53 -7.89 -6.54 5.19
C HIS A 53 -6.53 -7.25 5.11
N ILE A 54 -5.57 -6.67 4.33
CA ILE A 54 -4.22 -7.23 4.19
C ILE A 54 -3.29 -6.81 5.36
N ILE A 55 -3.51 -5.58 5.92
CA ILE A 55 -2.71 -5.05 7.06
C ILE A 55 -2.95 -5.86 8.34
N GLN A 56 -4.24 -6.13 8.59
CA GLN A 56 -4.73 -6.83 9.78
C GLN A 56 -4.58 -8.36 9.62
N SER A 57 -4.44 -8.81 8.35
CA SER A 57 -4.03 -10.19 8.03
C SER A 57 -2.58 -10.42 8.49
N ARG A 58 -1.71 -9.43 8.23
CA ARG A 58 -0.30 -9.45 8.67
C ARG A 58 -0.24 -9.34 10.20
N GLU A 59 -0.95 -8.33 10.73
CA GLU A 59 -0.92 -7.96 12.15
C GLU A 59 -2.31 -8.17 12.78
N PRO A 60 -2.65 -9.41 13.27
CA PRO A 60 -3.94 -9.69 13.92
C PRO A 60 -4.02 -9.08 15.33
N SER A 61 -2.84 -8.77 15.91
CA SER A 61 -2.73 -8.13 17.22
C SER A 61 -3.45 -6.77 17.25
N LEU A 62 -3.42 -6.04 16.11
CA LEU A 62 -4.06 -4.72 15.98
C LEU A 62 -5.56 -4.84 15.62
N ARG A 63 -5.92 -5.99 15.01
CA ARG A 63 -7.30 -6.27 14.53
C ARG A 63 -8.22 -6.54 15.73
N ASP A 64 -7.76 -7.42 16.62
CA ASP A 64 -8.54 -7.88 17.79
C ASP A 64 -8.40 -6.92 18.98
N SER A 65 -7.36 -6.05 18.97
CA SER A 65 -7.16 -5.04 20.03
C SER A 65 -8.20 -3.92 19.88
N ASN A 66 -8.32 -3.38 18.66
CA ASN A 66 -9.26 -2.31 18.31
C ASN A 66 -9.90 -2.63 16.94
N PRO A 67 -11.13 -3.24 16.91
CA PRO A 67 -11.84 -3.57 15.66
C PRO A 67 -12.31 -2.31 14.88
N ASP A 68 -12.79 -1.30 15.63
CA ASP A 68 -13.38 -0.09 15.02
C ASP A 68 -12.29 0.87 14.55
N GLU A 69 -11.38 1.22 15.45
CA GLU A 69 -10.30 2.16 15.15
C GLU A 69 -9.05 1.36 14.78
N ILE A 70 -8.72 1.35 13.48
CA ILE A 70 -7.61 0.56 12.93
C ILE A 70 -6.49 1.51 12.52
N GLU A 71 -5.36 1.45 13.23
CA GLU A 71 -4.19 2.28 12.93
C GLU A 71 -3.22 1.50 12.06
N ILE A 72 -3.06 1.96 10.82
CA ILE A 72 -2.07 1.41 9.90
C ILE A 72 -0.75 2.15 10.14
N ASP A 73 0.20 1.45 10.80
CA ASP A 73 1.51 2.02 11.18
C ASP A 73 2.57 1.54 10.18
N PHE A 74 2.84 2.40 9.19
CA PHE A 74 3.81 2.12 8.11
C PHE A 74 5.23 1.98 8.67
N GLU A 75 5.43 2.67 9.80
CA GLU A 75 6.68 2.68 10.59
C GLU A 75 7.06 1.29 11.16
N THR A 76 6.08 0.39 11.40
CA THR A 76 6.35 -0.96 11.97
C THR A 76 5.76 -2.08 11.06
N LEU A 77 5.22 -1.70 9.89
CA LEU A 77 4.77 -2.68 8.87
C LEU A 77 5.93 -3.15 8.00
N LYS A 78 5.80 -4.38 7.48
CA LYS A 78 6.77 -4.98 6.55
C LYS A 78 6.78 -4.21 5.22
N PRO A 79 7.99 -3.84 4.66
CA PRO A 79 8.11 -3.20 3.32
C PRO A 79 7.51 -4.05 2.19
N THR A 80 7.34 -5.37 2.43
CA THR A 80 6.60 -6.28 1.52
C THR A 80 5.11 -5.89 1.48
N THR A 81 4.53 -5.67 2.68
CA THR A 81 3.12 -5.29 2.86
C THR A 81 2.88 -3.84 2.39
N LEU A 82 3.90 -3.00 2.59
CA LEU A 82 3.88 -1.59 2.15
C LEU A 82 3.98 -1.51 0.63
N ARG A 83 4.61 -2.52 0.01
CA ARG A 83 4.70 -2.67 -1.44
C ARG A 83 3.33 -3.11 -2.01
N GLU A 84 2.56 -3.89 -1.20
CA GLU A 84 1.17 -4.29 -1.55
C GLU A 84 0.27 -3.03 -1.62
N LEU A 85 0.44 -2.17 -0.60
CA LEU A 85 -0.26 -0.87 -0.53
C LEU A 85 0.16 0.04 -1.69
N GLU A 86 1.47 0.03 -1.97
CA GLU A 86 2.12 0.87 -2.98
C GLU A 86 1.49 0.63 -4.37
N ARG A 87 1.40 -0.66 -4.78
CA ARG A 87 0.80 -1.03 -6.07
C ARG A 87 -0.72 -0.87 -6.05
N TYR A 88 -1.37 -1.14 -4.89
CA TYR A 88 -2.84 -1.13 -4.77
C TYR A 88 -3.41 0.26 -4.97
N VAL A 89 -2.89 1.22 -4.22
CA VAL A 89 -3.38 2.59 -4.19
C VAL A 89 -3.23 3.24 -5.57
N LYS A 90 -2.05 3.09 -6.18
CA LYS A 90 -1.76 3.69 -7.50
C LYS A 90 -2.51 2.98 -8.65
N SER A 91 -2.85 1.68 -8.48
CA SER A 91 -3.66 0.95 -9.49
C SER A 91 -5.15 1.35 -9.34
N CYS A 92 -5.56 1.69 -8.11
CA CYS A 92 -6.92 2.17 -7.82
C CYS A 92 -7.09 3.62 -8.29
N LEU A 93 -6.02 4.42 -8.18
CA LEU A 93 -5.98 5.80 -8.68
C LEU A 93 -5.66 5.83 -10.19
N GLN A 94 -5.29 4.66 -10.75
CA GLN A 94 -5.05 4.49 -12.19
C GLN A 94 -6.41 4.45 -12.92
N LYS A 95 -6.91 5.64 -13.19
CA LYS A 95 -8.16 5.91 -13.91
C LYS A 95 -7.85 7.00 -14.96
N LYS A 96 -6.58 7.00 -15.37
CA LYS A 96 -5.95 8.10 -16.13
C LYS A 96 -4.67 7.61 -16.82
N SER B 1 -25.51 -0.21 4.75
CA SER B 1 -25.42 -1.64 5.06
C SER B 1 -24.27 -1.94 6.04
N ARG B 2 -23.41 -0.93 6.25
CA ARG B 2 -22.27 -0.98 7.20
C ARG B 2 -21.84 0.46 7.49
N LEU B 3 -21.66 0.78 8.80
CA LEU B 3 -21.12 2.08 9.23
C LEU B 3 -19.69 2.24 8.65
N THR B 4 -19.59 3.05 7.58
CA THR B 4 -18.33 3.29 6.88
C THR B 4 -17.40 4.18 7.71
N TRP B 5 -16.17 3.71 7.95
CA TRP B 5 -15.15 4.44 8.74
C TRP B 5 -14.62 5.67 7.99
N ARG B 6 -14.03 6.58 8.77
CA ARG B 6 -13.34 7.77 8.28
C ARG B 6 -11.88 7.71 8.75
N VAL B 7 -10.96 7.63 7.79
CA VAL B 7 -9.52 7.62 8.06
C VAL B 7 -9.04 9.03 8.47
N GLN B 8 -8.28 9.08 9.57
CA GLN B 8 -7.76 10.32 10.16
C GLN B 8 -6.48 10.01 10.92
N ARG B 9 -5.44 10.86 10.75
CA ARG B 9 -4.13 10.70 11.43
C ARG B 9 -4.31 10.62 12.96
N SER B 10 -3.55 9.73 13.60
CA SER B 10 -3.44 9.67 15.08
C SER B 10 -1.96 9.70 15.47
N GLN B 11 -1.60 10.69 16.32
CA GLN B 11 -0.26 10.84 16.91
C GLN B 11 0.82 11.19 15.85
N ASN B 12 1.42 10.16 15.21
CA ASN B 12 2.56 10.33 14.28
C ASN B 12 2.05 10.68 12.86
N PRO B 13 2.86 11.42 12.01
CA PRO B 13 2.48 11.77 10.61
C PRO B 13 2.55 10.58 9.62
N LEU B 14 2.70 9.35 10.15
CA LEU B 14 2.68 8.11 9.37
C LEU B 14 1.37 7.35 9.66
N LYS B 15 1.24 6.92 10.92
CA LYS B 15 0.12 6.06 11.37
C LYS B 15 -1.25 6.77 11.23
N ILE B 16 -2.07 6.25 10.30
CA ILE B 16 -3.44 6.75 10.04
C ILE B 16 -4.47 5.79 10.64
N ARG B 17 -5.36 6.33 11.48
CA ARG B 17 -6.40 5.57 12.18
C ARG B 17 -7.75 5.71 11.46
N LEU B 18 -8.20 4.59 10.89
CA LEU B 18 -9.54 4.47 10.31
C LEU B 18 -10.56 4.32 11.44
N THR B 19 -11.04 5.46 11.95
CA THR B 19 -12.02 5.50 13.02
C THR B 19 -13.39 5.09 12.49
N ARG B 20 -13.81 3.83 12.77
CA ARG B 20 -15.17 3.36 12.45
C ARG B 20 -16.12 4.07 13.42
N GLU B 21 -16.65 5.19 12.92
CA GLU B 21 -17.61 6.04 13.63
C GLU B 21 -19.02 5.71 13.15
N ALA B 22 -20.00 6.13 13.93
CA ALA B 22 -21.42 6.01 13.59
C ALA B 22 -22.01 7.42 13.52
N PRO B 23 -22.02 8.09 12.31
CA PRO B 23 -22.60 9.45 12.16
C PRO B 23 -24.14 9.40 12.39
N HIS A 1 33.80 -52.61 -43.41
CA HIS A 1 35.10 -51.96 -43.13
C HIS A 1 35.04 -50.45 -43.42
N HIS A 2 35.93 -49.69 -42.73
CA HIS A 2 36.09 -48.23 -42.86
C HIS A 2 34.80 -47.47 -42.45
N HIS A 3 34.57 -47.43 -41.13
CA HIS A 3 33.45 -46.72 -40.51
C HIS A 3 33.84 -46.35 -39.06
N HIS A 4 34.03 -45.05 -38.81
CA HIS A 4 34.23 -44.49 -37.46
C HIS A 4 32.99 -43.68 -37.07
N HIS A 5 32.75 -43.55 -35.76
CA HIS A 5 31.62 -42.78 -35.22
C HIS A 5 31.95 -42.24 -33.82
N HIS A 6 31.24 -41.18 -33.42
CA HIS A 6 31.44 -40.49 -32.14
C HIS A 6 30.13 -39.86 -31.68
N SER A 7 29.92 -39.81 -30.36
CA SER A 7 28.67 -39.32 -29.76
C SER A 7 28.97 -38.68 -28.41
N HIS A 8 29.49 -37.43 -28.43
CA HIS A 8 29.77 -36.68 -27.20
C HIS A 8 28.45 -36.32 -26.51
N MET A 9 28.30 -36.78 -25.26
CA MET A 9 27.09 -36.56 -24.44
C MET A 9 27.53 -36.19 -23.02
N GLY A 10 27.78 -34.88 -22.82
CA GLY A 10 28.22 -34.38 -21.52
C GLY A 10 28.51 -32.88 -21.57
N LYS A 11 27.42 -32.09 -21.70
CA LYS A 11 27.45 -30.62 -21.68
C LYS A 11 26.11 -30.09 -21.13
N GLN A 12 26.16 -29.26 -20.08
CA GLN A 12 24.96 -28.71 -19.42
C GLN A 12 24.80 -27.20 -19.73
N ALA A 13 23.62 -26.82 -20.25
CA ALA A 13 23.26 -25.41 -20.51
C ALA A 13 22.60 -24.82 -19.24
N SER A 14 23.44 -24.56 -18.23
CA SER A 14 23.01 -24.03 -16.93
C SER A 14 23.98 -22.93 -16.47
N ALA A 15 23.44 -21.84 -15.90
CA ALA A 15 24.24 -20.67 -15.47
C ALA A 15 23.65 -20.09 -14.18
N SER A 16 24.14 -20.58 -13.03
CA SER A 16 23.68 -20.14 -11.71
C SER A 16 24.61 -19.04 -11.17
N TYR A 17 24.24 -17.76 -11.44
CA TYR A 17 24.99 -16.60 -10.93
C TYR A 17 24.09 -15.75 -10.03
N ASP A 18 24.68 -15.23 -8.94
CA ASP A 18 24.05 -14.25 -8.06
C ASP A 18 25.04 -13.11 -7.87
N SER A 19 24.96 -12.13 -8.79
CA SER A 19 25.88 -10.99 -8.83
C SER A 19 25.63 -10.04 -7.65
N GLU A 20 24.35 -9.88 -7.28
CA GLU A 20 23.95 -9.02 -6.14
C GLU A 20 22.91 -9.74 -5.25
N GLU A 21 22.88 -9.33 -3.97
CA GLU A 21 21.91 -9.81 -2.97
C GLU A 21 20.72 -8.83 -2.91
N GLU A 22 19.64 -9.17 -3.62
CA GLU A 22 18.40 -8.39 -3.61
C GLU A 22 17.51 -8.79 -2.43
N GLU A 23 17.14 -7.79 -1.62
CA GLU A 23 16.31 -7.99 -0.42
C GLU A 23 14.84 -7.71 -0.74
N GLU A 24 13.97 -8.70 -0.47
CA GLU A 24 12.51 -8.56 -0.65
C GLU A 24 11.95 -7.50 0.33
N GLY A 25 12.53 -7.50 1.54
CA GLY A 25 12.27 -6.49 2.54
C GLY A 25 13.38 -5.47 2.59
N LEU A 26 13.69 -4.87 1.42
CA LEU A 26 14.67 -3.77 1.31
C LEU A 26 14.15 -2.53 2.07
N PRO A 27 15.06 -1.63 2.56
CA PRO A 27 14.65 -0.45 3.37
C PRO A 27 13.69 0.50 2.60
N MET A 28 12.38 0.35 2.91
CA MET A 28 11.32 1.25 2.46
C MET A 28 11.51 2.62 3.12
N SER A 29 11.69 3.68 2.32
CA SER A 29 12.00 5.04 2.83
C SER A 29 10.83 5.59 3.67
N TYR A 30 11.18 6.37 4.71
CA TYR A 30 10.21 6.97 5.66
C TYR A 30 9.21 7.87 4.92
N ASP A 31 9.71 8.60 3.92
CA ASP A 31 8.89 9.50 3.08
C ASP A 31 7.96 8.72 2.14
N GLU A 32 8.38 7.50 1.74
CA GLU A 32 7.54 6.60 0.91
C GLU A 32 6.41 6.00 1.76
N LYS A 33 6.72 5.72 3.03
CA LYS A 33 5.75 5.24 4.03
C LYS A 33 4.67 6.31 4.30
N ARG A 34 5.12 7.59 4.32
CA ARG A 34 4.22 8.76 4.44
C ARG A 34 3.37 8.93 3.18
N GLN A 35 4.03 8.95 2.01
CA GLN A 35 3.38 9.18 0.70
C GLN A 35 2.24 8.17 0.48
N LEU A 36 2.56 6.91 0.81
CA LEU A 36 1.65 5.77 0.76
C LEU A 36 0.44 5.98 1.69
N SER A 37 0.72 6.45 2.92
CA SER A 37 -0.30 6.71 3.95
C SER A 37 -1.34 7.72 3.43
N LEU A 38 -0.86 8.89 2.96
CA LEU A 38 -1.73 9.98 2.44
C LEU A 38 -2.53 9.55 1.19
N ASP A 39 -1.91 8.69 0.36
CA ASP A 39 -2.54 8.12 -0.85
C ASP A 39 -3.65 7.10 -0.49
N ILE A 40 -3.54 6.46 0.68
CA ILE A 40 -4.59 5.57 1.20
C ILE A 40 -5.71 6.40 1.88
N ASN A 41 -5.34 7.57 2.42
CA ASN A 41 -6.28 8.52 3.07
C ASN A 41 -7.28 9.13 2.07
N ARG A 42 -6.90 9.17 0.76
CA ARG A 42 -7.79 9.69 -0.30
C ARG A 42 -8.83 8.64 -0.73
N LEU A 43 -8.50 7.35 -0.48
CA LEU A 43 -9.33 6.19 -0.88
C LEU A 43 -10.66 6.16 -0.09
N PRO A 44 -11.84 5.90 -0.76
CA PRO A 44 -13.17 5.78 -0.08
C PRO A 44 -13.23 4.66 0.97
N GLY A 45 -14.28 4.66 1.82
CA GLY A 45 -14.45 3.68 2.91
C GLY A 45 -14.50 2.23 2.43
N GLU A 46 -14.96 2.02 1.19
CA GLU A 46 -14.96 0.71 0.51
C GLU A 46 -13.52 0.20 0.33
N LYS A 47 -12.70 1.10 -0.23
CA LYS A 47 -11.28 0.84 -0.53
C LYS A 47 -10.47 0.71 0.77
N LEU A 48 -10.85 1.50 1.81
CA LEU A 48 -10.23 1.45 3.14
C LEU A 48 -10.47 0.09 3.83
N GLY A 49 -11.67 -0.47 3.59
CA GLY A 49 -12.02 -1.81 4.08
C GLY A 49 -11.19 -2.91 3.41
N ARG A 50 -10.84 -2.68 2.13
CA ARG A 50 -10.04 -3.64 1.34
C ARG A 50 -8.53 -3.46 1.60
N VAL A 51 -8.14 -2.23 1.99
CA VAL A 51 -6.76 -1.92 2.39
C VAL A 51 -6.44 -2.61 3.73
N VAL A 52 -7.35 -2.46 4.73
CA VAL A 52 -7.18 -3.13 6.03
C VAL A 52 -7.30 -4.66 5.87
N HIS A 53 -7.98 -5.14 4.82
CA HIS A 53 -8.15 -6.59 4.59
C HIS A 53 -6.78 -7.33 4.51
N ILE A 54 -5.77 -6.69 3.89
CA ILE A 54 -4.38 -7.22 3.85
C ILE A 54 -3.56 -6.79 5.10
N ILE A 55 -3.92 -5.66 5.75
CA ILE A 55 -3.20 -5.11 6.94
C ILE A 55 -3.56 -5.87 8.23
N GLN A 56 -4.79 -6.39 8.31
CA GLN A 56 -5.26 -7.16 9.47
C GLN A 56 -4.67 -8.58 9.42
N SER A 57 -4.34 -9.02 8.19
CA SER A 57 -3.58 -10.26 7.93
C SER A 57 -2.11 -10.09 8.39
N ARG A 58 -1.57 -8.85 8.22
CA ARG A 58 -0.20 -8.50 8.63
C ARG A 58 -0.12 -8.49 10.17
N GLU A 59 -0.90 -7.59 10.79
CA GLU A 59 -0.93 -7.36 12.24
C GLU A 59 -2.24 -7.93 12.84
N PRO A 60 -2.24 -9.22 13.31
CA PRO A 60 -3.45 -9.87 13.86
C PRO A 60 -3.81 -9.35 15.28
N SER A 61 -2.84 -8.67 15.92
CA SER A 61 -3.04 -8.05 17.23
C SER A 61 -4.02 -6.87 17.14
N LEU A 62 -3.89 -6.08 16.05
CA LEU A 62 -4.70 -4.86 15.84
C LEU A 62 -6.18 -5.20 15.59
N ARG A 63 -6.42 -6.26 14.78
CA ARG A 63 -7.79 -6.71 14.42
C ARG A 63 -8.54 -7.27 15.64
N ASP A 64 -7.78 -7.98 16.50
CA ASP A 64 -8.32 -8.69 17.67
C ASP A 64 -8.66 -7.70 18.80
N SER A 65 -7.72 -6.79 19.08
CA SER A 65 -7.86 -5.79 20.16
C SER A 65 -8.95 -4.76 19.80
N ASN A 66 -8.86 -4.20 18.58
CA ASN A 66 -9.72 -3.09 18.14
C ASN A 66 -10.23 -3.33 16.70
N PRO A 67 -11.45 -3.92 16.53
CA PRO A 67 -12.12 -4.00 15.20
C PRO A 67 -12.85 -2.68 14.85
N ASP A 68 -12.93 -1.77 15.85
CA ASP A 68 -13.62 -0.48 15.73
C ASP A 68 -12.63 0.62 15.27
N GLU A 69 -11.42 0.65 15.87
CA GLU A 69 -10.38 1.67 15.55
C GLU A 69 -9.06 0.98 15.21
N ILE A 70 -8.68 1.02 13.92
CA ILE A 70 -7.51 0.31 13.39
C ILE A 70 -6.43 1.35 13.04
N GLU A 71 -5.29 1.32 13.76
CA GLU A 71 -4.16 2.21 13.49
C GLU A 71 -3.13 1.48 12.61
N ILE A 72 -3.09 1.87 11.33
CA ILE A 72 -2.11 1.33 10.38
C ILE A 72 -0.83 2.16 10.51
N ASP A 73 0.23 1.55 11.06
CA ASP A 73 1.49 2.25 11.38
C ASP A 73 2.54 1.95 10.31
N PHE A 74 2.63 2.86 9.34
CA PHE A 74 3.52 2.71 8.16
C PHE A 74 5.01 2.79 8.53
N GLU A 75 5.30 3.41 9.70
CA GLU A 75 6.66 3.59 10.23
C GLU A 75 7.46 2.26 10.29
N THR A 76 6.90 1.25 10.97
CA THR A 76 7.57 -0.04 11.18
C THR A 76 6.73 -1.18 10.57
N LEU A 77 5.80 -0.82 9.66
CA LEU A 77 5.06 -1.81 8.86
C LEU A 77 6.03 -2.51 7.89
N LYS A 78 5.82 -3.82 7.69
CA LYS A 78 6.68 -4.68 6.87
C LYS A 78 6.83 -4.11 5.44
N PRO A 79 8.08 -3.78 4.97
CA PRO A 79 8.37 -3.19 3.63
C PRO A 79 7.79 -4.02 2.45
N THR A 80 7.58 -5.33 2.68
CA THR A 80 7.04 -6.26 1.66
C THR A 80 5.51 -6.06 1.50
N THR A 81 4.83 -5.77 2.63
CA THR A 81 3.37 -5.52 2.65
C THR A 81 3.06 -4.10 2.16
N LEU A 82 3.98 -3.17 2.43
CA LEU A 82 3.91 -1.78 1.95
C LEU A 82 4.00 -1.74 0.42
N ARG A 83 4.67 -2.76 -0.18
CA ARG A 83 4.70 -2.97 -1.64
C ARG A 83 3.27 -3.16 -2.19
N GLU A 84 2.50 -4.09 -1.56
CA GLU A 84 1.12 -4.39 -1.98
C GLU A 84 0.23 -3.15 -1.94
N LEU A 85 0.32 -2.40 -0.82
CA LEU A 85 -0.39 -1.12 -0.64
C LEU A 85 -0.02 -0.11 -1.75
N GLU A 86 1.29 -0.07 -2.07
CA GLU A 86 1.90 0.92 -2.97
C GLU A 86 1.35 0.73 -4.40
N ARG A 87 1.56 -0.47 -4.96
CA ARG A 87 1.09 -0.82 -6.32
C ARG A 87 -0.44 -0.90 -6.40
N TYR A 88 -1.10 -1.11 -5.24
CA TYR A 88 -2.58 -1.13 -5.17
C TYR A 88 -3.14 0.27 -5.42
N VAL A 89 -2.69 1.25 -4.63
CA VAL A 89 -3.20 2.64 -4.71
C VAL A 89 -2.79 3.30 -6.05
N LYS A 90 -1.60 2.91 -6.57
CA LYS A 90 -1.14 3.34 -7.89
C LYS A 90 -2.03 2.76 -9.01
N SER A 91 -2.56 1.53 -8.80
CA SER A 91 -3.51 0.89 -9.72
C SER A 91 -4.91 1.51 -9.60
N CYS A 92 -5.22 2.04 -8.40
CA CYS A 92 -6.50 2.74 -8.13
C CYS A 92 -6.50 4.12 -8.82
N LEU A 93 -5.29 4.70 -8.97
CA LEU A 93 -5.07 5.99 -9.66
C LEU A 93 -4.77 5.76 -11.17
N GLN A 94 -4.36 4.52 -11.52
CA GLN A 94 -4.18 4.06 -12.92
C GLN A 94 -5.53 4.09 -13.68
N LYS A 95 -6.60 3.93 -12.90
CA LYS A 95 -7.99 3.99 -13.35
C LYS A 95 -8.76 4.92 -12.39
N LYS A 96 -10.06 4.67 -12.19
CA LYS A 96 -10.88 5.41 -11.19
C LYS A 96 -11.80 4.46 -10.42
N SER B 1 -24.43 -3.40 7.02
CA SER B 1 -24.27 -1.95 7.01
C SER B 1 -23.81 -1.45 8.39
N ARG B 2 -22.49 -1.34 8.57
CA ARG B 2 -21.90 -0.72 9.78
C ARG B 2 -21.71 0.79 9.56
N LEU B 3 -21.28 1.50 10.60
CA LEU B 3 -21.02 2.95 10.53
C LEU B 3 -19.74 3.19 9.71
N THR B 4 -19.71 4.30 8.98
CA THR B 4 -18.62 4.61 8.04
C THR B 4 -17.31 4.93 8.78
N TRP B 5 -16.34 4.00 8.68
CA TRP B 5 -14.97 4.23 9.15
C TRP B 5 -14.26 5.25 8.24
N ARG B 6 -13.60 6.20 8.88
CA ARG B 6 -12.92 7.31 8.20
C ARG B 6 -11.58 7.57 8.86
N VAL B 7 -10.65 8.15 8.09
CA VAL B 7 -9.26 8.32 8.53
C VAL B 7 -9.12 9.47 9.54
N GLN B 8 -8.43 9.17 10.64
CA GLN B 8 -8.05 10.13 11.68
C GLN B 8 -6.54 9.98 11.93
N ARG B 9 -5.82 11.10 11.90
CA ARG B 9 -4.34 11.13 12.07
C ARG B 9 -3.94 10.83 13.53
N SER B 10 -3.00 9.89 13.70
CA SER B 10 -2.44 9.51 15.01
C SER B 10 -1.20 10.38 15.35
N GLN B 11 -0.55 10.09 16.51
CA GLN B 11 0.58 10.87 17.07
C GLN B 11 1.71 11.09 16.04
N ASN B 12 2.16 9.99 15.40
CA ASN B 12 3.12 10.05 14.29
C ASN B 12 2.32 10.22 12.98
N PRO B 13 2.64 11.28 12.13
CA PRO B 13 1.88 11.64 10.90
C PRO B 13 1.42 10.46 9.99
N LEU B 14 2.33 9.49 9.74
CA LEU B 14 2.06 8.36 8.81
C LEU B 14 1.25 7.21 9.46
N LYS B 15 0.81 7.38 10.72
CA LYS B 15 -0.08 6.40 11.37
C LYS B 15 -1.53 6.87 11.23
N ILE B 16 -2.38 6.03 10.61
CA ILE B 16 -3.77 6.40 10.31
C ILE B 16 -4.76 5.48 11.06
N ARG B 17 -5.40 6.06 12.08
CA ARG B 17 -6.47 5.40 12.84
C ARG B 17 -7.80 5.54 12.07
N LEU B 18 -8.21 4.46 11.37
CA LEU B 18 -9.53 4.41 10.73
C LEU B 18 -10.60 4.26 11.82
N THR B 19 -11.06 5.41 12.32
CA THR B 19 -12.10 5.52 13.35
C THR B 19 -13.49 5.18 12.74
N ARG B 20 -13.98 3.98 13.06
CA ARG B 20 -15.36 3.56 12.75
C ARG B 20 -16.28 4.34 13.69
N GLU B 21 -16.77 5.50 13.22
CA GLU B 21 -17.67 6.38 13.98
C GLU B 21 -19.02 6.46 13.29
N ALA B 22 -20.06 6.81 14.06
CA ALA B 22 -21.41 7.04 13.54
C ALA B 22 -21.49 8.49 12.99
N PRO B 23 -21.43 8.70 11.63
CA PRO B 23 -21.41 10.04 11.02
C PRO B 23 -22.85 10.59 10.86
N HIS A 1 6.50 -42.17 -38.65
CA HIS A 1 5.55 -41.13 -39.14
C HIS A 1 5.98 -39.72 -38.69
N HIS A 2 5.47 -38.71 -39.43
CA HIS A 2 5.82 -37.28 -39.23
C HIS A 2 4.58 -36.47 -38.79
N HIS A 3 4.81 -35.45 -37.95
CA HIS A 3 3.77 -34.48 -37.52
C HIS A 3 4.38 -33.07 -37.60
N HIS A 4 3.65 -32.12 -38.21
CA HIS A 4 4.10 -30.72 -38.35
C HIS A 4 2.93 -29.76 -38.13
N HIS A 5 3.21 -28.68 -37.39
CA HIS A 5 2.29 -27.56 -37.20
C HIS A 5 3.14 -26.30 -37.10
N HIS A 6 2.89 -25.34 -37.99
CA HIS A 6 3.55 -24.04 -37.94
C HIS A 6 3.02 -23.25 -36.74
N SER A 7 3.85 -23.12 -35.71
CA SER A 7 3.59 -22.23 -34.58
C SER A 7 3.95 -20.80 -34.98
N HIS A 8 3.12 -19.82 -34.58
CA HIS A 8 3.36 -18.41 -34.92
C HIS A 8 4.51 -17.87 -34.05
N MET A 9 5.46 -17.16 -34.68
CA MET A 9 6.60 -16.54 -33.99
C MET A 9 6.15 -15.24 -33.30
N GLY A 10 6.80 -14.91 -32.17
CA GLY A 10 6.61 -13.62 -31.50
C GLY A 10 7.54 -12.56 -32.06
N LYS A 11 7.72 -11.47 -31.30
CA LYS A 11 8.61 -10.35 -31.69
C LYS A 11 9.63 -10.02 -30.59
N GLN A 12 9.79 -10.93 -29.60
CA GLN A 12 10.77 -10.77 -28.50
C GLN A 12 12.21 -11.01 -29.03
N ALA A 13 12.81 -9.94 -29.57
CA ALA A 13 14.24 -9.89 -29.92
C ALA A 13 15.03 -9.17 -28.81
N SER A 14 14.30 -8.41 -27.97
CA SER A 14 14.87 -7.63 -26.88
C SER A 14 14.91 -8.48 -25.59
N ALA A 15 16.12 -8.86 -25.17
CA ALA A 15 16.35 -9.61 -23.92
C ALA A 15 16.03 -8.74 -22.69
N SER A 16 14.76 -8.82 -22.24
CA SER A 16 14.25 -8.03 -21.09
C SER A 16 13.60 -8.98 -20.07
N TYR A 17 14.32 -9.23 -18.96
CA TYR A 17 13.97 -10.25 -17.94
C TYR A 17 14.75 -10.00 -16.64
N ASP A 18 14.61 -10.92 -15.68
CA ASP A 18 15.35 -10.91 -14.41
C ASP A 18 15.53 -12.34 -13.90
N SER A 19 16.31 -12.50 -12.82
CA SER A 19 16.53 -13.79 -12.14
C SER A 19 16.11 -13.68 -10.67
N GLU A 20 15.54 -12.53 -10.32
CA GLU A 20 15.24 -12.17 -8.92
C GLU A 20 13.85 -12.69 -8.53
N GLU A 21 13.80 -13.98 -8.21
CA GLU A 21 12.57 -14.66 -7.75
C GLU A 21 12.57 -14.80 -6.22
N GLU A 22 13.56 -14.18 -5.60
CA GLU A 22 13.77 -14.18 -4.15
C GLU A 22 13.07 -12.95 -3.54
N GLU A 23 12.44 -13.12 -2.37
CA GLU A 23 11.68 -12.03 -1.72
C GLU A 23 12.61 -10.92 -1.22
N GLU A 24 12.65 -9.82 -2.00
CA GLU A 24 13.39 -8.62 -1.64
C GLU A 24 12.73 -7.91 -0.45
N GLY A 25 11.51 -7.40 -0.69
CA GLY A 25 10.87 -6.45 0.22
C GLY A 25 11.72 -5.19 0.36
N LEU A 26 11.81 -4.42 -0.74
CA LEU A 26 12.72 -3.27 -0.86
C LEU A 26 12.49 -2.26 0.31
N PRO A 27 13.58 -1.64 0.85
CA PRO A 27 13.46 -0.67 1.96
C PRO A 27 12.66 0.57 1.52
N MET A 28 11.32 0.51 1.75
CA MET A 28 10.40 1.63 1.48
C MET A 28 10.92 2.88 2.21
N SER A 29 11.24 3.95 1.47
CA SER A 29 11.82 5.17 2.05
C SER A 29 10.82 5.85 3.00
N TYR A 30 11.35 6.59 3.99
CA TYR A 30 10.55 7.21 5.07
C TYR A 30 9.47 8.15 4.49
N ASP A 31 9.84 8.90 3.44
CA ASP A 31 8.93 9.81 2.73
C ASP A 31 7.81 9.04 2.04
N GLU A 32 8.14 7.83 1.51
CA GLU A 32 7.18 6.97 0.80
C GLU A 32 6.12 6.44 1.78
N LYS A 33 6.52 6.21 3.05
CA LYS A 33 5.57 5.83 4.13
C LYS A 33 4.52 6.96 4.34
N ARG A 34 5.01 8.22 4.38
CA ARG A 34 4.17 9.41 4.64
C ARG A 34 3.22 9.69 3.46
N GLN A 35 3.78 9.58 2.24
CA GLN A 35 3.07 9.87 0.99
C GLN A 35 1.97 8.82 0.74
N LEU A 36 2.36 7.54 0.86
CA LEU A 36 1.45 6.40 0.67
C LEU A 36 0.33 6.42 1.74
N SER A 37 0.66 6.93 2.94
CA SER A 37 -0.31 7.11 4.03
C SER A 37 -1.43 8.10 3.64
N LEU A 38 -1.00 9.24 3.04
CA LEU A 38 -1.92 10.30 2.57
C LEU A 38 -2.71 9.80 1.34
N ASP A 39 -2.07 8.92 0.55
CA ASP A 39 -2.65 8.33 -0.66
C ASP A 39 -3.65 7.20 -0.34
N ILE A 40 -3.51 6.58 0.85
CA ILE A 40 -4.50 5.63 1.39
C ILE A 40 -5.66 6.42 2.04
N ASN A 41 -5.31 7.53 2.69
CA ASN A 41 -6.26 8.41 3.40
C ASN A 41 -7.29 9.04 2.41
N ARG A 42 -6.86 9.26 1.15
CA ARG A 42 -7.70 9.91 0.12
C ARG A 42 -8.69 8.92 -0.55
N LEU A 43 -8.46 7.60 -0.35
CA LEU A 43 -9.30 6.51 -0.93
C LEU A 43 -10.69 6.47 -0.23
N PRO A 44 -11.78 6.06 -0.96
CA PRO A 44 -13.14 5.92 -0.36
C PRO A 44 -13.23 4.68 0.56
N GLY A 45 -14.34 4.58 1.33
CA GLY A 45 -14.54 3.50 2.31
C GLY A 45 -14.46 2.09 1.71
N GLU A 46 -14.77 1.97 0.41
CA GLU A 46 -14.61 0.72 -0.36
C GLU A 46 -13.14 0.27 -0.39
N LYS A 47 -12.25 1.20 -0.79
CA LYS A 47 -10.81 0.92 -0.90
C LYS A 47 -10.12 0.95 0.46
N LEU A 48 -10.72 1.67 1.43
CA LEU A 48 -10.24 1.70 2.83
C LEU A 48 -10.43 0.32 3.47
N GLY A 49 -11.64 -0.26 3.30
CA GLY A 49 -11.98 -1.55 3.88
C GLY A 49 -11.10 -2.70 3.38
N ARG A 50 -10.63 -2.58 2.12
CA ARG A 50 -9.76 -3.58 1.49
C ARG A 50 -8.27 -3.38 1.84
N VAL A 51 -7.81 -2.12 1.83
CA VAL A 51 -6.39 -1.77 2.07
C VAL A 51 -6.01 -2.04 3.55
N VAL A 52 -7.01 -1.96 4.45
CA VAL A 52 -6.82 -2.30 5.87
C VAL A 52 -6.85 -3.82 6.08
N HIS A 53 -7.59 -4.53 5.20
CA HIS A 53 -7.81 -5.98 5.32
C HIS A 53 -6.49 -6.76 5.18
N ILE A 54 -5.60 -6.27 4.30
CA ILE A 54 -4.27 -6.86 4.09
C ILE A 54 -3.30 -6.56 5.28
N ILE A 55 -3.58 -5.46 6.02
CA ILE A 55 -2.83 -5.09 7.25
C ILE A 55 -3.33 -5.92 8.46
N GLN A 56 -4.66 -6.13 8.53
CA GLN A 56 -5.31 -6.90 9.60
C GLN A 56 -5.05 -8.41 9.43
N SER A 57 -4.72 -8.83 8.20
CA SER A 57 -4.30 -10.22 7.92
C SER A 57 -2.84 -10.46 8.36
N ARG A 58 -2.05 -9.34 8.45
CA ARG A 58 -0.70 -9.37 9.01
C ARG A 58 -0.78 -9.47 10.55
N GLU A 59 -1.62 -8.59 11.13
CA GLU A 59 -1.85 -8.50 12.58
C GLU A 59 -3.34 -8.80 12.91
N PRO A 60 -3.74 -10.12 12.97
CA PRO A 60 -5.12 -10.52 13.40
C PRO A 60 -5.48 -10.01 14.81
N SER A 61 -4.46 -9.85 15.66
CA SER A 61 -4.61 -9.34 17.04
C SER A 61 -5.30 -7.96 17.06
N LEU A 62 -4.84 -7.02 16.20
CA LEU A 62 -5.41 -5.65 16.11
C LEU A 62 -6.89 -5.67 15.71
N ARG A 63 -7.30 -6.72 14.99
CA ARG A 63 -8.68 -6.85 14.48
C ARG A 63 -9.66 -7.18 15.62
N ASP A 64 -9.37 -8.26 16.40
CA ASP A 64 -10.27 -8.69 17.51
C ASP A 64 -10.13 -7.77 18.75
N SER A 65 -8.94 -7.18 18.92
CA SER A 65 -8.67 -6.21 20.01
C SER A 65 -9.43 -4.91 19.75
N ASN A 66 -9.31 -4.40 18.52
CA ASN A 66 -9.91 -3.12 18.11
C ASN A 66 -10.75 -3.33 16.82
N PRO A 67 -12.04 -3.75 16.95
CA PRO A 67 -12.99 -3.75 15.80
C PRO A 67 -13.52 -2.33 15.49
N ASP A 68 -13.33 -1.42 16.44
CA ASP A 68 -13.79 -0.03 16.35
C ASP A 68 -12.68 0.93 15.88
N GLU A 69 -11.43 0.45 15.81
CA GLU A 69 -10.25 1.28 15.48
C GLU A 69 -9.21 0.44 14.71
N ILE A 70 -8.89 0.82 13.48
CA ILE A 70 -7.82 0.16 12.70
C ILE A 70 -6.64 1.12 12.59
N GLU A 71 -5.51 0.78 13.22
CA GLU A 71 -4.32 1.63 13.26
C GLU A 71 -3.19 0.98 12.45
N ILE A 72 -2.91 1.56 11.28
CA ILE A 72 -1.88 1.08 10.35
C ILE A 72 -0.60 1.92 10.55
N ASP A 73 0.47 1.29 11.08
CA ASP A 73 1.75 1.96 11.36
C ASP A 73 2.79 1.59 10.28
N PHE A 74 2.86 2.42 9.24
CA PHE A 74 3.74 2.21 8.06
C PHE A 74 5.23 2.23 8.45
N GLU A 75 5.53 3.01 9.52
CA GLU A 75 6.89 3.19 10.05
C GLU A 75 7.57 1.86 10.44
N THR A 76 6.78 0.92 11.01
CA THR A 76 7.30 -0.35 11.55
C THR A 76 6.68 -1.58 10.86
N LEU A 77 5.74 -1.35 9.90
CA LEU A 77 5.22 -2.42 9.03
C LEU A 77 6.33 -2.92 8.09
N LYS A 78 6.22 -4.20 7.71
CA LYS A 78 7.14 -4.86 6.77
C LYS A 78 7.18 -4.12 5.42
N PRO A 79 8.39 -3.88 4.84
CA PRO A 79 8.52 -3.29 3.48
C PRO A 79 7.91 -4.20 2.38
N THR A 80 7.74 -5.50 2.70
CA THR A 80 6.98 -6.46 1.86
C THR A 80 5.48 -6.08 1.83
N THR A 81 4.93 -5.72 3.00
CA THR A 81 3.53 -5.29 3.15
C THR A 81 3.33 -3.90 2.51
N LEU A 82 4.34 -3.04 2.66
CA LEU A 82 4.39 -1.70 2.02
C LEU A 82 4.40 -1.83 0.49
N ARG A 83 5.02 -2.90 -0.02
CA ARG A 83 5.05 -3.22 -1.47
C ARG A 83 3.64 -3.58 -1.97
N GLU A 84 2.86 -4.29 -1.11
CA GLU A 84 1.46 -4.64 -1.41
C GLU A 84 0.59 -3.37 -1.45
N LEU A 85 0.82 -2.48 -0.47
CA LEU A 85 0.15 -1.18 -0.36
C LEU A 85 0.51 -0.28 -1.57
N GLU A 86 1.76 -0.38 -2.03
CA GLU A 86 2.27 0.39 -3.18
C GLU A 86 1.50 0.00 -4.46
N ARG A 87 1.62 -1.28 -4.88
CA ARG A 87 1.03 -1.76 -6.14
C ARG A 87 -0.51 -1.71 -6.14
N TYR A 88 -1.12 -1.66 -4.95
CA TYR A 88 -2.58 -1.56 -4.79
C TYR A 88 -3.06 -0.11 -5.01
N VAL A 89 -2.58 0.80 -4.13
CA VAL A 89 -3.07 2.19 -4.03
C VAL A 89 -2.68 3.01 -5.28
N LYS A 90 -1.49 2.75 -5.81
CA LYS A 90 -0.99 3.46 -7.01
C LYS A 90 -1.76 3.01 -8.27
N SER A 91 -2.27 1.76 -8.26
CA SER A 91 -3.18 1.25 -9.32
C SER A 91 -4.58 1.87 -9.19
N CYS A 92 -4.89 2.41 -7.99
CA CYS A 92 -6.15 3.15 -7.73
C CYS A 92 -6.03 4.64 -8.14
N LEU A 93 -4.79 5.18 -8.12
CA LEU A 93 -4.50 6.58 -8.49
C LEU A 93 -4.34 6.73 -10.01
N GLN A 94 -3.59 5.80 -10.62
CA GLN A 94 -3.34 5.77 -12.08
C GLN A 94 -3.78 4.42 -12.67
N LYS A 95 -3.89 4.36 -14.01
CA LYS A 95 -4.19 3.10 -14.71
C LYS A 95 -2.90 2.31 -14.96
N LYS A 96 -3.04 0.97 -15.12
CA LYS A 96 -1.91 0.02 -15.27
C LYS A 96 -1.03 -0.02 -14.00
N SER B 1 -23.81 -4.78 13.95
CA SER B 1 -23.36 -3.39 13.90
C SER B 1 -22.78 -3.08 12.50
N ARG B 2 -23.40 -2.11 11.79
CA ARG B 2 -22.98 -1.71 10.43
C ARG B 2 -22.98 -0.18 10.29
N LEU B 3 -21.80 0.43 10.57
CA LEU B 3 -21.58 1.88 10.43
C LEU B 3 -20.38 2.13 9.49
N THR B 4 -20.17 3.41 9.13
CA THR B 4 -19.01 3.87 8.34
C THR B 4 -17.75 3.95 9.25
N TRP B 5 -16.57 4.14 8.63
CA TRP B 5 -15.30 4.39 9.35
C TRP B 5 -14.58 5.60 8.72
N ARG B 6 -14.06 6.51 9.57
CA ARG B 6 -13.32 7.69 9.11
C ARG B 6 -11.85 7.62 9.58
N VAL B 7 -10.94 7.80 8.63
CA VAL B 7 -9.48 7.73 8.87
C VAL B 7 -8.93 9.10 9.33
N GLN B 8 -8.40 9.16 10.55
CA GLN B 8 -7.72 10.37 11.07
C GLN B 8 -6.20 10.13 11.13
N ARG B 9 -5.42 11.21 11.16
CA ARG B 9 -3.95 11.16 11.20
C ARG B 9 -3.49 11.39 12.66
N SER B 10 -3.53 10.31 13.46
CA SER B 10 -3.22 10.37 14.90
C SER B 10 -1.69 10.46 15.13
N GLN B 11 -1.29 11.52 15.87
CA GLN B 11 0.10 11.89 16.25
C GLN B 11 1.11 11.96 15.06
N ASN B 12 1.42 10.82 14.43
CA ASN B 12 2.45 10.71 13.40
C ASN B 12 1.77 10.49 12.02
N PRO B 13 2.22 11.20 10.92
CA PRO B 13 1.73 10.95 9.54
C PRO B 13 1.96 9.51 9.00
N LEU B 14 2.81 8.72 9.67
CA LEU B 14 3.07 7.31 9.30
C LEU B 14 2.13 6.34 10.06
N LYS B 15 1.15 6.90 10.80
CA LYS B 15 0.16 6.11 11.56
C LYS B 15 -1.25 6.68 11.34
N ILE B 16 -2.07 5.96 10.55
CA ILE B 16 -3.47 6.32 10.33
C ILE B 16 -4.39 5.47 11.24
N ARG B 17 -5.42 6.12 11.79
CA ARG B 17 -6.36 5.51 12.74
C ARG B 17 -7.78 5.61 12.17
N LEU B 18 -8.22 4.55 11.47
CA LEU B 18 -9.58 4.45 10.94
C LEU B 18 -10.54 4.16 12.10
N THR B 19 -11.06 5.24 12.68
CA THR B 19 -12.06 5.17 13.75
C THR B 19 -13.42 4.82 13.14
N ARG B 20 -13.88 3.58 13.39
CA ARG B 20 -15.24 3.12 13.05
C ARG B 20 -16.25 4.07 13.76
N GLU B 21 -17.02 4.80 12.96
CA GLU B 21 -18.00 5.78 13.45
C GLU B 21 -19.13 5.09 14.23
N ALA B 22 -19.60 5.76 15.29
CA ALA B 22 -20.77 5.32 16.07
C ALA B 22 -21.49 6.57 16.58
N PRO B 23 -22.66 6.97 15.98
CA PRO B 23 -23.40 8.19 16.35
C PRO B 23 -23.97 8.12 17.80
N HIS A 1 -3.67 30.87 -53.69
CA HIS A 1 -3.97 29.46 -53.33
C HIS A 1 -2.82 28.55 -53.79
N HIS A 2 -1.96 28.15 -52.82
CA HIS A 2 -0.81 27.27 -53.07
C HIS A 2 -0.30 26.74 -51.71
N HIS A 3 -1.26 26.31 -50.86
CA HIS A 3 -0.99 25.79 -49.50
C HIS A 3 -0.23 24.42 -49.59
N HIS A 4 0.75 24.21 -48.67
CA HIS A 4 1.57 22.98 -48.62
C HIS A 4 1.39 22.23 -47.28
N HIS A 5 1.98 21.01 -47.21
CA HIS A 5 1.97 20.15 -46.01
C HIS A 5 3.41 19.72 -45.67
N HIS A 6 3.76 19.77 -44.38
CA HIS A 6 5.09 19.33 -43.86
C HIS A 6 4.91 18.38 -42.67
N SER A 7 3.91 17.48 -42.76
CA SER A 7 3.60 16.50 -41.70
C SER A 7 4.73 15.45 -41.57
N HIS A 8 5.42 15.49 -40.41
CA HIS A 8 6.48 14.54 -40.05
C HIS A 8 6.49 14.32 -38.53
N MET A 9 6.40 13.04 -38.10
CA MET A 9 6.34 12.64 -36.67
C MET A 9 7.30 11.46 -36.42
N GLY A 10 7.69 11.27 -35.15
CA GLY A 10 8.56 10.16 -34.76
C GLY A 10 9.13 10.33 -33.36
N LYS A 11 8.35 9.91 -32.34
CA LYS A 11 8.79 9.90 -30.93
C LYS A 11 8.87 8.46 -30.41
N GLN A 12 10.03 8.10 -29.84
CA GLN A 12 10.28 6.79 -29.23
C GLN A 12 10.94 6.96 -27.85
N ALA A 13 10.80 5.92 -27.00
CA ALA A 13 11.37 5.90 -25.64
C ALA A 13 11.71 4.44 -25.24
N SER A 14 12.68 4.29 -24.32
CA SER A 14 13.07 2.98 -23.77
C SER A 14 13.89 3.17 -22.48
N ALA A 15 13.25 2.94 -21.32
CA ALA A 15 13.87 3.11 -20.00
C ALA A 15 13.27 2.12 -18.98
N SER A 16 13.55 0.82 -19.20
CA SER A 16 13.06 -0.28 -18.35
C SER A 16 14.20 -1.30 -18.12
N TYR A 17 14.89 -1.17 -16.98
CA TYR A 17 16.04 -2.01 -16.61
C TYR A 17 16.34 -1.85 -15.11
N ASP A 18 17.33 -2.62 -14.62
CA ASP A 18 17.76 -2.58 -13.21
C ASP A 18 19.25 -2.24 -13.14
N SER A 19 19.58 -1.11 -12.50
CA SER A 19 20.97 -0.71 -12.22
C SER A 19 21.41 -1.23 -10.84
N GLU A 20 20.50 -1.13 -9.86
CA GLU A 20 20.77 -1.46 -8.45
C GLU A 20 20.11 -2.80 -8.06
N GLU A 21 20.88 -3.62 -7.35
CA GLU A 21 20.36 -4.84 -6.71
C GLU A 21 19.96 -4.49 -5.27
N GLU A 22 18.67 -4.20 -5.10
CA GLU A 22 18.05 -3.96 -3.79
C GLU A 22 17.80 -5.31 -3.08
N GLU A 23 17.69 -5.27 -1.75
CA GLU A 23 17.51 -6.47 -0.89
C GLU A 23 16.06 -6.99 -1.04
N GLU A 24 15.83 -8.27 -0.63
CA GLU A 24 14.50 -8.92 -0.71
C GLU A 24 13.46 -8.08 0.04
N GLY A 25 13.75 -7.87 1.33
CA GLY A 25 12.96 -7.00 2.19
C GLY A 25 13.71 -5.71 2.46
N LEU A 26 14.11 -5.03 1.37
CA LEU A 26 14.83 -3.72 1.40
C LEU A 26 14.11 -2.69 2.31
N PRO A 27 14.85 -1.71 2.93
CA PRO A 27 14.22 -0.67 3.77
C PRO A 27 13.24 0.20 2.94
N MET A 28 11.92 0.00 3.20
CA MET A 28 10.87 0.85 2.62
C MET A 28 11.03 2.27 3.18
N SER A 29 11.14 3.25 2.26
CA SER A 29 11.54 4.63 2.56
C SER A 29 10.53 5.33 3.49
N TYR A 30 11.10 6.18 4.38
CA TYR A 30 10.36 6.95 5.39
C TYR A 30 9.22 7.78 4.74
N ASP A 31 9.58 8.51 3.68
CA ASP A 31 8.67 9.43 3.00
C ASP A 31 7.69 8.69 2.06
N GLU A 32 8.02 7.46 1.64
CA GLU A 32 7.09 6.62 0.85
C GLU A 32 6.00 6.01 1.76
N LYS A 33 6.35 5.87 3.04
CA LYS A 33 5.39 5.48 4.10
C LYS A 33 4.49 6.68 4.47
N ARG A 34 5.07 7.91 4.41
CA ARG A 34 4.31 9.17 4.52
C ARG A 34 3.39 9.33 3.31
N GLN A 35 3.90 8.92 2.12
CA GLN A 35 3.16 8.95 0.86
C GLN A 35 1.91 8.07 0.96
N LEU A 36 2.10 6.84 1.48
CA LEU A 36 0.99 5.90 1.71
C LEU A 36 -0.02 6.45 2.72
N SER A 37 0.47 7.20 3.73
CA SER A 37 -0.39 7.84 4.73
C SER A 37 -1.36 8.85 4.08
N LEU A 38 -0.88 9.54 3.03
CA LEU A 38 -1.68 10.53 2.27
C LEU A 38 -2.55 9.84 1.21
N ASP A 39 -1.94 8.84 0.55
CA ASP A 39 -2.48 8.20 -0.69
C ASP A 39 -3.60 7.20 -0.35
N ILE A 40 -3.52 6.63 0.85
CA ILE A 40 -4.58 5.77 1.40
C ILE A 40 -5.67 6.64 2.06
N ASN A 41 -5.26 7.80 2.62
CA ASN A 41 -6.17 8.75 3.29
C ASN A 41 -7.18 9.37 2.30
N ARG A 42 -6.81 9.43 1.01
CA ARG A 42 -7.66 10.00 -0.05
C ARG A 42 -8.73 8.99 -0.55
N LEU A 43 -8.59 7.71 -0.14
CA LEU A 43 -9.52 6.63 -0.50
C LEU A 43 -10.65 6.51 0.56
N PRO A 44 -11.94 6.28 0.14
CA PRO A 44 -13.10 6.13 1.08
C PRO A 44 -13.02 4.83 1.91
N GLY A 45 -13.81 4.80 3.02
CA GLY A 45 -13.76 3.74 4.03
C GLY A 45 -13.99 2.33 3.51
N GLU A 46 -14.75 2.22 2.40
CA GLU A 46 -15.01 0.95 1.71
C GLU A 46 -13.70 0.32 1.22
N LYS A 47 -12.91 1.16 0.51
CA LYS A 47 -11.61 0.78 -0.07
C LYS A 47 -10.57 0.49 1.03
N LEU A 48 -10.69 1.25 2.14
CA LEU A 48 -9.82 1.09 3.32
C LEU A 48 -10.02 -0.27 4.01
N GLY A 49 -11.17 -0.92 3.74
CA GLY A 49 -11.45 -2.28 4.20
C GLY A 49 -10.47 -3.31 3.63
N ARG A 50 -10.11 -3.15 2.33
CA ARG A 50 -9.12 -4.03 1.67
C ARG A 50 -7.68 -3.62 2.06
N VAL A 51 -7.45 -2.29 2.11
CA VAL A 51 -6.14 -1.71 2.47
C VAL A 51 -5.66 -2.27 3.81
N VAL A 52 -6.55 -2.25 4.81
CA VAL A 52 -6.26 -2.74 6.15
C VAL A 52 -6.17 -4.29 6.16
N HIS A 53 -6.99 -4.97 5.32
CA HIS A 53 -7.08 -6.45 5.31
C HIS A 53 -5.72 -7.10 4.96
N ILE A 54 -5.02 -6.52 3.96
CA ILE A 54 -3.68 -7.02 3.55
C ILE A 54 -2.59 -6.67 4.60
N ILE A 55 -2.84 -5.61 5.41
CA ILE A 55 -2.02 -5.28 6.60
C ILE A 55 -2.25 -6.32 7.73
N GLN A 56 -3.54 -6.71 7.90
CA GLN A 56 -3.98 -7.63 8.97
C GLN A 56 -3.51 -9.08 8.71
N SER A 57 -3.17 -9.36 7.45
CA SER A 57 -2.55 -10.65 7.06
C SER A 57 -1.20 -10.86 7.78
N ARG A 58 -0.55 -9.74 8.15
CA ARG A 58 0.70 -9.73 8.94
C ARG A 58 0.36 -9.56 10.43
N GLU A 59 -0.38 -8.49 10.75
CA GLU A 59 -0.77 -8.12 12.14
C GLU A 59 -2.29 -8.30 12.34
N PRO A 60 -2.77 -9.55 12.68
CA PRO A 60 -4.22 -9.84 12.83
C PRO A 60 -4.83 -9.19 14.09
N SER A 61 -3.96 -8.90 15.07
CA SER A 61 -4.35 -8.46 16.43
C SER A 61 -5.25 -7.21 16.42
N LEU A 62 -4.94 -6.25 15.52
CA LEU A 62 -5.67 -4.97 15.43
C LEU A 62 -7.11 -5.16 14.90
N ARG A 63 -7.30 -6.19 14.04
CA ARG A 63 -8.59 -6.53 13.41
C ARG A 63 -9.53 -7.20 14.42
N ASP A 64 -8.99 -8.20 15.15
CA ASP A 64 -9.75 -8.99 16.13
C ASP A 64 -10.08 -8.17 17.38
N SER A 65 -9.15 -7.29 17.77
CA SER A 65 -9.34 -6.39 18.93
C SER A 65 -10.35 -5.28 18.58
N ASN A 66 -10.13 -4.62 17.43
CA ASN A 66 -10.96 -3.49 16.98
C ASN A 66 -11.48 -3.75 15.55
N PRO A 67 -12.82 -3.98 15.37
CA PRO A 67 -13.44 -4.09 14.02
C PRO A 67 -13.84 -2.72 13.43
N ASP A 68 -13.61 -1.64 14.21
CA ASP A 68 -14.05 -0.27 13.86
C ASP A 68 -12.87 0.73 13.79
N GLU A 69 -11.96 0.69 14.78
CA GLU A 69 -10.83 1.63 14.85
C GLU A 69 -9.49 0.88 14.75
N ILE A 70 -8.82 0.99 13.60
CA ILE A 70 -7.57 0.24 13.33
C ILE A 70 -6.47 1.22 12.87
N GLU A 71 -5.39 1.32 13.64
CA GLU A 71 -4.24 2.16 13.30
C GLU A 71 -3.27 1.37 12.41
N ILE A 72 -3.10 1.82 11.16
CA ILE A 72 -2.11 1.27 10.24
C ILE A 72 -0.81 2.07 10.43
N ASP A 73 0.20 1.43 11.06
CA ASP A 73 1.46 2.10 11.43
C ASP A 73 2.51 1.80 10.35
N PHE A 74 2.62 2.68 9.35
CA PHE A 74 3.48 2.48 8.17
C PHE A 74 4.96 2.41 8.56
N GLU A 75 5.35 3.31 9.48
CA GLU A 75 6.75 3.48 9.94
C GLU A 75 7.38 2.17 10.46
N THR A 76 6.56 1.34 11.13
CA THR A 76 7.02 0.09 11.76
C THR A 76 6.41 -1.16 11.08
N LEU A 77 5.67 -0.94 9.95
CA LEU A 77 5.16 -2.04 9.09
C LEU A 77 6.30 -2.72 8.32
N LYS A 78 6.03 -3.97 7.91
CA LYS A 78 6.96 -4.80 7.14
C LYS A 78 7.15 -4.23 5.72
N PRO A 79 8.42 -3.93 5.27
CA PRO A 79 8.70 -3.30 3.94
C PRO A 79 7.92 -3.90 2.75
N THR A 80 7.84 -5.24 2.75
CA THR A 80 7.17 -6.02 1.69
C THR A 80 5.63 -5.79 1.68
N THR A 81 5.06 -5.53 2.87
CA THR A 81 3.63 -5.30 3.06
C THR A 81 3.20 -3.91 2.51
N LEU A 82 4.10 -2.90 2.66
CA LEU A 82 3.89 -1.56 2.08
C LEU A 82 3.82 -1.61 0.53
N ARG A 83 4.50 -2.62 -0.05
CA ARG A 83 4.54 -2.85 -1.50
C ARG A 83 3.12 -3.19 -2.04
N GLU A 84 2.36 -3.99 -1.27
CA GLU A 84 0.97 -4.38 -1.64
C GLU A 84 0.00 -3.19 -1.54
N LEU A 85 0.33 -2.22 -0.68
CA LEU A 85 -0.43 -0.97 -0.54
C LEU A 85 -0.29 -0.13 -1.82
N GLU A 86 0.97 0.02 -2.28
CA GLU A 86 1.29 0.74 -3.53
C GLU A 86 0.56 0.09 -4.73
N ARG A 87 0.61 -1.26 -4.76
CA ARG A 87 -0.03 -2.09 -5.79
C ARG A 87 -1.53 -1.78 -5.93
N TYR A 88 -2.21 -1.59 -4.78
CA TYR A 88 -3.66 -1.32 -4.75
C TYR A 88 -3.96 0.16 -5.08
N VAL A 89 -3.33 1.07 -4.33
CA VAL A 89 -3.68 2.51 -4.33
C VAL A 89 -3.32 3.17 -5.67
N LYS A 90 -2.13 2.86 -6.20
CA LYS A 90 -1.66 3.44 -7.48
C LYS A 90 -2.51 2.93 -8.66
N SER A 91 -3.08 1.71 -8.49
CA SER A 91 -4.04 1.13 -9.44
C SER A 91 -5.37 1.91 -9.43
N CYS A 92 -5.80 2.33 -8.23
CA CYS A 92 -7.02 3.14 -8.05
C CYS A 92 -6.87 4.52 -8.70
N LEU A 93 -5.66 5.09 -8.56
CA LEU A 93 -5.34 6.45 -9.05
C LEU A 93 -4.83 6.43 -10.50
N GLN A 94 -4.59 5.22 -11.07
CA GLN A 94 -4.13 5.07 -12.46
C GLN A 94 -5.28 5.35 -13.43
N LYS A 95 -5.35 6.60 -13.89
CA LYS A 95 -6.39 7.09 -14.81
C LYS A 95 -5.73 7.96 -15.91
N LYS A 96 -6.57 8.64 -16.70
CA LYS A 96 -6.11 9.60 -17.73
C LYS A 96 -5.43 10.83 -17.09
N SER B 1 -24.59 -0.29 3.91
CA SER B 1 -24.99 -1.54 4.55
C SER B 1 -24.39 -1.67 5.98
N ARG B 2 -23.57 -0.67 6.37
CA ARG B 2 -22.81 -0.67 7.63
C ARG B 2 -22.53 0.79 8.07
N LEU B 3 -22.33 1.00 9.39
CA LEU B 3 -21.72 2.24 9.89
C LEU B 3 -20.24 2.24 9.46
N THR B 4 -19.96 2.86 8.32
CA THR B 4 -18.61 2.86 7.70
C THR B 4 -17.59 3.58 8.61
N TRP B 5 -16.30 3.21 8.50
CA TRP B 5 -15.21 3.97 9.15
C TRP B 5 -14.66 5.03 8.20
N ARG B 6 -14.01 6.06 8.77
CA ARG B 6 -13.23 7.04 8.03
C ARG B 6 -11.78 6.99 8.50
N VAL B 7 -10.88 7.60 7.73
CA VAL B 7 -9.45 7.64 8.07
C VAL B 7 -9.08 9.03 8.61
N GLN B 8 -8.36 9.03 9.72
CA GLN B 8 -7.70 10.22 10.28
C GLN B 8 -6.21 9.88 10.44
N ARG B 9 -5.45 10.76 11.10
CA ARG B 9 -4.01 10.56 11.31
C ARG B 9 -3.71 10.55 12.82
N SER B 10 -2.81 9.64 13.22
CA SER B 10 -2.40 9.45 14.62
C SER B 10 -1.31 10.48 15.01
N GLN B 11 -0.64 10.26 16.18
CA GLN B 11 0.41 11.16 16.71
C GLN B 11 1.57 11.43 15.72
N ASN B 12 1.88 10.44 14.86
CA ASN B 12 2.94 10.55 13.83
C ASN B 12 2.30 10.57 12.44
N PRO B 13 2.91 11.34 11.45
CA PRO B 13 2.46 11.36 10.04
C PRO B 13 2.44 9.97 9.37
N LEU B 14 3.32 9.05 9.82
CA LEU B 14 3.47 7.70 9.22
C LEU B 14 2.53 6.68 9.90
N LYS B 15 1.52 7.16 10.63
CA LYS B 15 0.50 6.30 11.26
C LYS B 15 -0.86 6.95 11.03
N ILE B 16 -1.81 6.20 10.44
CA ILE B 16 -3.20 6.64 10.27
C ILE B 16 -4.12 5.80 11.18
N ARG B 17 -5.24 6.39 11.60
CA ARG B 17 -6.20 5.73 12.49
C ARG B 17 -7.58 5.71 11.83
N LEU B 18 -8.10 4.50 11.55
CA LEU B 18 -9.50 4.32 11.16
C LEU B 18 -10.40 4.59 12.39
N THR B 19 -11.56 5.21 12.18
CA THR B 19 -12.47 5.65 13.27
C THR B 19 -13.92 5.67 12.77
N ARG B 20 -14.87 5.25 13.62
CA ARG B 20 -16.29 5.07 13.28
C ARG B 20 -16.96 6.41 12.85
N GLU B 21 -17.76 6.35 11.76
CA GLU B 21 -18.72 7.42 11.41
C GLU B 21 -19.95 7.29 12.32
N ALA B 22 -19.99 8.12 13.37
CA ALA B 22 -21.08 8.12 14.37
C ALA B 22 -22.27 8.95 13.84
N PRO B 23 -23.45 8.28 13.52
CA PRO B 23 -24.61 8.97 12.91
C PRO B 23 -25.26 10.02 13.87
N HIS A 1 -29.99 -4.29 -57.39
CA HIS A 1 -29.96 -5.06 -56.12
C HIS A 1 -28.94 -4.43 -55.17
N HIS A 2 -29.41 -3.99 -53.98
CA HIS A 2 -28.55 -3.41 -52.93
C HIS A 2 -27.76 -4.51 -52.21
N HIS A 3 -26.49 -4.66 -52.60
CA HIS A 3 -25.53 -5.59 -51.96
C HIS A 3 -24.38 -4.77 -51.40
N HIS A 4 -24.25 -4.77 -50.08
CA HIS A 4 -23.17 -4.06 -49.38
C HIS A 4 -21.99 -5.03 -49.14
N HIS A 5 -20.78 -4.47 -49.05
CA HIS A 5 -19.55 -5.20 -48.77
C HIS A 5 -18.67 -4.35 -47.84
N HIS A 6 -17.99 -5.05 -46.90
CA HIS A 6 -16.99 -4.44 -46.01
C HIS A 6 -15.90 -5.48 -45.74
N SER A 7 -14.64 -5.03 -45.68
CA SER A 7 -13.49 -5.89 -45.33
C SER A 7 -12.79 -5.30 -44.08
N HIS A 8 -12.48 -6.17 -43.11
CA HIS A 8 -11.78 -5.77 -41.86
C HIS A 8 -10.70 -6.81 -41.54
N MET A 9 -9.54 -6.35 -41.03
CA MET A 9 -8.41 -7.24 -40.68
C MET A 9 -7.84 -6.82 -39.32
N GLY A 10 -7.24 -7.79 -38.60
CA GLY A 10 -6.67 -7.53 -37.29
C GLY A 10 -6.02 -8.77 -36.70
N LYS A 11 -4.68 -8.84 -36.78
CA LYS A 11 -3.88 -9.92 -36.18
C LYS A 11 -3.81 -9.76 -34.65
N GLN A 12 -3.55 -10.87 -33.94
CA GLN A 12 -3.31 -10.88 -32.50
C GLN A 12 -1.79 -10.99 -32.24
N ALA A 13 -1.32 -10.29 -31.19
CA ALA A 13 0.08 -10.30 -30.76
C ALA A 13 0.15 -10.11 -29.23
N SER A 14 0.81 -11.05 -28.57
CA SER A 14 1.02 -11.04 -27.11
C SER A 14 2.35 -11.76 -26.81
N ALA A 15 3.42 -10.97 -26.64
CA ALA A 15 4.78 -11.49 -26.39
C ALA A 15 5.23 -11.05 -25.00
N SER A 16 4.90 -11.88 -23.99
CA SER A 16 5.24 -11.62 -22.57
C SER A 16 6.77 -11.54 -22.39
N TYR A 17 7.22 -10.47 -21.73
CA TYR A 17 8.65 -10.16 -21.53
C TYR A 17 8.89 -9.76 -20.06
N ASP A 18 9.81 -10.46 -19.37
CA ASP A 18 10.19 -10.13 -17.99
C ASP A 18 11.40 -9.19 -18.00
N SER A 19 11.15 -7.97 -18.50
CA SER A 19 12.09 -6.84 -18.40
C SER A 19 11.76 -6.01 -17.16
N GLU A 20 10.48 -6.09 -16.72
CA GLU A 20 10.00 -5.47 -15.49
C GLU A 20 10.61 -6.19 -14.27
N GLU A 21 11.07 -5.41 -13.31
CA GLU A 21 11.63 -5.89 -12.05
C GLU A 21 10.59 -5.71 -10.94
N GLU A 22 9.96 -6.82 -10.55
CA GLU A 22 9.09 -6.88 -9.37
C GLU A 22 9.92 -6.64 -8.10
N GLU A 23 9.39 -5.80 -7.23
CA GLU A 23 10.03 -5.45 -5.95
C GLU A 23 9.49 -6.37 -4.86
N GLU A 24 10.34 -7.30 -4.37
CA GLU A 24 9.98 -8.29 -3.33
C GLU A 24 9.69 -7.61 -1.98
N GLY A 25 10.23 -6.41 -1.78
CA GLY A 25 9.97 -5.58 -0.61
C GLY A 25 11.24 -4.93 -0.09
N LEU A 26 11.97 -4.30 -1.03
CA LEU A 26 13.20 -3.51 -0.79
C LEU A 26 13.04 -2.48 0.38
N PRO A 27 14.16 -2.01 1.02
CA PRO A 27 14.10 -0.95 2.09
C PRO A 27 13.29 0.28 1.62
N MET A 28 12.08 0.41 2.19
CA MET A 28 11.14 1.49 1.87
C MET A 28 11.60 2.77 2.59
N SER A 29 11.91 3.82 1.82
CA SER A 29 12.38 5.11 2.36
C SER A 29 11.24 5.85 3.08
N TYR A 30 11.64 6.87 3.84
CA TYR A 30 10.74 7.67 4.70
C TYR A 30 9.71 8.43 3.85
N ASP A 31 10.09 8.75 2.60
CA ASP A 31 9.25 9.47 1.63
C ASP A 31 7.99 8.65 1.28
N GLU A 32 8.17 7.34 1.08
CA GLU A 32 7.06 6.41 0.77
C GLU A 32 6.19 6.18 2.03
N LYS A 33 6.81 6.16 3.23
CA LYS A 33 6.10 5.96 4.52
C LYS A 33 5.01 7.05 4.71
N ARG A 34 5.37 8.28 4.31
CA ARG A 34 4.51 9.46 4.44
C ARG A 34 3.52 9.58 3.27
N GLN A 35 4.03 9.41 2.03
CA GLN A 35 3.24 9.59 0.79
C GLN A 35 2.10 8.56 0.73
N LEU A 36 2.42 7.30 1.08
CA LEU A 36 1.46 6.19 1.13
C LEU A 36 0.31 6.49 2.12
N SER A 37 0.63 7.21 3.22
CA SER A 37 -0.33 7.60 4.25
C SER A 37 -1.37 8.61 3.68
N LEU A 38 -0.88 9.60 2.90
CA LEU A 38 -1.74 10.64 2.25
C LEU A 38 -2.59 10.02 1.10
N ASP A 39 -1.98 9.03 0.42
CA ASP A 39 -2.61 8.29 -0.70
C ASP A 39 -3.75 7.38 -0.21
N ILE A 40 -3.56 6.75 0.96
CA ILE A 40 -4.58 5.89 1.60
C ILE A 40 -5.64 6.75 2.34
N ASN A 41 -5.23 7.95 2.79
CA ASN A 41 -6.12 8.91 3.48
C ASN A 41 -7.25 9.39 2.55
N ARG A 42 -6.93 9.53 1.25
CA ARG A 42 -7.88 10.02 0.23
C ARG A 42 -8.71 8.87 -0.39
N LEU A 43 -8.44 7.62 0.02
CA LEU A 43 -9.23 6.46 -0.44
C LEU A 43 -10.55 6.34 0.36
N PRO A 44 -11.71 6.06 -0.32
CA PRO A 44 -13.03 5.91 0.36
C PRO A 44 -13.17 4.57 1.11
N GLY A 45 -14.26 4.41 1.89
CA GLY A 45 -14.48 3.25 2.78
C GLY A 45 -14.45 1.89 2.07
N GLU A 46 -14.85 1.88 0.78
CA GLU A 46 -14.81 0.68 -0.09
C GLU A 46 -13.34 0.21 -0.29
N LYS A 47 -12.45 1.19 -0.54
CA LYS A 47 -11.01 0.95 -0.75
C LYS A 47 -10.34 0.63 0.61
N LEU A 48 -10.75 1.37 1.66
CA LEU A 48 -10.17 1.26 3.01
C LEU A 48 -10.38 -0.14 3.61
N GLY A 49 -11.50 -0.78 3.25
CA GLY A 49 -11.79 -2.16 3.68
C GLY A 49 -10.78 -3.16 3.12
N ARG A 50 -10.37 -2.94 1.86
CA ARG A 50 -9.42 -3.81 1.14
C ARG A 50 -7.96 -3.47 1.50
N VAL A 51 -7.73 -2.19 1.82
CA VAL A 51 -6.42 -1.67 2.28
C VAL A 51 -6.07 -2.29 3.64
N VAL A 52 -7.01 -2.22 4.60
CA VAL A 52 -6.79 -2.81 5.93
C VAL A 52 -6.75 -4.34 5.84
N HIS A 53 -7.49 -4.95 4.89
CA HIS A 53 -7.65 -6.42 4.77
C HIS A 53 -6.30 -7.18 4.80
N ILE A 54 -5.30 -6.66 4.06
CA ILE A 54 -3.93 -7.21 4.04
C ILE A 54 -3.16 -6.83 5.34
N ILE A 55 -3.42 -5.62 5.87
CA ILE A 55 -2.79 -5.11 7.12
C ILE A 55 -3.25 -5.93 8.36
N GLN A 56 -4.50 -6.46 8.31
CA GLN A 56 -5.15 -7.22 9.42
C GLN A 56 -4.48 -8.59 9.61
N SER A 57 -3.77 -9.06 8.57
CA SER A 57 -2.88 -10.25 8.63
C SER A 57 -1.62 -9.95 9.46
N ARG A 58 -1.17 -8.68 9.42
CA ARG A 58 0.09 -8.21 10.05
C ARG A 58 -0.15 -7.72 11.49
N GLU A 59 -1.39 -7.31 11.82
CA GLU A 59 -1.78 -6.92 13.20
C GLU A 59 -3.23 -7.40 13.55
N PRO A 60 -3.47 -8.77 13.64
CA PRO A 60 -4.81 -9.35 13.96
C PRO A 60 -5.27 -9.01 15.39
N SER A 61 -4.30 -8.64 16.24
CA SER A 61 -4.54 -8.19 17.61
C SER A 61 -5.43 -6.92 17.64
N LEU A 62 -5.09 -5.94 16.78
CA LEU A 62 -5.82 -4.66 16.68
C LEU A 62 -7.23 -4.86 16.04
N ARG A 63 -7.35 -5.90 15.20
CA ARG A 63 -8.63 -6.29 14.56
C ARG A 63 -9.67 -6.71 15.62
N ASP A 64 -9.22 -7.53 16.61
CA ASP A 64 -10.11 -8.06 17.67
C ASP A 64 -10.25 -7.07 18.85
N SER A 65 -9.19 -6.28 19.12
CA SER A 65 -9.19 -5.27 20.21
C SER A 65 -10.18 -4.13 19.88
N ASN A 66 -10.05 -3.61 18.65
CA ASN A 66 -10.89 -2.50 18.13
C ASN A 66 -11.25 -2.78 16.66
N PRO A 67 -12.43 -3.43 16.38
CA PRO A 67 -12.94 -3.61 14.98
C PRO A 67 -13.50 -2.29 14.41
N ASP A 68 -13.56 -1.26 15.27
CA ASP A 68 -14.03 0.10 14.93
C ASP A 68 -12.85 1.04 14.64
N GLU A 69 -11.66 0.71 15.21
CA GLU A 69 -10.45 1.56 15.13
C GLU A 69 -9.22 0.70 14.74
N ILE A 70 -8.71 0.89 13.52
CA ILE A 70 -7.54 0.14 12.99
C ILE A 70 -6.39 1.13 12.74
N GLU A 71 -5.28 1.01 13.50
CA GLU A 71 -4.10 1.87 13.31
C GLU A 71 -3.11 1.18 12.37
N ILE A 72 -3.04 1.69 11.12
CA ILE A 72 -2.05 1.24 10.14
C ILE A 72 -0.76 2.06 10.39
N ASP A 73 0.27 1.39 10.92
CA ASP A 73 1.55 2.04 11.30
C ASP A 73 2.64 1.66 10.28
N PHE A 74 2.81 2.54 9.28
CA PHE A 74 3.67 2.29 8.10
C PHE A 74 5.16 2.16 8.49
N GLU A 75 5.55 2.93 9.50
CA GLU A 75 6.93 2.99 10.01
C GLU A 75 7.48 1.61 10.44
N THR A 76 6.61 0.78 11.03
CA THR A 76 6.97 -0.53 11.58
C THR A 76 6.57 -1.67 10.61
N LEU A 77 5.52 -1.43 9.81
CA LEU A 77 5.01 -2.41 8.82
C LEU A 77 6.11 -2.81 7.81
N LYS A 78 6.00 -4.08 7.38
CA LYS A 78 6.90 -4.70 6.39
C LYS A 78 6.88 -3.92 5.05
N PRO A 79 8.07 -3.54 4.48
CA PRO A 79 8.14 -2.91 3.13
C PRO A 79 7.65 -3.85 2.01
N THR A 80 7.53 -5.15 2.35
CA THR A 80 6.94 -6.18 1.48
C THR A 80 5.41 -5.98 1.38
N THR A 81 4.78 -5.79 2.56
CA THR A 81 3.34 -5.53 2.69
C THR A 81 2.99 -4.15 2.13
N LEU A 82 3.86 -3.18 2.41
CA LEU A 82 3.67 -1.77 2.02
C LEU A 82 3.90 -1.55 0.52
N ARG A 83 4.71 -2.43 -0.08
CA ARG A 83 4.88 -2.47 -1.55
C ARG A 83 3.58 -2.97 -2.22
N GLU A 84 2.79 -3.79 -1.47
CA GLU A 84 1.47 -4.26 -1.92
C GLU A 84 0.43 -3.11 -1.83
N LEU A 85 0.54 -2.25 -0.79
CA LEU A 85 -0.24 -0.99 -0.71
C LEU A 85 0.17 -0.03 -1.84
N GLU A 86 1.48 0.07 -2.08
CA GLU A 86 2.08 0.95 -3.11
C GLU A 86 1.56 0.56 -4.51
N ARG A 87 1.53 -0.76 -4.74
CA ARG A 87 1.02 -1.38 -5.98
C ARG A 87 -0.49 -1.07 -6.14
N TYR A 88 -1.26 -1.35 -5.06
CA TYR A 88 -2.73 -1.23 -5.05
C TYR A 88 -3.18 0.21 -5.33
N VAL A 89 -2.63 1.15 -4.52
CA VAL A 89 -2.94 2.59 -4.57
C VAL A 89 -2.74 3.13 -5.99
N LYS A 90 -1.54 2.91 -6.54
CA LYS A 90 -1.19 3.39 -7.89
C LYS A 90 -2.20 2.86 -8.93
N SER A 91 -2.37 1.52 -8.99
CA SER A 91 -3.26 0.84 -9.95
C SER A 91 -4.74 1.30 -9.84
N CYS A 92 -5.17 1.65 -8.62
CA CYS A 92 -6.53 2.17 -8.33
C CYS A 92 -6.70 3.58 -8.93
N LEU A 93 -5.62 4.38 -8.86
CA LEU A 93 -5.58 5.76 -9.38
C LEU A 93 -5.19 5.79 -10.89
N GLN A 94 -4.67 4.65 -11.40
CA GLN A 94 -4.34 4.46 -12.83
C GLN A 94 -5.58 3.95 -13.56
N LYS A 95 -5.68 4.31 -14.84
CA LYS A 95 -6.82 3.99 -15.71
C LYS A 95 -6.51 2.73 -16.56
N LYS A 96 -7.29 2.51 -17.63
CA LYS A 96 -7.13 1.33 -18.53
C LYS A 96 -5.75 1.29 -19.24
N SER B 1 -19.87 -2.34 10.77
CA SER B 1 -20.04 -2.96 9.45
C SER B 1 -21.14 -2.27 8.63
N ARG B 2 -21.92 -1.38 9.29
CA ARG B 2 -23.03 -0.64 8.65
C ARG B 2 -22.65 0.84 8.48
N LEU B 3 -22.33 1.48 9.61
CA LEU B 3 -21.92 2.90 9.67
C LEU B 3 -20.45 3.02 9.21
N THR B 4 -20.12 4.17 8.59
CA THR B 4 -18.79 4.45 8.04
C THR B 4 -17.71 4.49 9.16
N TRP B 5 -16.58 3.85 8.87
CA TRP B 5 -15.38 3.87 9.71
C TRP B 5 -14.24 4.49 8.88
N ARG B 6 -14.10 5.82 8.99
CA ARG B 6 -13.22 6.63 8.13
C ARG B 6 -11.85 6.86 8.79
N VAL B 7 -10.87 7.17 7.94
CA VAL B 7 -9.46 7.31 8.32
C VAL B 7 -9.16 8.70 8.92
N GLN B 8 -8.44 8.71 10.04
CA GLN B 8 -7.86 9.91 10.65
C GLN B 8 -6.41 9.60 11.02
N ARG B 9 -5.58 10.64 11.19
CA ARG B 9 -4.17 10.49 11.60
C ARG B 9 -4.09 10.49 13.14
N SER B 10 -3.25 9.59 13.70
CA SER B 10 -3.16 9.35 15.15
C SER B 10 -1.72 9.08 15.58
N GLN B 11 -1.34 9.70 16.73
CA GLN B 11 -0.05 9.50 17.44
C GLN B 11 1.17 10.09 16.68
N ASN B 12 1.50 9.54 15.50
CA ASN B 12 2.63 9.98 14.64
C ASN B 12 2.12 10.09 13.18
N PRO B 13 2.53 11.14 12.37
CA PRO B 13 2.25 11.24 10.89
C PRO B 13 2.45 9.97 10.03
N LEU B 14 3.17 8.97 10.56
CA LEU B 14 3.41 7.68 9.87
C LEU B 14 2.32 6.63 10.22
N LYS B 15 1.27 7.06 10.96
CA LYS B 15 0.23 6.16 11.51
C LYS B 15 -1.16 6.80 11.33
N ILE B 16 -2.12 5.98 10.87
CA ILE B 16 -3.51 6.42 10.63
C ILE B 16 -4.51 5.44 11.27
N ARG B 17 -5.35 5.97 12.18
CA ARG B 17 -6.42 5.20 12.86
C ARG B 17 -7.75 5.39 12.12
N LEU B 18 -8.28 4.31 11.54
CA LEU B 18 -9.59 4.32 10.86
C LEU B 18 -10.70 4.15 11.92
N THR B 19 -11.22 5.29 12.40
CA THR B 19 -12.23 5.36 13.48
C THR B 19 -13.67 5.32 12.93
N ARG B 20 -14.55 4.60 13.67
CA ARG B 20 -15.99 4.55 13.42
C ARG B 20 -16.66 5.88 13.82
N GLU B 21 -17.72 6.28 13.08
CA GLU B 21 -18.54 7.47 13.41
C GLU B 21 -19.74 7.04 14.24
N ALA B 22 -19.97 7.71 15.39
CA ALA B 22 -21.15 7.48 16.26
C ALA B 22 -22.45 7.92 15.52
N PRO B 23 -23.62 7.21 15.74
CA PRO B 23 -24.90 7.54 15.06
C PRO B 23 -25.37 9.00 15.34
N HIS A 1 48.18 -33.41 -55.27
CA HIS A 1 49.59 -32.97 -55.12
C HIS A 1 49.67 -31.45 -55.31
N HIS A 2 49.22 -30.73 -54.27
CA HIS A 2 49.23 -29.26 -54.20
C HIS A 2 48.95 -28.86 -52.75
N HIS A 3 49.69 -27.87 -52.23
CA HIS A 3 49.57 -27.39 -50.84
C HIS A 3 48.94 -25.99 -50.82
N HIS A 4 48.05 -25.76 -49.83
CA HIS A 4 47.39 -24.45 -49.63
C HIS A 4 47.11 -24.27 -48.12
N HIS A 5 47.07 -22.99 -47.67
CA HIS A 5 46.88 -22.62 -46.26
C HIS A 5 46.51 -21.13 -46.11
N HIS A 6 45.67 -20.81 -45.12
CA HIS A 6 45.24 -19.42 -44.84
C HIS A 6 45.45 -19.09 -43.35
N SER A 7 45.76 -17.81 -43.07
CA SER A 7 46.04 -17.33 -41.71
C SER A 7 44.89 -16.44 -41.24
N HIS A 8 44.15 -16.90 -40.21
CA HIS A 8 43.00 -16.17 -39.63
C HIS A 8 43.04 -16.23 -38.09
N MET A 9 42.56 -15.16 -37.45
CA MET A 9 42.46 -15.06 -35.98
C MET A 9 41.19 -14.30 -35.59
N GLY A 10 40.62 -14.64 -34.43
CA GLY A 10 39.39 -14.02 -33.94
C GLY A 10 39.56 -13.55 -32.50
N LYS A 11 39.08 -12.32 -32.21
CA LYS A 11 39.18 -11.72 -30.87
C LYS A 11 37.78 -11.36 -30.36
N GLN A 12 37.46 -11.76 -29.12
CA GLN A 12 36.15 -11.48 -28.51
C GLN A 12 36.32 -11.39 -26.98
N ALA A 13 36.36 -10.15 -26.47
CA ALA A 13 36.49 -9.87 -25.03
C ALA A 13 35.13 -10.07 -24.34
N SER A 14 35.18 -10.40 -23.04
CA SER A 14 33.99 -10.56 -22.20
C SER A 14 34.27 -9.91 -20.83
N ALA A 15 33.21 -9.40 -20.19
CA ALA A 15 33.29 -8.66 -18.93
C ALA A 15 32.00 -8.86 -18.11
N SER A 16 31.87 -8.10 -17.00
CA SER A 16 30.70 -8.17 -16.11
C SER A 16 30.50 -6.83 -15.37
N TYR A 17 29.23 -6.50 -15.05
CA TYR A 17 28.87 -5.28 -14.32
C TYR A 17 27.53 -5.49 -13.55
N ASP A 18 27.67 -5.79 -12.24
CA ASP A 18 26.51 -6.01 -11.33
C ASP A 18 26.02 -4.64 -10.84
N SER A 19 25.32 -3.92 -11.73
CA SER A 19 24.97 -2.50 -11.53
C SER A 19 23.79 -2.31 -10.57
N GLU A 20 22.74 -3.13 -10.74
CA GLU A 20 21.50 -3.01 -9.94
C GLU A 20 21.18 -4.34 -9.26
N GLU A 21 21.05 -4.28 -7.93
CA GLU A 21 20.73 -5.43 -7.07
C GLU A 21 19.71 -4.93 -6.03
N GLU A 22 18.52 -5.53 -5.99
CA GLU A 22 17.43 -5.14 -5.07
C GLU A 22 16.94 -6.35 -4.25
N GLU A 23 16.43 -6.07 -3.04
CA GLU A 23 15.76 -7.08 -2.19
C GLU A 23 14.24 -6.98 -2.40
N GLU A 24 13.54 -8.10 -2.11
CA GLU A 24 12.07 -8.15 -2.04
C GLU A 24 11.57 -7.20 -0.93
N GLY A 25 12.36 -7.12 0.15
CA GLY A 25 12.13 -6.18 1.23
C GLY A 25 13.30 -5.24 1.40
N LEU A 26 13.48 -4.33 0.44
CA LEU A 26 14.51 -3.27 0.51
C LEU A 26 13.99 -2.11 1.40
N PRO A 27 14.90 -1.32 2.10
CA PRO A 27 14.48 -0.25 3.05
C PRO A 27 13.60 0.84 2.38
N MET A 28 12.28 0.80 2.67
CA MET A 28 11.29 1.76 2.16
C MET A 28 11.64 3.20 2.60
N SER A 29 11.72 4.11 1.61
CA SER A 29 12.05 5.55 1.80
C SER A 29 11.05 6.21 2.78
N TYR A 30 11.55 7.15 3.63
CA TYR A 30 10.71 7.83 4.63
C TYR A 30 9.63 8.68 3.94
N ASP A 31 9.98 9.26 2.78
CA ASP A 31 9.04 10.02 1.94
C ASP A 31 7.84 9.14 1.58
N GLU A 32 8.14 7.89 1.18
CA GLU A 32 7.15 6.89 0.79
C GLU A 32 6.35 6.35 1.99
N LYS A 33 7.01 6.27 3.16
CA LYS A 33 6.35 5.89 4.44
C LYS A 33 5.18 6.84 4.74
N ARG A 34 5.45 8.15 4.53
CA ARG A 34 4.50 9.24 4.77
C ARG A 34 3.55 9.41 3.55
N GLN A 35 4.04 9.05 2.34
CA GLN A 35 3.24 9.11 1.10
C GLN A 35 2.07 8.14 1.18
N LEU A 36 2.35 6.88 1.57
CA LEU A 36 1.31 5.83 1.72
C LEU A 36 0.19 6.28 2.68
N SER A 37 0.54 7.07 3.70
CA SER A 37 -0.43 7.65 4.65
C SER A 37 -1.41 8.58 3.92
N LEU A 38 -0.86 9.54 3.17
CA LEU A 38 -1.62 10.62 2.50
C LEU A 38 -2.34 10.09 1.22
N ASP A 39 -1.73 9.10 0.58
CA ASP A 39 -2.13 8.59 -0.75
C ASP A 39 -3.24 7.51 -0.60
N ILE A 40 -3.26 6.84 0.56
CA ILE A 40 -4.37 5.93 0.93
C ILE A 40 -5.53 6.73 1.58
N ASN A 41 -5.18 7.90 2.16
CA ASN A 41 -6.17 8.83 2.78
C ASN A 41 -7.19 9.33 1.73
N ARG A 42 -6.72 9.52 0.48
CA ARG A 42 -7.55 10.02 -0.66
C ARG A 42 -8.48 8.92 -1.22
N LEU A 43 -8.24 7.65 -0.83
CA LEU A 43 -9.09 6.50 -1.23
C LEU A 43 -10.42 6.54 -0.43
N PRO A 44 -11.61 6.30 -1.09
CA PRO A 44 -12.93 6.21 -0.41
C PRO A 44 -13.08 4.94 0.46
N GLY A 45 -14.26 4.82 1.11
CA GLY A 45 -14.51 3.85 2.20
C GLY A 45 -14.33 2.39 1.80
N GLU A 46 -14.83 2.01 0.60
CA GLU A 46 -14.76 0.61 0.12
C GLU A 46 -13.36 0.25 -0.44
N LYS A 47 -12.54 1.28 -0.73
CA LYS A 47 -11.09 1.07 -0.97
C LYS A 47 -10.41 0.78 0.37
N LEU A 48 -10.78 1.55 1.42
CA LEU A 48 -10.22 1.40 2.78
C LEU A 48 -10.52 0.01 3.38
N GLY A 49 -11.67 -0.57 2.99
CA GLY A 49 -12.05 -1.93 3.39
C GLY A 49 -11.04 -2.98 2.94
N ARG A 50 -10.48 -2.79 1.72
CA ARG A 50 -9.47 -3.69 1.15
C ARG A 50 -8.07 -3.39 1.71
N VAL A 51 -7.82 -2.09 1.97
CA VAL A 51 -6.56 -1.60 2.56
C VAL A 51 -6.33 -2.25 3.94
N VAL A 52 -7.37 -2.21 4.79
CA VAL A 52 -7.30 -2.79 6.14
C VAL A 52 -7.27 -4.32 6.09
N HIS A 53 -7.82 -4.94 5.00
CA HIS A 53 -7.87 -6.41 4.86
C HIS A 53 -6.46 -7.03 4.97
N ILE A 54 -5.50 -6.41 4.27
CA ILE A 54 -4.10 -6.87 4.25
C ILE A 54 -3.36 -6.47 5.56
N ILE A 55 -3.81 -5.39 6.23
CA ILE A 55 -3.17 -4.91 7.48
C ILE A 55 -3.62 -5.75 8.71
N GLN A 56 -4.87 -6.18 8.72
CA GLN A 56 -5.44 -7.04 9.78
C GLN A 56 -4.94 -8.48 9.59
N SER A 57 -4.69 -8.82 8.31
CA SER A 57 -4.00 -10.04 7.91
C SER A 57 -2.59 -10.09 8.51
N ARG A 58 -1.85 -8.96 8.43
CA ARG A 58 -0.48 -8.84 8.97
C ARG A 58 -0.49 -8.85 10.50
N GLU A 59 -1.17 -7.85 11.07
CA GLU A 59 -1.24 -7.60 12.52
C GLU A 59 -2.61 -8.06 13.06
N PRO A 60 -2.72 -9.30 13.65
CA PRO A 60 -3.98 -9.78 14.25
C PRO A 60 -4.41 -8.94 15.47
N SER A 61 -3.39 -8.38 16.17
CA SER A 61 -3.56 -7.59 17.41
C SER A 61 -4.58 -6.45 17.26
N LEU A 62 -4.60 -5.84 16.05
CA LEU A 62 -5.52 -4.73 15.74
C LEU A 62 -6.98 -5.19 15.75
N ARG A 63 -7.31 -6.21 14.92
CA ARG A 63 -8.70 -6.69 14.74
C ARG A 63 -9.22 -7.44 15.98
N ASP A 64 -8.30 -7.95 16.82
CA ASP A 64 -8.66 -8.65 18.06
C ASP A 64 -8.91 -7.64 19.22
N SER A 65 -8.10 -6.56 19.28
CA SER A 65 -8.20 -5.56 20.36
C SER A 65 -9.31 -4.53 20.04
N ASN A 66 -9.23 -3.93 18.82
CA ASN A 66 -10.20 -2.95 18.33
C ASN A 66 -10.65 -3.35 16.89
N PRO A 67 -11.78 -4.11 16.73
CA PRO A 67 -12.30 -4.50 15.38
C PRO A 67 -12.73 -3.31 14.51
N ASP A 68 -13.09 -2.19 15.16
CA ASP A 68 -13.67 -1.01 14.50
C ASP A 68 -12.63 0.13 14.34
N GLU A 69 -11.53 0.06 15.12
CA GLU A 69 -10.46 1.08 15.09
C GLU A 69 -9.14 0.40 14.67
N ILE A 70 -8.68 0.73 13.46
CA ILE A 70 -7.55 0.04 12.80
C ILE A 70 -6.41 1.05 12.53
N GLU A 71 -5.25 0.85 13.19
CA GLU A 71 -4.08 1.71 13.00
C GLU A 71 -3.10 1.06 12.01
N ILE A 72 -3.07 1.60 10.80
CA ILE A 72 -2.15 1.17 9.75
C ILE A 72 -0.89 2.05 9.86
N ASP A 73 0.19 1.44 10.34
CA ASP A 73 1.41 2.17 10.73
C ASP A 73 2.58 1.77 9.81
N PHE A 74 2.77 2.57 8.75
CA PHE A 74 3.74 2.30 7.67
C PHE A 74 5.19 2.32 8.18
N GLU A 75 5.39 3.06 9.30
CA GLU A 75 6.68 3.23 9.99
C GLU A 75 7.42 1.88 10.23
N THR A 76 6.73 0.88 10.79
CA THR A 76 7.35 -0.40 11.18
C THR A 76 6.65 -1.59 10.49
N LEU A 77 5.61 -1.32 9.65
CA LEU A 77 5.06 -2.31 8.70
C LEU A 77 6.20 -2.79 7.77
N LYS A 78 6.13 -4.06 7.36
CA LYS A 78 7.17 -4.73 6.59
C LYS A 78 7.30 -4.07 5.18
N PRO A 79 8.53 -3.90 4.60
CA PRO A 79 8.71 -3.31 3.22
C PRO A 79 7.98 -4.13 2.12
N THR A 80 7.74 -5.42 2.40
CA THR A 80 6.93 -6.29 1.53
C THR A 80 5.43 -5.89 1.62
N THR A 81 4.98 -5.59 2.86
CA THR A 81 3.62 -5.10 3.12
C THR A 81 3.42 -3.71 2.47
N LEU A 82 4.43 -2.83 2.62
CA LEU A 82 4.45 -1.49 2.00
C LEU A 82 4.29 -1.57 0.48
N ARG A 83 4.86 -2.66 -0.11
CA ARG A 83 4.77 -2.92 -1.55
C ARG A 83 3.33 -3.33 -1.94
N GLU A 84 2.64 -4.06 -1.03
CA GLU A 84 1.22 -4.46 -1.23
C GLU A 84 0.29 -3.23 -1.21
N LEU A 85 0.53 -2.32 -0.24
CA LEU A 85 -0.23 -1.07 -0.13
C LEU A 85 0.05 -0.15 -1.33
N GLU A 86 1.35 -0.09 -1.71
CA GLU A 86 1.84 0.75 -2.82
C GLU A 86 1.24 0.28 -4.16
N ARG A 87 1.25 -1.04 -4.38
CA ARG A 87 0.76 -1.67 -5.60
C ARG A 87 -0.75 -1.43 -5.71
N TYR A 88 -1.47 -1.69 -4.61
CA TYR A 88 -2.93 -1.56 -4.55
C TYR A 88 -3.39 -0.12 -4.81
N VAL A 89 -2.80 0.85 -4.07
CA VAL A 89 -3.26 2.25 -4.08
C VAL A 89 -3.07 2.86 -5.47
N LYS A 90 -1.87 2.66 -6.08
CA LYS A 90 -1.55 3.21 -7.40
C LYS A 90 -2.39 2.55 -8.49
N SER A 91 -2.59 1.21 -8.36
CA SER A 91 -3.45 0.41 -9.26
C SER A 91 -4.90 0.95 -9.26
N CYS A 92 -5.34 1.44 -8.08
CA CYS A 92 -6.66 2.04 -7.89
C CYS A 92 -6.71 3.46 -8.48
N LEU A 93 -5.57 4.18 -8.39
CA LEU A 93 -5.44 5.56 -8.91
C LEU A 93 -5.26 5.59 -10.45
N GLN A 94 -4.89 4.43 -11.04
CA GLN A 94 -4.73 4.31 -12.50
C GLN A 94 -6.08 4.53 -13.22
N LYS A 95 -6.23 5.70 -13.85
CA LYS A 95 -7.42 6.07 -14.63
C LYS A 95 -7.46 5.26 -15.95
N LYS A 96 -7.84 3.97 -15.85
CA LYS A 96 -7.86 2.96 -16.95
C LYS A 96 -6.65 3.07 -17.89
N SER B 1 -28.52 0.21 10.08
CA SER B 1 -27.68 1.03 9.22
C SER B 1 -26.19 0.74 9.52
N ARG B 2 -25.35 0.65 8.48
CA ARG B 2 -23.90 0.45 8.61
C ARG B 2 -23.27 1.75 9.15
N LEU B 3 -22.76 1.68 10.40
CA LEU B 3 -22.09 2.83 11.05
C LEU B 3 -20.77 3.15 10.32
N THR B 4 -20.60 4.43 10.00
CA THR B 4 -19.48 4.95 9.20
C THR B 4 -18.16 4.89 9.99
N TRP B 5 -17.03 4.91 9.27
CA TRP B 5 -15.69 4.96 9.87
C TRP B 5 -14.76 5.73 8.92
N ARG B 6 -13.87 6.57 9.47
CA ARG B 6 -12.99 7.46 8.68
C ARG B 6 -11.56 7.41 9.20
N VAL B 7 -10.63 7.70 8.28
CA VAL B 7 -9.18 7.75 8.55
C VAL B 7 -8.82 9.02 9.38
N GLN B 8 -8.70 8.82 10.71
CA GLN B 8 -8.23 9.83 11.66
C GLN B 8 -6.73 9.60 11.91
N ARG B 9 -5.91 10.65 11.83
CA ARG B 9 -4.46 10.57 12.04
C ARG B 9 -4.15 10.30 13.53
N SER B 10 -3.19 9.40 13.79
CA SER B 10 -2.65 9.14 15.14
C SER B 10 -1.58 10.22 15.48
N GLN B 11 -0.79 9.99 16.55
CA GLN B 11 0.26 10.92 17.01
C GLN B 11 1.29 11.17 15.88
N ASN B 12 1.84 10.06 15.34
CA ASN B 12 2.69 10.08 14.13
C ASN B 12 1.77 10.02 12.88
N PRO B 13 1.96 10.93 11.84
CA PRO B 13 1.17 10.91 10.58
C PRO B 13 1.18 9.54 9.86
N LEU B 14 2.30 8.82 10.00
CA LEU B 14 2.53 7.51 9.34
C LEU B 14 1.60 6.41 9.90
N LYS B 15 0.96 6.67 11.05
CA LYS B 15 -0.04 5.76 11.64
C LYS B 15 -1.43 6.35 11.39
N ILE B 16 -2.18 5.76 10.44
CA ILE B 16 -3.55 6.19 10.14
C ILE B 16 -4.57 5.30 10.89
N ARG B 17 -5.24 5.90 11.89
CA ARG B 17 -6.23 5.23 12.75
C ARG B 17 -7.64 5.38 12.15
N LEU B 18 -8.07 4.38 11.37
CA LEU B 18 -9.42 4.31 10.83
C LEU B 18 -10.41 3.97 11.96
N THR B 19 -10.89 5.02 12.63
CA THR B 19 -11.78 4.93 13.79
C THR B 19 -13.25 4.82 13.35
N ARG B 20 -14.08 4.05 14.10
CA ARG B 20 -15.54 3.98 13.88
C ARG B 20 -16.16 5.33 14.29
N GLU B 21 -16.67 6.06 13.29
CA GLU B 21 -17.12 7.46 13.45
C GLU B 21 -18.55 7.62 12.91
N ALA B 22 -19.51 7.86 13.83
CA ALA B 22 -20.91 8.10 13.48
C ALA B 22 -21.06 9.44 12.69
N PRO B 23 -22.00 9.52 11.68
CA PRO B 23 -22.27 10.78 10.93
C PRO B 23 -22.54 12.00 11.85
N HIS A 1 21.01 56.15 -2.11
CA HIS A 1 20.94 55.59 -3.48
C HIS A 1 22.21 54.75 -3.76
N HIS A 2 22.17 53.45 -3.42
CA HIS A 2 23.26 52.50 -3.70
C HIS A 2 22.68 51.25 -4.37
N HIS A 3 23.23 50.91 -5.55
CA HIS A 3 22.78 49.73 -6.31
C HIS A 3 23.38 48.45 -5.69
N HIS A 4 22.54 47.40 -5.57
CA HIS A 4 22.96 46.10 -5.02
C HIS A 4 22.04 45.01 -5.59
N HIS A 5 22.64 44.01 -6.25
CA HIS A 5 21.91 42.94 -6.93
C HIS A 5 22.84 41.74 -7.17
N HIS A 6 22.30 40.55 -6.89
CA HIS A 6 22.96 39.26 -7.13
C HIS A 6 21.88 38.16 -7.25
N SER A 7 22.27 37.01 -7.78
CA SER A 7 21.36 35.86 -7.95
C SER A 7 22.15 34.55 -7.86
N HIS A 8 21.43 33.45 -7.62
CA HIS A 8 22.01 32.13 -7.44
C HIS A 8 20.88 31.08 -7.54
N MET A 9 20.74 30.47 -8.71
CA MET A 9 19.81 29.34 -8.92
C MET A 9 20.51 28.01 -8.56
N GLY A 10 19.74 27.07 -8.01
CA GLY A 10 20.25 25.73 -7.67
C GLY A 10 21.03 25.68 -6.36
N LYS A 11 21.00 24.51 -5.70
CA LYS A 11 21.70 24.27 -4.42
C LYS A 11 22.80 23.21 -4.62
N GLN A 12 22.39 22.05 -5.16
CA GLN A 12 23.29 20.90 -5.38
C GLN A 12 23.81 20.88 -6.83
N ALA A 13 24.95 20.22 -7.03
CA ALA A 13 25.55 19.97 -8.35
C ALA A 13 25.72 18.45 -8.54
N SER A 14 24.99 17.67 -7.72
CA SER A 14 25.17 16.22 -7.61
C SER A 14 23.83 15.49 -7.77
N ALA A 15 23.88 14.19 -8.05
CA ALA A 15 22.69 13.34 -8.24
C ALA A 15 22.80 12.07 -7.37
N SER A 16 21.82 11.86 -6.47
CA SER A 16 21.75 10.68 -5.60
C SER A 16 20.84 9.62 -6.24
N TYR A 17 21.44 8.52 -6.73
CA TYR A 17 20.73 7.41 -7.37
C TYR A 17 21.62 6.14 -7.36
N ASP A 18 21.11 5.07 -7.99
CA ASP A 18 21.89 3.84 -8.25
C ASP A 18 21.60 3.38 -9.70
N SER A 19 22.64 2.88 -10.37
CA SER A 19 22.63 2.61 -11.83
C SER A 19 22.13 1.19 -12.18
N GLU A 20 21.98 0.30 -11.19
CA GLU A 20 21.59 -1.11 -11.43
C GLU A 20 20.91 -1.76 -10.21
N GLU A 21 21.71 -1.98 -9.14
CA GLU A 21 21.29 -2.77 -7.96
C GLU A 21 20.28 -1.99 -7.11
N GLU A 22 19.01 -2.12 -7.48
CA GLU A 22 17.86 -1.66 -6.70
C GLU A 22 17.15 -2.91 -6.20
N GLU A 23 17.01 -2.99 -4.88
CA GLU A 23 16.39 -4.14 -4.21
C GLU A 23 14.88 -3.92 -4.06
N GLU A 24 14.15 -5.05 -3.97
CA GLU A 24 12.68 -5.08 -3.96
C GLU A 24 12.12 -4.54 -2.63
N GLY A 25 12.46 -5.24 -1.53
CA GLY A 25 12.02 -4.87 -0.19
C GLY A 25 13.04 -4.03 0.53
N LEU A 26 13.49 -2.94 -0.15
CA LEU A 26 14.44 -1.96 0.42
C LEU A 26 13.87 -1.32 1.69
N PRO A 27 14.73 -0.81 2.63
CA PRO A 27 14.25 -0.05 3.80
C PRO A 27 13.40 1.14 3.33
N MET A 28 12.05 1.02 3.52
CA MET A 28 11.07 2.01 3.03
C MET A 28 11.44 3.38 3.63
N SER A 29 11.74 4.36 2.76
CA SER A 29 12.23 5.68 3.17
C SER A 29 11.14 6.48 3.90
N TYR A 30 11.56 7.58 4.56
CA TYR A 30 10.65 8.42 5.38
C TYR A 30 9.60 9.11 4.51
N ASP A 31 10.04 9.73 3.40
CA ASP A 31 9.17 10.47 2.48
C ASP A 31 8.28 9.51 1.66
N GLU A 32 8.81 8.29 1.40
CA GLU A 32 8.07 7.19 0.74
C GLU A 32 6.97 6.61 1.67
N LYS A 33 7.29 6.55 2.98
CA LYS A 33 6.37 6.15 4.04
C LYS A 33 5.15 7.11 4.08
N ARG A 34 5.48 8.42 4.04
CA ARG A 34 4.48 9.50 4.05
C ARG A 34 3.65 9.50 2.76
N GLN A 35 4.32 9.32 1.61
CA GLN A 35 3.66 9.34 0.29
C GLN A 35 2.63 8.21 0.19
N LEU A 36 3.00 7.02 0.72
CA LEU A 36 2.11 5.87 0.79
C LEU A 36 0.90 6.17 1.68
N SER A 37 1.17 6.81 2.84
CA SER A 37 0.14 7.17 3.82
C SER A 37 -0.93 8.07 3.18
N LEU A 38 -0.50 9.18 2.54
CA LEU A 38 -1.40 10.16 1.90
C LEU A 38 -2.19 9.52 0.73
N ASP A 39 -1.55 8.58 0.05
CA ASP A 39 -2.17 7.82 -1.05
C ASP A 39 -3.26 6.86 -0.56
N ILE A 40 -3.14 6.39 0.68
CA ILE A 40 -4.20 5.59 1.35
C ILE A 40 -5.25 6.53 1.99
N ASN A 41 -4.81 7.74 2.41
CA ASN A 41 -5.70 8.76 3.01
C ASN A 41 -6.64 9.38 1.95
N ARG A 42 -6.24 9.27 0.65
CA ARG A 42 -7.07 9.79 -0.48
C ARG A 42 -8.13 8.75 -0.91
N LEU A 43 -8.03 7.51 -0.39
CA LEU A 43 -8.98 6.44 -0.69
C LEU A 43 -10.26 6.57 0.16
N PRO A 44 -11.47 6.32 -0.43
CA PRO A 44 -12.77 6.36 0.31
C PRO A 44 -12.93 5.19 1.29
N GLY A 45 -13.88 5.33 2.24
CA GLY A 45 -14.13 4.36 3.32
C GLY A 45 -14.36 2.93 2.83
N GLU A 46 -15.01 2.82 1.66
CA GLU A 46 -15.27 1.52 1.00
C GLU A 46 -13.94 0.81 0.62
N LYS A 47 -12.99 1.56 0.04
CA LYS A 47 -11.65 1.04 -0.35
C LYS A 47 -10.85 0.69 0.91
N LEU A 48 -10.96 1.58 1.92
CA LEU A 48 -10.23 1.46 3.20
C LEU A 48 -10.52 0.13 3.92
N GLY A 49 -11.73 -0.42 3.71
CA GLY A 49 -12.12 -1.72 4.26
C GLY A 49 -11.28 -2.87 3.72
N ARG A 50 -10.93 -2.80 2.42
CA ARG A 50 -10.09 -3.81 1.75
C ARG A 50 -8.58 -3.53 2.00
N VAL A 51 -8.25 -2.23 2.21
CA VAL A 51 -6.89 -1.79 2.55
C VAL A 51 -6.46 -2.39 3.91
N VAL A 52 -7.36 -2.30 4.90
CA VAL A 52 -7.08 -2.85 6.24
C VAL A 52 -7.15 -4.38 6.22
N HIS A 53 -7.95 -4.97 5.29
CA HIS A 53 -8.18 -6.44 5.20
C HIS A 53 -6.86 -7.24 5.13
N ILE A 54 -5.92 -6.76 4.28
CA ILE A 54 -4.59 -7.39 4.13
C ILE A 54 -3.71 -7.13 5.39
N ILE A 55 -3.95 -5.98 6.06
CA ILE A 55 -3.24 -5.59 7.29
C ILE A 55 -3.80 -6.37 8.52
N GLN A 56 -5.07 -6.88 8.43
CA GLN A 56 -5.67 -7.71 9.51
C GLN A 56 -5.01 -9.11 9.52
N SER A 57 -4.62 -9.56 8.31
CA SER A 57 -3.90 -10.82 8.12
C SER A 57 -2.47 -10.72 8.70
N ARG A 58 -1.88 -9.52 8.59
CA ARG A 58 -0.56 -9.21 9.16
C ARG A 58 -0.63 -9.07 10.68
N GLU A 59 -1.66 -8.34 11.16
CA GLU A 59 -1.90 -8.07 12.59
C GLU A 59 -3.22 -8.75 13.03
N PRO A 60 -3.19 -10.10 13.34
CA PRO A 60 -4.41 -10.88 13.66
C PRO A 60 -5.14 -10.41 14.94
N SER A 61 -4.34 -9.94 15.93
CA SER A 61 -4.86 -9.51 17.23
C SER A 61 -5.81 -8.32 17.07
N LEU A 62 -5.38 -7.30 16.29
CA LEU A 62 -6.15 -6.07 16.05
C LEU A 62 -7.46 -6.35 15.28
N ARG A 63 -7.52 -7.47 14.56
CA ARG A 63 -8.69 -7.81 13.70
C ARG A 63 -9.98 -7.95 14.54
N ASP A 64 -9.93 -8.81 15.57
CA ASP A 64 -11.11 -9.13 16.40
C ASP A 64 -11.15 -8.25 17.67
N SER A 65 -9.97 -7.95 18.23
CA SER A 65 -9.84 -7.24 19.51
C SER A 65 -10.08 -5.73 19.36
N ASN A 66 -9.67 -5.16 18.20
CA ASN A 66 -9.88 -3.72 17.89
C ASN A 66 -10.39 -3.55 16.43
N PRO A 67 -11.66 -3.94 16.13
CA PRO A 67 -12.25 -3.76 14.77
C PRO A 67 -12.88 -2.36 14.59
N ASP A 68 -13.00 -1.62 15.70
CA ASP A 68 -13.60 -0.27 15.72
C ASP A 68 -12.49 0.76 15.49
N GLU A 69 -11.36 0.57 16.21
CA GLU A 69 -10.13 1.36 16.01
C GLU A 69 -9.06 0.47 15.38
N ILE A 70 -8.70 0.76 14.14
CA ILE A 70 -7.70 -0.02 13.37
C ILE A 70 -6.62 0.95 12.92
N GLU A 71 -5.41 0.81 13.45
CA GLU A 71 -4.32 1.74 13.20
C GLU A 71 -3.22 1.05 12.39
N ILE A 72 -3.03 1.52 11.14
CA ILE A 72 -1.97 1.03 10.25
C ILE A 72 -0.76 1.97 10.40
N ASP A 73 0.32 1.47 11.01
CA ASP A 73 1.54 2.25 11.26
C ASP A 73 2.70 1.72 10.39
N PHE A 74 2.90 2.41 9.26
CA PHE A 74 3.86 2.05 8.20
C PHE A 74 5.31 2.10 8.72
N GLU A 75 5.52 2.97 9.71
CA GLU A 75 6.81 3.22 10.38
C GLU A 75 7.45 1.94 10.99
N THR A 76 6.62 0.94 11.33
CA THR A 76 7.11 -0.36 11.85
C THR A 76 6.82 -1.50 10.84
N LEU A 77 5.82 -1.27 9.97
CA LEU A 77 5.38 -2.28 8.96
C LEU A 77 6.48 -2.60 7.94
N LYS A 78 6.35 -3.79 7.36
CA LYS A 78 7.33 -4.40 6.48
C LYS A 78 7.29 -3.73 5.10
N PRO A 79 8.46 -3.28 4.52
CA PRO A 79 8.49 -2.57 3.20
C PRO A 79 7.95 -3.43 2.03
N THR A 80 8.01 -4.76 2.18
CA THR A 80 7.46 -5.72 1.21
C THR A 80 5.92 -5.71 1.26
N THR A 81 5.37 -5.60 2.50
CA THR A 81 3.93 -5.44 2.73
C THR A 81 3.48 -4.09 2.15
N LEU A 82 4.30 -3.04 2.36
CA LEU A 82 4.02 -1.67 1.93
C LEU A 82 4.02 -1.54 0.39
N ARG A 83 4.75 -2.46 -0.28
CA ARG A 83 4.74 -2.60 -1.75
C ARG A 83 3.32 -3.01 -2.26
N GLU A 84 2.60 -3.84 -1.44
CA GLU A 84 1.20 -4.27 -1.74
C GLU A 84 0.26 -3.07 -1.67
N LEU A 85 0.38 -2.31 -0.56
CA LEU A 85 -0.40 -1.08 -0.33
C LEU A 85 -0.17 -0.06 -1.46
N GLU A 86 1.11 0.02 -1.90
CA GLU A 86 1.56 0.92 -2.95
C GLU A 86 0.86 0.60 -4.27
N ARG A 87 1.07 -0.64 -4.78
CA ARG A 87 0.55 -1.08 -6.09
C ARG A 87 -1.00 -1.07 -6.10
N TYR A 88 -1.61 -1.28 -4.91
CA TYR A 88 -3.07 -1.25 -4.74
C TYR A 88 -3.62 0.14 -5.07
N VAL A 89 -3.01 1.18 -4.46
CA VAL A 89 -3.43 2.56 -4.66
C VAL A 89 -3.10 3.03 -6.09
N LYS A 90 -1.90 2.67 -6.58
CA LYS A 90 -1.42 3.09 -7.91
C LYS A 90 -2.37 2.57 -9.01
N SER A 91 -2.86 1.32 -8.86
CA SER A 91 -3.82 0.73 -9.80
C SER A 91 -5.23 1.33 -9.59
N CYS A 92 -5.53 1.71 -8.33
CA CYS A 92 -6.82 2.32 -7.94
C CYS A 92 -6.95 3.74 -8.54
N LEU A 93 -5.81 4.43 -8.69
CA LEU A 93 -5.74 5.79 -9.27
C LEU A 93 -5.70 5.72 -10.79
N GLN A 94 -4.85 4.82 -11.32
CA GLN A 94 -4.73 4.57 -12.76
C GLN A 94 -5.91 3.68 -13.22
N LYS A 95 -7.01 4.33 -13.64
CA LYS A 95 -8.22 3.65 -14.15
C LYS A 95 -7.97 3.04 -15.56
N LYS A 96 -6.81 3.39 -16.15
CA LYS A 96 -6.35 2.87 -17.44
C LYS A 96 -5.12 1.97 -17.23
N SER B 1 -25.49 -0.39 5.71
CA SER B 1 -24.79 -1.64 5.49
C SER B 1 -23.54 -1.72 6.38
N ARG B 2 -22.74 -0.63 6.36
CA ARG B 2 -21.59 -0.44 7.25
C ARG B 2 -21.51 1.05 7.64
N LEU B 3 -20.85 1.33 8.77
CA LEU B 3 -20.60 2.70 9.24
C LEU B 3 -19.34 3.23 8.53
N THR B 4 -19.46 4.43 7.94
CA THR B 4 -18.41 5.03 7.12
C THR B 4 -17.24 5.52 8.00
N TRP B 5 -16.29 4.60 8.26
CA TRP B 5 -15.08 4.90 9.04
C TRP B 5 -14.19 5.92 8.30
N ARG B 6 -13.68 6.92 9.04
CA ARG B 6 -12.77 7.94 8.51
C ARG B 6 -11.34 7.54 8.82
N VAL B 7 -10.47 7.62 7.80
CA VAL B 7 -9.03 7.42 7.96
C VAL B 7 -8.41 8.67 8.64
N GLN B 8 -8.52 8.69 9.97
CA GLN B 8 -8.00 9.77 10.80
C GLN B 8 -6.48 9.59 10.98
N ARG B 9 -5.70 10.63 10.64
CA ARG B 9 -4.26 10.63 10.92
C ARG B 9 -4.04 10.59 12.43
N SER B 10 -3.21 9.67 12.89
CA SER B 10 -2.95 9.44 14.31
C SER B 10 -1.86 10.42 14.83
N GLN B 11 -1.20 10.04 15.96
CA GLN B 11 -0.10 10.82 16.59
C GLN B 11 1.00 11.16 15.57
N ASN B 12 1.34 10.17 14.72
CA ASN B 12 2.37 10.31 13.69
C ASN B 12 1.70 10.36 12.30
N PRO B 13 2.32 11.05 11.28
CA PRO B 13 1.87 10.99 9.85
C PRO B 13 1.97 9.58 9.25
N LEU B 14 2.84 8.75 9.86
CA LEU B 14 3.12 7.38 9.43
C LEU B 14 2.15 6.38 10.08
N LYS B 15 1.18 6.89 10.88
CA LYS B 15 0.11 6.08 11.47
C LYS B 15 -1.25 6.65 11.04
N ILE B 16 -2.18 5.77 10.64
CA ILE B 16 -3.55 6.17 10.26
C ILE B 16 -4.56 5.24 10.96
N ARG B 17 -5.38 5.82 11.86
CA ARG B 17 -6.43 5.06 12.57
C ARG B 17 -7.80 5.27 11.90
N LEU B 18 -8.35 4.16 11.36
CA LEU B 18 -9.74 4.09 10.94
C LEU B 18 -10.62 3.92 12.20
N THR B 19 -11.32 4.99 12.56
CA THR B 19 -12.20 5.04 13.73
C THR B 19 -13.65 4.69 13.35
N ARG B 20 -14.38 4.03 14.26
CA ARG B 20 -15.80 3.66 14.07
C ARG B 20 -16.68 4.92 14.04
N GLU B 21 -16.82 5.52 12.85
CA GLU B 21 -17.58 6.75 12.64
C GLU B 21 -19.05 6.42 12.35
N ALA B 22 -19.82 6.31 13.45
CA ALA B 22 -21.27 6.22 13.41
C ALA B 22 -21.84 7.65 13.31
N PRO B 23 -22.52 8.03 12.18
CA PRO B 23 -23.14 9.37 11.99
C PRO B 23 -24.03 9.80 13.19
N HIS A 1 -20.04 10.43 -59.48
CA HIS A 1 -20.47 9.25 -58.72
C HIS A 1 -19.73 9.21 -57.37
N HIS A 2 -20.10 10.15 -56.46
CA HIS A 2 -19.53 10.22 -55.09
C HIS A 2 -20.37 9.38 -54.10
N HIS A 3 -20.68 8.15 -54.54
CA HIS A 3 -21.39 7.12 -53.75
C HIS A 3 -20.72 5.78 -54.00
N HIS A 4 -20.99 4.80 -53.10
CA HIS A 4 -20.42 3.42 -53.15
C HIS A 4 -18.88 3.47 -52.92
N HIS A 5 -18.40 4.58 -52.32
CA HIS A 5 -16.95 4.84 -52.07
C HIS A 5 -16.68 4.71 -50.55
N HIS A 6 -15.51 4.15 -50.19
CA HIS A 6 -15.05 3.96 -48.80
C HIS A 6 -13.55 4.33 -48.66
N SER A 7 -13.11 4.62 -47.43
CA SER A 7 -11.71 4.95 -47.10
C SER A 7 -11.16 3.95 -46.07
N HIS A 8 -9.85 4.05 -45.76
CA HIS A 8 -9.18 3.17 -44.80
C HIS A 8 -8.96 3.91 -43.47
N MET A 9 -9.49 3.35 -42.37
CA MET A 9 -9.28 3.86 -41.01
C MET A 9 -7.85 3.52 -40.52
N GLY A 10 -7.38 4.28 -39.51
CA GLY A 10 -6.03 4.09 -38.95
C GLY A 10 -5.99 4.42 -37.46
N LYS A 11 -5.79 3.38 -36.64
CA LYS A 11 -5.63 3.52 -35.18
C LYS A 11 -4.58 2.51 -34.69
N GLN A 12 -4.00 2.80 -33.52
CA GLN A 12 -2.94 1.97 -32.92
C GLN A 12 -3.08 1.99 -31.39
N ALA A 13 -3.55 0.87 -30.82
CA ALA A 13 -3.71 0.69 -29.36
C ALA A 13 -2.34 0.48 -28.72
N SER A 14 -2.10 1.17 -27.58
CA SER A 14 -0.82 1.09 -26.85
C SER A 14 -1.10 1.12 -25.34
N ALA A 15 -1.02 -0.06 -24.69
CA ALA A 15 -1.18 -0.21 -23.24
C ALA A 15 -0.16 -1.22 -22.71
N SER A 16 0.07 -1.18 -21.38
CA SER A 16 0.98 -2.12 -20.69
C SER A 16 0.20 -3.33 -20.12
N TYR A 17 0.95 -4.32 -19.61
CA TYR A 17 0.38 -5.60 -19.11
C TYR A 17 1.10 -6.06 -17.83
N ASP A 18 0.71 -7.24 -17.33
CA ASP A 18 1.37 -7.93 -16.22
C ASP A 18 1.32 -9.44 -16.47
N SER A 19 2.49 -10.09 -16.48
CA SER A 19 2.59 -11.55 -16.65
C SER A 19 2.79 -12.21 -15.28
N GLU A 20 3.62 -11.57 -14.45
CA GLU A 20 4.01 -12.06 -13.13
C GLU A 20 4.55 -10.87 -12.32
N GLU A 21 3.99 -10.71 -11.13
CA GLU A 21 4.29 -9.58 -10.22
C GLU A 21 5.42 -9.97 -9.26
N GLU A 22 6.66 -9.69 -9.67
CA GLU A 22 7.88 -9.99 -8.89
C GLU A 22 8.26 -8.79 -8.00
N GLU A 23 9.06 -9.06 -6.95
CA GLU A 23 9.51 -8.05 -5.99
C GLU A 23 10.82 -8.46 -5.34
N GLU A 24 11.66 -7.45 -5.06
CA GLU A 24 12.93 -7.62 -4.33
C GLU A 24 12.70 -7.46 -2.82
N GLY A 25 11.57 -6.81 -2.43
CA GLY A 25 11.29 -6.42 -1.06
C GLY A 25 12.15 -5.24 -0.64
N LEU A 26 12.15 -4.17 -1.48
CA LEU A 26 13.08 -3.03 -1.33
C LEU A 26 12.85 -2.27 0.00
N PRO A 27 13.93 -1.76 0.67
CA PRO A 27 13.80 -1.03 1.95
C PRO A 27 13.01 0.29 1.78
N MET A 28 11.75 0.30 2.26
CA MET A 28 10.87 1.48 2.15
C MET A 28 11.38 2.61 3.06
N SER A 29 11.75 3.75 2.45
CA SER A 29 12.29 4.93 3.16
C SER A 29 11.18 5.62 4.00
N TYR A 30 11.62 6.42 5.00
CA TYR A 30 10.72 7.09 5.97
C TYR A 30 9.76 8.06 5.27
N ASP A 31 10.28 8.76 4.24
CA ASP A 31 9.50 9.68 3.40
C ASP A 31 8.37 8.93 2.67
N GLU A 32 8.70 7.71 2.22
CA GLU A 32 7.78 6.85 1.44
C GLU A 32 6.68 6.28 2.36
N LYS A 33 7.01 6.11 3.65
CA LYS A 33 6.04 5.66 4.68
C LYS A 33 4.97 6.75 4.88
N ARG A 34 5.43 8.02 4.96
CA ARG A 34 4.58 9.21 5.14
C ARG A 34 3.71 9.47 3.88
N GLN A 35 4.34 9.36 2.70
CA GLN A 35 3.68 9.64 1.42
C GLN A 35 2.59 8.59 1.14
N LEU A 36 2.95 7.29 1.33
CA LEU A 36 2.03 6.17 1.14
C LEU A 36 0.79 6.32 2.03
N SER A 37 1.00 6.87 3.26
CA SER A 37 -0.09 7.14 4.20
C SER A 37 -1.12 8.07 3.56
N LEU A 38 -0.68 9.30 3.18
CA LEU A 38 -1.58 10.37 2.64
C LEU A 38 -2.18 9.98 1.29
N ASP A 39 -1.51 9.03 0.61
CA ASP A 39 -1.90 8.50 -0.69
C ASP A 39 -3.01 7.43 -0.54
N ILE A 40 -3.01 6.71 0.60
CA ILE A 40 -4.10 5.77 0.97
C ILE A 40 -5.24 6.54 1.68
N ASN A 41 -4.92 7.64 2.39
CA ASN A 41 -5.90 8.42 3.19
C ASN A 41 -6.93 9.11 2.28
N ARG A 42 -6.56 9.35 1.01
CA ARG A 42 -7.46 9.98 0.03
C ARG A 42 -8.49 8.97 -0.53
N LEU A 43 -8.22 7.66 -0.33
CA LEU A 43 -9.13 6.56 -0.74
C LEU A 43 -10.40 6.54 0.14
N PRO A 44 -11.57 6.12 -0.45
CA PRO A 44 -12.84 5.98 0.30
C PRO A 44 -12.90 4.69 1.16
N GLY A 45 -13.90 4.61 2.05
CA GLY A 45 -14.05 3.50 3.01
C GLY A 45 -14.09 2.10 2.38
N GLU A 46 -14.54 2.02 1.11
CA GLU A 46 -14.57 0.75 0.35
C GLU A 46 -13.14 0.21 0.14
N LYS A 47 -12.25 1.09 -0.34
CA LYS A 47 -10.82 0.79 -0.56
C LYS A 47 -10.14 0.49 0.77
N LEU A 48 -10.49 1.30 1.79
CA LEU A 48 -9.93 1.21 3.15
C LEU A 48 -10.24 -0.15 3.80
N GLY A 49 -11.42 -0.70 3.47
CA GLY A 49 -11.85 -2.02 3.94
C GLY A 49 -10.95 -3.15 3.45
N ARG A 50 -10.45 -3.01 2.21
CA ARG A 50 -9.52 -4.00 1.62
C ARG A 50 -8.07 -3.75 2.08
N VAL A 51 -7.72 -2.46 2.26
CA VAL A 51 -6.39 -2.03 2.73
C VAL A 51 -6.09 -2.66 4.10
N VAL A 52 -7.02 -2.47 5.06
CA VAL A 52 -6.86 -2.97 6.44
C VAL A 52 -6.90 -4.51 6.49
N HIS A 53 -7.53 -5.15 5.50
CA HIS A 53 -7.68 -6.62 5.43
C HIS A 53 -6.29 -7.32 5.48
N ILE A 54 -5.31 -6.75 4.75
CA ILE A 54 -3.93 -7.29 4.74
C ILE A 54 -3.10 -6.78 5.95
N ILE A 55 -3.42 -5.57 6.47
CA ILE A 55 -2.70 -4.97 7.62
C ILE A 55 -2.98 -5.76 8.91
N GLN A 56 -4.24 -6.18 9.07
CA GLN A 56 -4.72 -7.00 10.20
C GLN A 56 -4.28 -8.47 10.05
N SER A 57 -3.95 -8.86 8.82
CA SER A 57 -3.32 -10.16 8.53
C SER A 57 -1.82 -10.12 8.93
N ARG A 58 -1.22 -8.91 8.90
CA ARG A 58 0.18 -8.70 9.34
C ARG A 58 0.25 -8.57 10.87
N GLU A 59 -0.78 -7.91 11.44
CA GLU A 59 -0.91 -7.65 12.88
C GLU A 59 -2.11 -8.44 13.44
N PRO A 60 -1.90 -9.75 13.85
CA PRO A 60 -2.98 -10.61 14.35
C PRO A 60 -3.59 -10.11 15.67
N SER A 61 -2.78 -9.35 16.46
CA SER A 61 -3.22 -8.80 17.76
C SER A 61 -4.24 -7.66 17.57
N LEU A 62 -3.95 -6.75 16.60
CA LEU A 62 -4.86 -5.62 16.28
C LEU A 62 -6.21 -6.14 15.77
N ARG A 63 -6.15 -7.21 14.94
CA ARG A 63 -7.34 -7.88 14.39
C ARG A 63 -8.18 -8.47 15.54
N ASP A 64 -7.50 -9.26 16.38
CA ASP A 64 -8.10 -10.06 17.46
C ASP A 64 -8.72 -9.15 18.55
N SER A 65 -8.05 -8.02 18.84
CA SER A 65 -8.41 -7.13 19.93
C SER A 65 -9.51 -6.13 19.49
N ASN A 66 -9.34 -5.51 18.31
CA ASN A 66 -10.24 -4.42 17.85
C ASN A 66 -10.51 -4.54 16.33
N PRO A 67 -11.75 -4.97 15.91
CA PRO A 67 -12.11 -5.11 14.47
C PRO A 67 -12.68 -3.84 13.81
N ASP A 68 -13.27 -2.92 14.61
CA ASP A 68 -13.99 -1.72 14.08
C ASP A 68 -13.07 -0.50 13.95
N GLU A 69 -12.17 -0.30 14.94
CA GLU A 69 -11.09 0.71 14.87
C GLU A 69 -9.78 -0.01 14.56
N ILE A 70 -9.24 0.26 13.36
CA ILE A 70 -8.01 -0.37 12.86
C ILE A 70 -6.94 0.70 12.62
N GLU A 71 -5.77 0.52 13.25
CA GLU A 71 -4.62 1.44 13.13
C GLU A 71 -3.58 0.82 12.18
N ILE A 72 -3.14 1.60 11.19
CA ILE A 72 -2.10 1.17 10.24
C ILE A 72 -0.77 1.86 10.62
N ASP A 73 0.18 1.06 11.12
CA ASP A 73 1.52 1.52 11.55
C ASP A 73 2.51 1.22 10.41
N PHE A 74 2.78 2.21 9.55
CA PHE A 74 3.65 2.01 8.36
C PHE A 74 5.13 1.86 8.75
N GLU A 75 5.57 2.50 9.86
CA GLU A 75 7.02 2.57 10.22
C GLU A 75 7.56 1.18 10.60
N THR A 76 6.72 0.34 11.25
CA THR A 76 7.10 -1.03 11.64
C THR A 76 6.62 -2.07 10.60
N LEU A 77 5.67 -1.67 9.73
CA LEU A 77 5.15 -2.54 8.64
C LEU A 77 6.27 -2.94 7.67
N LYS A 78 6.14 -4.15 7.13
CA LYS A 78 7.11 -4.72 6.20
C LYS A 78 6.93 -4.07 4.81
N PRO A 79 8.04 -3.62 4.13
CA PRO A 79 8.00 -2.99 2.79
C PRO A 79 7.24 -3.82 1.73
N THR A 80 7.15 -5.15 1.96
CA THR A 80 6.40 -6.07 1.09
C THR A 80 4.88 -5.81 1.17
N THR A 81 4.36 -5.63 2.41
CA THR A 81 2.96 -5.25 2.67
C THR A 81 2.68 -3.87 2.08
N LEU A 82 3.65 -2.97 2.27
CA LEU A 82 3.58 -1.57 1.84
C LEU A 82 3.64 -1.45 0.31
N ARG A 83 4.28 -2.45 -0.33
CA ARG A 83 4.36 -2.56 -1.79
C ARG A 83 3.00 -3.02 -2.34
N GLU A 84 2.32 -3.93 -1.58
CA GLU A 84 0.95 -4.38 -1.90
C GLU A 84 -0.03 -3.20 -1.84
N LEU A 85 0.12 -2.39 -0.76
CA LEU A 85 -0.63 -1.14 -0.56
C LEU A 85 -0.40 -0.18 -1.73
N GLU A 86 0.89 -0.07 -2.13
CA GLU A 86 1.38 0.87 -3.16
C GLU A 86 0.77 0.55 -4.54
N ARG A 87 0.99 -0.68 -5.04
CA ARG A 87 0.51 -1.07 -6.38
C ARG A 87 -1.02 -1.17 -6.44
N TYR A 88 -1.66 -1.35 -5.26
CA TYR A 88 -3.12 -1.33 -5.14
C TYR A 88 -3.66 0.11 -5.34
N VAL A 89 -3.14 1.07 -4.56
CA VAL A 89 -3.64 2.46 -4.58
C VAL A 89 -3.32 3.14 -5.92
N LYS A 90 -2.21 2.74 -6.57
CA LYS A 90 -1.86 3.26 -7.90
C LYS A 90 -2.84 2.74 -8.97
N SER A 91 -3.34 1.50 -8.76
CA SER A 91 -4.36 0.87 -9.61
C SER A 91 -5.77 1.45 -9.32
N CYS A 92 -5.96 2.02 -8.11
CA CYS A 92 -7.24 2.64 -7.70
C CYS A 92 -7.38 4.05 -8.29
N LEU A 93 -6.33 4.88 -8.09
CA LEU A 93 -6.32 6.29 -8.53
C LEU A 93 -6.32 6.40 -10.06
N GLN A 94 -5.45 5.59 -10.69
CA GLN A 94 -5.23 5.58 -12.14
C GLN A 94 -4.86 4.14 -12.57
N LYS A 95 -4.29 4.01 -13.77
CA LYS A 95 -3.57 2.79 -14.21
C LYS A 95 -2.04 3.07 -14.15
N LYS A 96 -1.71 4.37 -14.16
CA LYS A 96 -0.32 4.87 -14.09
C LYS A 96 0.26 4.68 -12.68
N SER B 1 -27.26 -1.10 4.28
CA SER B 1 -26.71 0.17 4.71
C SER B 1 -25.85 -0.03 5.98
N ARG B 2 -24.57 0.43 5.94
CA ARG B 2 -23.60 0.23 7.03
C ARG B 2 -22.91 1.56 7.38
N LEU B 3 -22.07 1.55 8.42
CA LEU B 3 -21.31 2.73 8.84
C LEU B 3 -20.03 2.85 7.99
N THR B 4 -20.03 3.81 7.06
CA THR B 4 -18.89 4.08 6.19
C THR B 4 -17.82 4.87 6.96
N TRP B 5 -16.76 4.17 7.41
CA TRP B 5 -15.63 4.75 8.18
C TRP B 5 -14.66 5.53 7.27
N ARG B 6 -13.73 6.27 7.90
CA ARG B 6 -12.65 6.98 7.21
C ARG B 6 -11.39 7.04 8.10
N VAL B 7 -10.28 7.43 7.48
CA VAL B 7 -8.99 7.60 8.15
C VAL B 7 -8.91 8.98 8.83
N GLN B 8 -8.42 9.00 10.07
CA GLN B 8 -7.93 10.21 10.73
C GLN B 8 -6.40 10.11 10.86
N ARG B 9 -5.69 11.21 10.55
CA ARG B 9 -4.25 11.35 10.78
C ARG B 9 -4.01 11.36 12.32
N SER B 10 -3.40 10.28 12.84
CA SER B 10 -3.13 10.10 14.28
C SER B 10 -2.03 11.07 14.77
N GLN B 11 -1.54 10.87 16.02
CA GLN B 11 -0.48 11.71 16.64
C GLN B 11 0.70 11.97 15.67
N ASN B 12 1.15 10.89 15.00
CA ASN B 12 2.32 10.93 14.11
C ASN B 12 1.92 11.41 12.70
N PRO B 13 2.78 12.23 12.00
CA PRO B 13 2.56 12.68 10.58
C PRO B 13 2.84 11.56 9.54
N LEU B 14 2.47 10.32 9.89
CA LEU B 14 2.86 9.11 9.16
C LEU B 14 1.82 8.02 9.46
N LYS B 15 1.62 7.73 10.76
CA LYS B 15 0.76 6.62 11.20
C LYS B 15 -0.67 7.10 11.41
N ILE B 16 -1.64 6.22 11.11
CA ILE B 16 -3.06 6.57 11.02
C ILE B 16 -3.93 5.57 11.78
N ARG B 17 -5.15 6.00 12.09
CA ARG B 17 -6.22 5.15 12.63
C ARG B 17 -7.49 5.42 11.85
N LEU B 18 -8.12 4.37 11.33
CA LEU B 18 -9.45 4.45 10.72
C LEU B 18 -10.48 4.56 11.84
N THR B 19 -10.94 5.79 12.08
CA THR B 19 -11.94 6.09 13.09
C THR B 19 -13.34 5.67 12.57
N ARG B 20 -14.14 5.12 13.47
CA ARG B 20 -15.48 4.59 13.16
C ARG B 20 -16.52 5.61 13.68
N GLU B 21 -17.18 6.32 12.75
CA GLU B 21 -18.23 7.30 13.08
C GLU B 21 -19.59 6.60 13.26
N ALA B 22 -20.42 7.18 14.12
CA ALA B 22 -21.75 6.69 14.45
C ALA B 22 -22.74 7.88 14.42
N PRO B 23 -23.81 7.83 13.55
CA PRO B 23 -24.80 8.93 13.40
C PRO B 23 -25.82 8.98 14.59
N HIS A 1 25.01 -76.65 -28.52
CA HIS A 1 25.30 -75.44 -27.72
C HIS A 1 25.44 -74.23 -28.65
N HIS A 2 24.63 -73.20 -28.40
CA HIS A 2 24.67 -71.92 -29.13
C HIS A 2 24.52 -70.77 -28.13
N HIS A 3 25.66 -70.24 -27.65
CA HIS A 3 25.67 -69.12 -26.70
C HIS A 3 25.57 -67.78 -27.46
N HIS A 4 24.46 -67.07 -27.27
CA HIS A 4 24.19 -65.77 -27.91
C HIS A 4 24.62 -64.61 -26.99
N HIS A 5 24.35 -63.37 -27.43
CA HIS A 5 24.61 -62.14 -26.66
C HIS A 5 23.39 -61.21 -26.78
N HIS A 6 22.88 -60.73 -25.62
CA HIS A 6 21.68 -59.86 -25.57
C HIS A 6 21.82 -58.84 -24.43
N SER A 7 21.27 -57.62 -24.64
CA SER A 7 21.30 -56.52 -23.66
C SER A 7 20.36 -55.39 -24.11
N HIS A 8 19.98 -54.50 -23.18
CA HIS A 8 19.11 -53.36 -23.47
C HIS A 8 19.64 -52.10 -22.74
N MET A 9 19.63 -50.96 -23.44
CA MET A 9 20.06 -49.65 -22.90
C MET A 9 18.87 -48.67 -22.94
N GLY A 10 18.47 -48.16 -21.78
CA GLY A 10 17.37 -47.20 -21.67
C GLY A 10 17.43 -46.45 -20.34
N LYS A 11 17.50 -45.11 -20.41
CA LYS A 11 17.68 -44.25 -19.22
C LYS A 11 17.08 -42.86 -19.49
N GLN A 12 16.44 -42.28 -18.46
CA GLN A 12 15.90 -40.91 -18.50
C GLN A 12 15.62 -40.42 -17.07
N ALA A 13 16.06 -39.20 -16.76
CA ALA A 13 15.89 -38.58 -15.43
C ALA A 13 15.79 -37.05 -15.58
N SER A 14 14.65 -36.48 -15.16
CA SER A 14 14.39 -35.03 -15.25
C SER A 14 13.51 -34.58 -14.07
N ALA A 15 14.15 -34.06 -13.00
CA ALA A 15 13.43 -33.61 -11.79
C ALA A 15 14.15 -32.40 -11.18
N SER A 16 13.54 -31.21 -11.31
CA SER A 16 14.06 -29.96 -10.76
C SER A 16 12.96 -29.29 -9.94
N TYR A 17 13.09 -29.36 -8.60
CA TYR A 17 12.14 -28.79 -7.65
C TYR A 17 12.82 -27.67 -6.84
N ASP A 18 12.58 -26.41 -7.23
CA ASP A 18 13.13 -25.24 -6.54
C ASP A 18 12.41 -25.05 -5.18
N SER A 19 13.09 -25.50 -4.11
CA SER A 19 12.51 -25.58 -2.75
C SER A 19 12.60 -24.23 -2.02
N GLU A 20 13.74 -23.54 -2.20
CA GLU A 20 14.07 -22.28 -1.52
C GLU A 20 13.14 -21.14 -1.98
N GLU A 21 13.01 -20.11 -1.13
CA GLU A 21 12.22 -18.92 -1.38
C GLU A 21 12.93 -17.72 -0.76
N GLU A 22 12.79 -16.56 -1.38
CA GLU A 22 13.48 -15.32 -0.99
C GLU A 22 12.47 -14.17 -0.91
N GLU A 23 12.72 -13.24 0.01
CA GLU A 23 12.00 -11.97 0.10
C GLU A 23 13.01 -10.84 -0.06
N GLU A 24 12.67 -9.84 -0.90
CA GLU A 24 13.49 -8.64 -1.07
C GLU A 24 13.52 -7.84 0.24
N GLY A 25 12.31 -7.44 0.70
CA GLY A 25 12.16 -6.64 1.93
C GLY A 25 12.98 -5.36 1.87
N LEU A 26 12.97 -4.71 0.68
CA LEU A 26 13.77 -3.50 0.39
C LEU A 26 13.43 -2.37 1.36
N PRO A 27 14.41 -1.48 1.72
CA PRO A 27 14.16 -0.40 2.71
C PRO A 27 13.17 0.65 2.16
N MET A 28 11.89 0.53 2.59
CA MET A 28 10.86 1.54 2.30
C MET A 28 11.23 2.80 3.09
N SER A 29 11.49 3.89 2.38
CA SER A 29 11.95 5.16 2.98
C SER A 29 10.77 5.85 3.69
N TYR A 30 11.13 6.69 4.69
CA TYR A 30 10.17 7.43 5.54
C TYR A 30 9.27 8.35 4.68
N ASP A 31 9.89 8.93 3.62
CA ASP A 31 9.19 9.76 2.62
C ASP A 31 8.08 8.98 1.89
N GLU A 32 8.40 7.74 1.48
CA GLU A 32 7.46 6.86 0.74
C GLU A 32 6.28 6.43 1.62
N LYS A 33 6.51 6.30 2.94
CA LYS A 33 5.45 5.95 3.90
C LYS A 33 4.55 7.18 4.22
N ARG A 34 5.12 8.40 4.10
CA ARG A 34 4.37 9.66 4.26
C ARG A 34 3.50 9.92 3.03
N GLN A 35 4.06 9.64 1.84
CA GLN A 35 3.33 9.74 0.57
C GLN A 35 2.20 8.68 0.55
N LEU A 36 2.53 7.48 1.07
CA LEU A 36 1.57 6.37 1.21
C LEU A 36 0.39 6.77 2.11
N SER A 37 0.64 7.62 3.11
CA SER A 37 -0.40 8.15 4.01
C SER A 37 -1.44 8.97 3.20
N LEU A 38 -0.96 9.96 2.41
CA LEU A 38 -1.83 10.80 1.55
C LEU A 38 -2.56 9.93 0.49
N ASP A 39 -1.83 8.92 0.00
CA ASP A 39 -2.33 7.97 -1.02
C ASP A 39 -3.47 7.10 -0.45
N ILE A 40 -3.35 6.68 0.81
CA ILE A 40 -4.38 5.85 1.47
C ILE A 40 -5.60 6.70 1.81
N ASN A 41 -5.34 7.91 2.31
CA ASN A 41 -6.39 8.83 2.81
C ASN A 41 -7.26 9.40 1.67
N ARG A 42 -6.71 9.50 0.44
CA ARG A 42 -7.45 10.08 -0.71
C ARG A 42 -8.50 9.08 -1.28
N LEU A 43 -8.36 7.79 -0.93
CA LEU A 43 -9.30 6.73 -1.38
C LEU A 43 -10.30 6.37 -0.24
N PRO A 44 -11.57 5.95 -0.59
CA PRO A 44 -12.72 5.82 0.36
C PRO A 44 -12.60 4.69 1.42
N GLY A 45 -13.69 4.55 2.23
CA GLY A 45 -13.75 3.60 3.35
C GLY A 45 -13.78 2.13 2.92
N GLU A 46 -14.27 1.86 1.70
CA GLU A 46 -14.22 0.51 1.07
C GLU A 46 -12.75 0.08 0.84
N LYS A 47 -11.92 1.06 0.44
CA LYS A 47 -10.48 0.88 0.24
C LYS A 47 -9.81 0.60 1.59
N LEU A 48 -10.20 1.38 2.61
CA LEU A 48 -9.71 1.22 4.00
C LEU A 48 -10.09 -0.16 4.56
N GLY A 49 -11.25 -0.68 4.10
CA GLY A 49 -11.73 -2.02 4.46
C GLY A 49 -10.87 -3.13 3.83
N ARG A 50 -10.39 -2.88 2.59
CA ARG A 50 -9.49 -3.84 1.90
C ARG A 50 -8.06 -3.74 2.46
N VAL A 51 -7.68 -2.54 2.90
CA VAL A 51 -6.37 -2.27 3.52
C VAL A 51 -6.25 -3.08 4.82
N VAL A 52 -7.26 -2.98 5.71
CA VAL A 52 -7.25 -3.78 6.96
C VAL A 52 -7.35 -5.28 6.65
N HIS A 53 -8.02 -5.65 5.56
CA HIS A 53 -8.15 -7.07 5.19
C HIS A 53 -6.76 -7.70 4.92
N ILE A 54 -5.87 -6.96 4.22
CA ILE A 54 -4.49 -7.45 3.90
C ILE A 54 -3.46 -7.17 5.04
N ILE A 55 -3.64 -6.05 5.77
CA ILE A 55 -2.72 -5.65 6.87
C ILE A 55 -2.95 -6.55 8.09
N GLN A 56 -4.22 -6.72 8.45
CA GLN A 56 -4.65 -7.54 9.60
C GLN A 56 -4.53 -9.05 9.29
N SER A 57 -4.43 -9.40 8.00
CA SER A 57 -4.06 -10.76 7.56
C SER A 57 -2.61 -11.08 8.00
N ARG A 58 -1.78 -10.03 8.11
CA ARG A 58 -0.41 -10.13 8.65
C ARG A 58 -0.45 -9.90 10.19
N GLU A 59 -1.37 -9.01 10.64
CA GLU A 59 -1.48 -8.56 12.06
C GLU A 59 -2.84 -8.95 12.67
N PRO A 60 -2.98 -10.20 13.23
CA PRO A 60 -4.23 -10.65 13.89
C PRO A 60 -4.45 -9.97 15.27
N SER A 61 -3.39 -9.35 15.80
CA SER A 61 -3.36 -8.75 17.14
C SER A 61 -4.41 -7.62 17.30
N LEU A 62 -4.35 -6.60 16.42
CA LEU A 62 -5.25 -5.42 16.48
C LEU A 62 -6.66 -5.76 15.95
N ARG A 63 -6.75 -6.86 15.19
CA ARG A 63 -7.97 -7.31 14.49
C ARG A 63 -9.10 -7.64 15.49
N ASP A 64 -8.74 -8.34 16.58
CA ASP A 64 -9.69 -8.74 17.63
C ASP A 64 -9.73 -7.68 18.76
N SER A 65 -8.57 -7.05 19.05
CA SER A 65 -8.43 -6.07 20.15
C SER A 65 -9.38 -4.88 19.98
N ASN A 66 -9.35 -4.28 18.79
CA ASN A 66 -10.19 -3.14 18.44
C ASN A 66 -10.63 -3.27 16.97
N PRO A 67 -11.81 -3.92 16.70
CA PRO A 67 -12.39 -3.98 15.34
C PRO A 67 -12.90 -2.61 14.87
N ASP A 68 -13.22 -1.75 15.84
CA ASP A 68 -13.76 -0.40 15.62
C ASP A 68 -12.64 0.59 15.28
N GLU A 69 -11.53 0.55 16.06
CA GLU A 69 -10.39 1.48 15.87
C GLU A 69 -9.14 0.66 15.50
N ILE A 70 -8.72 0.75 14.23
CA ILE A 70 -7.56 0.01 13.71
C ILE A 70 -6.48 1.02 13.29
N GLU A 71 -5.35 1.01 14.01
CA GLU A 71 -4.23 1.92 13.75
C GLU A 71 -3.15 1.17 12.95
N ILE A 72 -3.03 1.54 11.67
CA ILE A 72 -2.09 0.92 10.73
C ILE A 72 -0.81 1.76 10.68
N ASP A 73 0.28 1.20 11.24
CA ASP A 73 1.55 1.91 11.44
C ASP A 73 2.63 1.36 10.48
N PHE A 74 3.04 2.21 9.53
CA PHE A 74 3.89 1.81 8.40
C PHE A 74 5.35 1.60 8.80
N GLU A 75 5.85 2.38 9.79
CA GLU A 75 7.27 2.38 10.17
C GLU A 75 7.74 1.04 10.77
N THR A 76 6.81 0.32 11.45
CA THR A 76 7.09 -1.03 11.97
C THR A 76 6.68 -2.12 10.96
N LEU A 77 5.59 -1.87 10.19
CA LEU A 77 5.06 -2.83 9.20
C LEU A 77 6.11 -3.16 8.12
N LYS A 78 6.03 -4.42 7.64
CA LYS A 78 6.94 -4.98 6.64
C LYS A 78 6.85 -4.14 5.35
N PRO A 79 8.00 -3.70 4.75
CA PRO A 79 8.02 -2.93 3.46
C PRO A 79 7.31 -3.67 2.30
N THR A 80 7.17 -5.00 2.45
CA THR A 80 6.47 -5.86 1.49
C THR A 80 4.94 -5.82 1.69
N THR A 81 4.50 -5.63 2.94
CA THR A 81 3.08 -5.46 3.28
C THR A 81 2.62 -4.02 2.92
N LEU A 82 3.59 -3.08 2.98
CA LEU A 82 3.40 -1.67 2.57
C LEU A 82 3.43 -1.53 1.04
N ARG A 83 4.21 -2.43 0.42
CA ARG A 83 4.29 -2.57 -1.05
C ARG A 83 2.89 -2.79 -1.63
N GLU A 84 2.14 -3.70 -0.97
CA GLU A 84 0.75 -4.04 -1.33
C GLU A 84 -0.18 -2.82 -1.32
N LEU A 85 0.02 -1.95 -0.31
CA LEU A 85 -0.75 -0.70 -0.15
C LEU A 85 -0.44 0.30 -1.28
N GLU A 86 0.86 0.41 -1.61
CA GLU A 86 1.38 1.39 -2.56
C GLU A 86 0.93 1.05 -4.00
N ARG A 87 1.24 -0.17 -4.47
CA ARG A 87 0.91 -0.63 -5.83
C ARG A 87 -0.61 -0.63 -6.08
N TYR A 88 -1.39 -0.78 -4.99
CA TYR A 88 -2.86 -0.75 -5.04
C TYR A 88 -3.35 0.64 -5.47
N VAL A 89 -3.02 1.64 -4.64
CA VAL A 89 -3.53 3.00 -4.79
C VAL A 89 -2.98 3.68 -6.06
N LYS A 90 -1.69 3.50 -6.32
CA LYS A 90 -1.03 4.11 -7.49
C LYS A 90 -1.66 3.61 -8.81
N SER A 91 -2.08 2.34 -8.83
CA SER A 91 -2.80 1.77 -9.99
C SER A 91 -4.23 2.35 -10.09
N CYS A 92 -4.86 2.56 -8.92
CA CYS A 92 -6.22 3.12 -8.84
C CYS A 92 -6.27 4.58 -9.35
N LEU A 93 -5.16 5.32 -9.17
CA LEU A 93 -5.03 6.73 -9.59
C LEU A 93 -4.63 6.83 -11.07
N GLN A 94 -3.69 5.98 -11.48
CA GLN A 94 -3.11 5.96 -12.84
C GLN A 94 -2.71 4.51 -13.19
N LYS A 95 -2.95 4.08 -14.46
CA LYS A 95 -2.79 2.68 -14.89
C LYS A 95 -1.33 2.19 -14.68
N LYS A 96 -1.12 1.50 -13.52
CA LYS A 96 0.19 0.94 -13.04
C LYS A 96 1.39 1.88 -13.28
N SER B 1 -25.39 -4.41 7.78
CA SER B 1 -25.03 -3.25 6.99
C SER B 1 -23.51 -3.04 7.03
N ARG B 2 -22.92 -2.70 5.87
CA ARG B 2 -21.50 -2.31 5.78
C ARG B 2 -21.37 -0.84 6.22
N LEU B 3 -20.89 -0.61 7.46
CA LEU B 3 -20.73 0.74 8.00
C LEU B 3 -19.49 1.41 7.37
N THR B 4 -19.69 2.64 6.89
CA THR B 4 -18.62 3.49 6.36
C THR B 4 -17.78 4.07 7.53
N TRP B 5 -16.47 4.22 7.32
CA TRP B 5 -15.57 4.81 8.32
C TRP B 5 -14.60 5.76 7.63
N ARG B 6 -13.96 6.61 8.44
CA ARG B 6 -13.02 7.62 7.96
C ARG B 6 -11.60 7.29 8.42
N VAL B 7 -10.62 7.81 7.69
CA VAL B 7 -9.20 7.70 8.05
C VAL B 7 -8.73 9.04 8.60
N GLN B 8 -8.64 9.12 9.94
CA GLN B 8 -8.00 10.26 10.61
C GLN B 8 -6.50 9.95 10.78
N ARG B 9 -5.70 10.97 10.96
CA ARG B 9 -4.24 10.84 11.12
C ARG B 9 -3.87 11.07 12.59
N SER B 10 -2.83 10.38 13.07
CA SER B 10 -2.27 10.62 14.41
C SER B 10 -1.26 11.80 14.34
N GLN B 11 -0.39 11.95 15.36
CA GLN B 11 0.67 12.98 15.36
C GLN B 11 1.63 12.78 14.17
N ASN B 12 1.90 11.51 13.83
CA ASN B 12 2.78 11.13 12.71
C ASN B 12 1.92 10.45 11.61
N PRO B 13 2.00 10.91 10.30
CA PRO B 13 1.24 10.30 9.16
C PRO B 13 1.44 8.79 8.95
N LEU B 14 2.56 8.25 9.47
CA LEU B 14 2.88 6.80 9.32
C LEU B 14 1.90 5.92 10.11
N LYS B 15 1.29 6.47 11.17
CA LYS B 15 0.17 5.80 11.86
C LYS B 15 -1.14 6.50 11.47
N ILE B 16 -1.84 5.92 10.49
CA ILE B 16 -3.23 6.27 10.18
C ILE B 16 -4.16 5.55 11.18
N ARG B 17 -5.35 6.10 11.39
CA ARG B 17 -6.28 5.62 12.42
C ARG B 17 -7.68 5.51 11.83
N LEU B 18 -8.17 4.28 11.67
CA LEU B 18 -9.48 3.98 11.10
C LEU B 18 -10.49 3.80 12.24
N THR B 19 -11.24 4.86 12.54
CA THR B 19 -12.25 4.86 13.61
C THR B 19 -13.63 4.56 13.04
N ARG B 20 -14.36 3.63 13.69
CA ARG B 20 -15.74 3.31 13.36
C ARG B 20 -16.64 4.51 13.63
N GLU B 21 -17.15 5.10 12.55
CA GLU B 21 -18.14 6.17 12.60
C GLU B 21 -19.52 5.55 12.39
N ALA B 22 -20.48 5.92 13.23
CA ALA B 22 -21.88 5.47 13.12
C ALA B 22 -22.69 6.47 12.26
N PRO B 23 -23.60 6.00 11.34
CA PRO B 23 -24.43 6.89 10.49
C PRO B 23 -25.45 7.71 11.32
N HIS A 1 10.73 15.30 -69.70
CA HIS A 1 11.01 14.23 -68.71
C HIS A 1 10.94 14.79 -67.28
N HIS A 2 10.07 14.19 -66.45
CA HIS A 2 10.02 14.47 -65.00
C HIS A 2 10.07 13.13 -64.24
N HIS A 3 10.77 13.13 -63.10
CA HIS A 3 10.99 11.95 -62.27
C HIS A 3 11.05 12.39 -60.80
N HIS A 4 9.87 12.50 -60.18
CA HIS A 4 9.74 12.79 -58.73
C HIS A 4 10.32 11.66 -57.88
N HIS A 5 10.79 12.00 -56.68
CA HIS A 5 11.44 11.04 -55.77
C HIS A 5 10.48 10.71 -54.63
N HIS A 6 10.04 9.45 -54.57
CA HIS A 6 9.18 8.97 -53.48
C HIS A 6 10.02 8.77 -52.21
N SER A 7 9.76 9.60 -51.19
CA SER A 7 10.42 9.48 -49.88
C SER A 7 9.96 8.18 -49.18
N HIS A 8 10.87 7.20 -49.07
CA HIS A 8 10.63 5.93 -48.39
C HIS A 8 11.87 5.60 -47.51
N MET A 9 11.65 5.62 -46.18
CA MET A 9 12.68 5.34 -45.18
C MET A 9 12.01 5.25 -43.80
N GLY A 10 11.87 4.02 -43.28
CA GLY A 10 11.30 3.78 -41.96
C GLY A 10 12.39 3.42 -40.95
N LYS A 11 12.14 3.73 -39.67
CA LYS A 11 13.08 3.44 -38.58
C LYS A 11 12.79 2.06 -37.96
N GLN A 12 13.38 1.80 -36.79
CA GLN A 12 13.16 0.57 -36.00
C GLN A 12 13.02 0.93 -34.52
N ALA A 13 12.36 0.04 -33.75
CA ALA A 13 12.11 0.25 -32.32
C ALA A 13 12.48 -1.00 -31.51
N SER A 14 12.58 -0.84 -30.19
CA SER A 14 12.94 -1.91 -29.25
C SER A 14 11.85 -2.00 -28.16
N ALA A 15 11.20 -3.18 -28.05
CA ALA A 15 10.05 -3.39 -27.15
C ALA A 15 10.52 -3.76 -25.73
N SER A 16 10.31 -2.83 -24.78
CA SER A 16 10.56 -3.07 -23.36
C SER A 16 9.39 -3.86 -22.73
N TYR A 17 9.70 -4.70 -21.74
CA TYR A 17 8.73 -5.55 -21.03
C TYR A 17 9.28 -5.87 -19.62
N ASP A 18 8.60 -6.78 -18.90
CA ASP A 18 9.11 -7.33 -17.63
C ASP A 18 8.96 -8.85 -17.66
N SER A 19 9.78 -9.54 -16.86
CA SER A 19 9.84 -11.02 -16.84
C SER A 19 9.55 -11.60 -15.45
N GLU A 20 9.47 -10.72 -14.45
CA GLU A 20 9.40 -11.11 -13.03
C GLU A 20 8.84 -9.97 -12.15
N GLU A 21 8.35 -10.32 -10.95
CA GLU A 21 7.90 -9.36 -9.92
C GLU A 21 7.62 -10.11 -8.60
N GLU A 22 8.13 -9.55 -7.49
CA GLU A 22 7.96 -10.12 -6.15
C GLU A 22 7.83 -9.01 -5.08
N GLU A 23 7.17 -9.35 -3.97
CA GLU A 23 7.11 -8.54 -2.74
C GLU A 23 8.42 -8.71 -1.93
N GLU A 24 9.56 -8.40 -2.58
CA GLU A 24 10.92 -8.70 -2.08
C GLU A 24 11.20 -8.20 -0.65
N GLY A 25 10.52 -7.11 -0.26
CA GLY A 25 10.76 -6.45 1.02
C GLY A 25 11.91 -5.46 0.93
N LEU A 26 11.96 -4.75 -0.21
CA LEU A 26 12.95 -3.71 -0.49
C LEU A 26 12.83 -2.54 0.53
N PRO A 27 13.97 -1.83 0.84
CA PRO A 27 13.98 -0.74 1.85
C PRO A 27 13.07 0.44 1.43
N MET A 28 11.89 0.53 2.06
CA MET A 28 10.93 1.63 1.83
C MET A 28 11.40 2.88 2.59
N SER A 29 11.59 3.99 1.86
CA SER A 29 11.97 5.28 2.48
C SER A 29 10.83 5.81 3.36
N TYR A 30 11.21 6.60 4.38
CA TYR A 30 10.27 7.20 5.36
C TYR A 30 9.19 8.06 4.64
N ASP A 31 9.64 8.80 3.63
CA ASP A 31 8.80 9.72 2.84
C ASP A 31 7.79 8.95 1.96
N GLU A 32 8.16 7.73 1.54
CA GLU A 32 7.26 6.85 0.76
C GLU A 32 6.06 6.41 1.61
N LYS A 33 6.33 6.17 2.91
CA LYS A 33 5.30 5.73 3.87
C LYS A 33 4.40 6.93 4.27
N ARG A 34 4.99 8.15 4.28
CA ARG A 34 4.24 9.39 4.53
C ARG A 34 3.22 9.60 3.41
N GLN A 35 3.72 9.62 2.16
CA GLN A 35 2.89 9.82 0.96
C GLN A 35 1.84 8.70 0.83
N LEU A 36 2.23 7.48 1.19
CA LEU A 36 1.33 6.30 1.20
C LEU A 36 0.14 6.56 2.16
N SER A 37 0.45 7.10 3.34
CA SER A 37 -0.54 7.44 4.38
C SER A 37 -1.47 8.59 3.93
N LEU A 38 -0.86 9.60 3.27
CA LEU A 38 -1.57 10.79 2.76
C LEU A 38 -2.51 10.42 1.59
N ASP A 39 -2.12 9.39 0.83
CA ASP A 39 -2.83 8.97 -0.40
C ASP A 39 -3.99 8.00 -0.07
N ILE A 40 -3.74 7.06 0.86
CA ILE A 40 -4.78 6.13 1.38
C ILE A 40 -5.89 6.93 2.12
N ASN A 41 -5.50 8.10 2.63
CA ASN A 41 -6.42 9.05 3.29
C ASN A 41 -7.54 9.53 2.33
N ARG A 42 -7.19 9.76 1.03
CA ARG A 42 -8.16 10.24 0.01
C ARG A 42 -8.87 9.08 -0.71
N LEU A 43 -8.36 7.84 -0.53
CA LEU A 43 -9.02 6.62 -1.06
C LEU A 43 -10.39 6.40 -0.35
N PRO A 44 -11.45 5.98 -1.11
CA PRO A 44 -12.81 5.78 -0.54
C PRO A 44 -12.89 4.54 0.38
N GLY A 45 -14.08 4.37 1.02
CA GLY A 45 -14.30 3.35 2.05
C GLY A 45 -14.13 1.91 1.56
N GLU A 46 -14.44 1.67 0.28
CA GLU A 46 -14.24 0.36 -0.37
C GLU A 46 -12.75 -0.04 -0.36
N LYS A 47 -11.88 0.96 -0.58
CA LYS A 47 -10.43 0.76 -0.55
C LYS A 47 -9.94 0.57 0.89
N LEU A 48 -10.48 1.36 1.84
CA LEU A 48 -10.11 1.28 3.28
C LEU A 48 -10.44 -0.11 3.87
N GLY A 49 -11.58 -0.67 3.41
CA GLY A 49 -12.03 -2.00 3.83
C GLY A 49 -11.13 -3.13 3.31
N ARG A 50 -10.52 -2.90 2.14
CA ARG A 50 -9.58 -3.86 1.52
C ARG A 50 -8.15 -3.70 2.11
N VAL A 51 -7.78 -2.45 2.44
CA VAL A 51 -6.48 -2.11 3.05
C VAL A 51 -6.33 -2.86 4.38
N VAL A 52 -7.37 -2.76 5.24
CA VAL A 52 -7.36 -3.44 6.55
C VAL A 52 -7.37 -4.97 6.41
N HIS A 53 -7.92 -5.49 5.30
CA HIS A 53 -8.04 -6.95 5.10
C HIS A 53 -6.65 -7.61 5.02
N ILE A 54 -5.70 -6.93 4.34
CA ILE A 54 -4.31 -7.40 4.24
C ILE A 54 -3.45 -6.97 5.47
N ILE A 55 -3.82 -5.85 6.15
CA ILE A 55 -3.05 -5.35 7.32
C ILE A 55 -3.37 -6.17 8.58
N GLN A 56 -4.64 -6.56 8.75
CA GLN A 56 -5.11 -7.28 9.94
C GLN A 56 -4.74 -8.78 9.86
N SER A 57 -4.59 -9.31 8.65
CA SER A 57 -4.06 -10.68 8.44
C SER A 57 -2.51 -10.69 8.57
N ARG A 58 -1.90 -9.49 8.42
CA ARG A 58 -0.45 -9.29 8.56
C ARG A 58 -0.11 -9.26 10.07
N GLU A 59 -0.69 -8.28 10.78
CA GLU A 59 -0.57 -8.14 12.24
C GLU A 59 -1.91 -8.60 12.88
N PRO A 60 -1.92 -9.72 13.67
CA PRO A 60 -3.13 -10.19 14.38
C PRO A 60 -3.40 -9.46 15.71
N SER A 61 -2.75 -8.29 15.93
CA SER A 61 -2.75 -7.59 17.23
C SER A 61 -4.08 -6.80 17.42
N LEU A 62 -4.35 -5.89 16.48
CA LEU A 62 -5.59 -5.08 16.44
C LEU A 62 -6.68 -5.83 15.67
N ARG A 63 -6.28 -6.84 14.88
CA ARG A 63 -7.20 -7.75 14.17
C ARG A 63 -8.24 -8.34 15.14
N ASP A 64 -7.73 -8.86 16.25
CA ASP A 64 -8.55 -9.51 17.28
C ASP A 64 -9.23 -8.45 18.17
N SER A 65 -8.39 -7.59 18.79
CA SER A 65 -8.81 -6.67 19.87
C SER A 65 -9.73 -5.55 19.35
N ASN A 66 -9.32 -4.86 18.27
CA ASN A 66 -9.98 -3.63 17.77
C ASN A 66 -10.32 -3.76 16.27
N PRO A 67 -11.47 -4.42 15.91
CA PRO A 67 -11.86 -4.67 14.49
C PRO A 67 -12.67 -3.49 13.88
N ASP A 68 -12.79 -2.40 14.65
CA ASP A 68 -13.52 -1.19 14.26
C ASP A 68 -12.58 0.03 14.26
N GLU A 69 -11.80 0.21 15.35
CA GLU A 69 -10.78 1.27 15.43
C GLU A 69 -9.40 0.65 15.22
N ILE A 70 -8.79 0.90 14.05
CA ILE A 70 -7.54 0.24 13.63
C ILE A 70 -6.50 1.31 13.33
N GLU A 71 -5.40 1.34 14.08
CA GLU A 71 -4.25 2.21 13.80
C GLU A 71 -3.22 1.44 12.97
N ILE A 72 -3.13 1.76 11.67
CA ILE A 72 -2.19 1.13 10.74
C ILE A 72 -0.88 1.95 10.73
N ASP A 73 0.20 1.36 11.28
CA ASP A 73 1.52 2.01 11.41
C ASP A 73 2.40 1.62 10.22
N PHE A 74 2.43 2.47 9.18
CA PHE A 74 3.25 2.21 7.97
C PHE A 74 4.77 2.19 8.29
N GLU A 75 5.12 2.94 9.34
CA GLU A 75 6.50 3.09 9.85
C GLU A 75 7.17 1.75 10.20
N THR A 76 6.36 0.80 10.71
CA THR A 76 6.85 -0.50 11.24
C THR A 76 6.13 -1.68 10.56
N LEU A 77 5.30 -1.39 9.53
CA LEU A 77 4.72 -2.45 8.67
C LEU A 77 5.83 -3.19 7.91
N LYS A 78 5.58 -4.46 7.61
CA LYS A 78 6.52 -5.31 6.86
C LYS A 78 6.69 -4.72 5.44
N PRO A 79 7.96 -4.44 4.97
CA PRO A 79 8.20 -3.79 3.63
C PRO A 79 7.68 -4.64 2.45
N THR A 80 7.43 -5.92 2.72
CA THR A 80 6.78 -6.87 1.80
C THR A 80 5.31 -6.48 1.59
N THR A 81 4.65 -6.14 2.70
CA THR A 81 3.24 -5.71 2.73
C THR A 81 3.12 -4.25 2.27
N LEU A 82 4.08 -3.41 2.67
CA LEU A 82 4.15 -1.99 2.26
C LEU A 82 4.27 -1.89 0.74
N ARG A 83 4.91 -2.90 0.12
CA ARG A 83 4.98 -3.00 -1.34
C ARG A 83 3.56 -3.10 -1.93
N GLU A 84 2.75 -3.98 -1.33
CA GLU A 84 1.36 -4.25 -1.76
C GLU A 84 0.50 -2.98 -1.73
N LEU A 85 0.56 -2.24 -0.60
CA LEU A 85 -0.16 -0.96 -0.44
C LEU A 85 0.32 0.08 -1.48
N GLU A 86 1.66 0.20 -1.61
CA GLU A 86 2.32 1.23 -2.44
C GLU A 86 1.83 1.11 -3.91
N ARG A 87 1.86 -0.13 -4.44
CA ARG A 87 1.48 -0.41 -5.85
C ARG A 87 -0.06 -0.45 -6.02
N TYR A 88 -0.78 -0.82 -4.94
CA TYR A 88 -2.27 -0.92 -4.97
C TYR A 88 -2.90 0.47 -5.16
N VAL A 89 -2.41 1.44 -4.40
CA VAL A 89 -2.95 2.80 -4.38
C VAL A 89 -2.79 3.46 -5.77
N LYS A 90 -1.59 3.37 -6.33
CA LYS A 90 -1.27 3.96 -7.65
C LYS A 90 -2.07 3.33 -8.80
N SER A 91 -2.26 2.00 -8.76
CA SER A 91 -3.07 1.28 -9.76
C SER A 91 -4.56 1.60 -9.61
N CYS A 92 -4.98 1.84 -8.35
CA CYS A 92 -6.36 2.27 -8.01
C CYS A 92 -6.65 3.64 -8.65
N LEU A 93 -5.72 4.58 -8.44
CA LEU A 93 -5.75 5.92 -9.05
C LEU A 93 -5.59 5.84 -10.58
N GLN A 94 -4.98 4.74 -11.07
CA GLN A 94 -4.67 4.51 -12.49
C GLN A 94 -3.63 5.55 -12.96
N LYS A 95 -2.42 5.47 -12.36
CA LYS A 95 -1.33 6.40 -12.62
C LYS A 95 -0.02 5.90 -11.99
N LYS A 96 1.06 6.67 -12.23
CA LYS A 96 2.40 6.40 -11.66
C LYS A 96 2.47 6.82 -10.19
N SER B 1 -20.45 -5.22 5.26
CA SER B 1 -21.21 -5.74 6.40
C SER B 1 -21.42 -4.65 7.46
N ARG B 2 -20.34 -3.89 7.72
CA ARG B 2 -20.32 -2.77 8.67
C ARG B 2 -20.21 -1.43 7.90
N LEU B 3 -20.51 -0.32 8.59
CA LEU B 3 -20.31 1.03 8.06
C LEU B 3 -18.82 1.40 8.21
N THR B 4 -18.16 1.67 7.06
CA THR B 4 -16.70 1.88 7.02
C THR B 4 -16.29 3.12 7.83
N TRP B 5 -15.31 2.90 8.69
CA TRP B 5 -14.57 3.93 9.46
C TRP B 5 -14.02 5.07 8.59
N ARG B 6 -14.01 6.28 9.19
CA ARG B 6 -13.31 7.43 8.61
C ARG B 6 -11.87 7.47 9.15
N VAL B 7 -10.92 7.56 8.22
CA VAL B 7 -9.51 7.71 8.55
C VAL B 7 -9.22 9.12 9.11
N GLN B 8 -8.44 9.18 10.19
CA GLN B 8 -7.82 10.43 10.66
C GLN B 8 -6.31 10.21 10.82
N ARG B 9 -5.59 11.28 11.12
CA ARG B 9 -4.13 11.24 11.34
C ARG B 9 -3.84 11.37 12.84
N SER B 10 -3.00 10.47 13.36
CA SER B 10 -2.50 10.52 14.73
C SER B 10 -1.16 11.30 14.77
N GLN B 11 -0.32 11.08 15.80
CA GLN B 11 0.90 11.89 16.03
C GLN B 11 1.92 11.81 14.85
N ASN B 12 2.42 10.61 14.53
CA ASN B 12 3.33 10.40 13.38
C ASN B 12 2.53 10.46 12.05
N PRO B 13 3.18 10.90 10.92
CA PRO B 13 2.54 10.93 9.58
C PRO B 13 2.18 9.53 9.03
N LEU B 14 2.70 8.46 9.68
CA LEU B 14 2.51 7.06 9.24
C LEU B 14 1.34 6.42 10.02
N LYS B 15 0.94 7.07 11.13
CA LYS B 15 -0.14 6.63 12.02
C LYS B 15 -1.50 7.07 11.45
N ILE B 16 -2.21 6.18 10.74
CA ILE B 16 -3.62 6.43 10.38
C ILE B 16 -4.53 5.74 11.40
N ARG B 17 -5.33 6.54 12.11
CA ARG B 17 -6.26 6.05 13.14
C ARG B 17 -7.67 5.99 12.53
N LEU B 18 -8.11 4.77 12.22
CA LEU B 18 -9.38 4.50 11.55
C LEU B 18 -10.53 4.51 12.59
N THR B 19 -11.04 5.72 12.89
CA THR B 19 -12.15 5.91 13.83
C THR B 19 -13.49 5.49 13.17
N ARG B 20 -14.11 4.42 13.67
CA ARG B 20 -15.37 3.90 13.13
C ARG B 20 -16.52 4.80 13.55
N GLU B 21 -16.76 5.82 12.71
CA GLU B 21 -17.83 6.79 12.91
C GLU B 21 -19.00 6.44 11.99
N ALA B 22 -19.91 5.62 12.53
CA ALA B 22 -21.07 5.09 11.79
C ALA B 22 -22.14 6.21 11.60
N PRO B 23 -22.45 6.61 10.31
CA PRO B 23 -23.44 7.68 10.02
C PRO B 23 -24.88 7.26 10.44
N HIS A 1 73.32 30.41 -20.48
CA HIS A 1 72.63 29.41 -19.63
C HIS A 1 71.29 29.98 -19.14
N HIS A 2 70.17 29.32 -19.51
CA HIS A 2 68.82 29.63 -19.00
C HIS A 2 68.02 28.32 -18.86
N HIS A 3 67.92 27.82 -17.60
CA HIS A 3 67.24 26.55 -17.29
C HIS A 3 65.88 26.78 -16.65
N HIS A 4 64.95 25.84 -16.91
CA HIS A 4 63.60 25.84 -16.33
C HIS A 4 62.95 24.48 -16.66
N HIS A 5 62.49 23.76 -15.62
CA HIS A 5 61.87 22.44 -15.78
C HIS A 5 60.45 22.49 -15.21
N HIS A 6 59.50 21.89 -15.94
CA HIS A 6 58.09 21.73 -15.49
C HIS A 6 57.68 20.27 -15.65
N SER A 7 56.89 19.77 -14.68
CA SER A 7 56.53 18.36 -14.57
C SER A 7 55.24 18.20 -13.75
N HIS A 8 54.39 17.26 -14.18
CA HIS A 8 53.08 17.00 -13.56
C HIS A 8 52.61 15.58 -13.96
N MET A 9 53.21 14.56 -13.33
CA MET A 9 52.93 13.13 -13.64
C MET A 9 51.71 12.61 -12.86
N GLY A 10 50.88 13.54 -12.32
CA GLY A 10 49.67 13.18 -11.57
C GLY A 10 48.64 12.47 -12.43
N LYS A 11 47.95 11.49 -11.83
CA LYS A 11 47.04 10.59 -12.53
C LYS A 11 45.57 10.83 -12.12
N GLN A 12 44.67 10.57 -13.07
CA GLN A 12 43.20 10.58 -12.83
C GLN A 12 42.63 9.22 -13.25
N ALA A 13 41.53 8.83 -12.59
CA ALA A 13 40.83 7.55 -12.83
C ALA A 13 39.33 7.71 -12.52
N SER A 14 38.52 6.74 -12.97
CA SER A 14 37.08 6.69 -12.69
C SER A 14 36.56 5.27 -12.93
N ALA A 15 36.06 4.64 -11.86
CA ALA A 15 35.47 3.29 -11.92
C ALA A 15 34.59 3.05 -10.68
N SER A 16 33.63 2.14 -10.82
CA SER A 16 32.71 1.73 -9.74
C SER A 16 32.45 0.22 -9.82
N TYR A 17 31.82 -0.33 -8.77
CA TYR A 17 31.65 -1.80 -8.61
C TYR A 17 30.31 -2.12 -7.93
N ASP A 18 29.76 -3.31 -8.22
CA ASP A 18 28.44 -3.72 -7.73
C ASP A 18 28.54 -4.49 -6.40
N SER A 19 28.59 -3.73 -5.29
CA SER A 19 28.45 -4.28 -3.92
C SER A 19 27.01 -4.11 -3.42
N GLU A 20 26.15 -3.48 -4.27
CA GLU A 20 24.79 -3.09 -3.89
C GLU A 20 23.85 -4.30 -3.94
N GLU A 21 23.90 -5.11 -2.89
CA GLU A 21 23.09 -6.34 -2.78
C GLU A 21 21.71 -6.00 -2.20
N GLU A 22 20.82 -5.53 -3.10
CA GLU A 22 19.44 -5.20 -2.78
C GLU A 22 18.58 -6.48 -2.71
N GLU A 23 17.30 -6.31 -2.35
CA GLU A 23 16.37 -7.42 -2.14
C GLU A 23 14.92 -6.95 -2.32
N GLU A 24 13.99 -7.91 -2.22
CA GLU A 24 12.54 -7.67 -2.32
C GLU A 24 12.04 -6.97 -1.03
N GLY A 25 12.68 -7.31 0.10
CA GLY A 25 12.42 -6.66 1.39
C GLY A 25 13.39 -5.52 1.65
N LEU A 26 13.74 -4.78 0.57
CA LEU A 26 14.64 -3.61 0.62
C LEU A 26 14.10 -2.53 1.60
N PRO A 27 14.98 -1.69 2.24
CA PRO A 27 14.53 -0.69 3.22
C PRO A 27 13.54 0.33 2.60
N MET A 28 12.25 0.20 2.95
CA MET A 28 11.22 1.15 2.53
C MET A 28 11.54 2.51 3.17
N SER A 29 11.77 3.52 2.33
CA SER A 29 12.20 4.85 2.79
C SER A 29 11.03 5.59 3.46
N TYR A 30 11.38 6.46 4.43
CA TYR A 30 10.42 7.23 5.24
C TYR A 30 9.46 8.05 4.36
N ASP A 31 10.03 8.65 3.31
CA ASP A 31 9.31 9.50 2.35
C ASP A 31 8.23 8.69 1.59
N GLU A 32 8.55 7.43 1.29
CA GLU A 32 7.67 6.52 0.54
C GLU A 32 6.49 6.09 1.42
N LYS A 33 6.77 5.90 2.73
CA LYS A 33 5.78 5.48 3.72
C LYS A 33 4.77 6.61 4.01
N ARG A 34 5.28 7.85 4.15
CA ARG A 34 4.45 9.03 4.47
C ARG A 34 3.59 9.40 3.27
N GLN A 35 4.18 9.31 2.07
CA GLN A 35 3.46 9.52 0.80
C GLN A 35 2.30 8.51 0.72
N LEU A 36 2.64 7.24 0.98
CA LEU A 36 1.69 6.11 0.99
C LEU A 36 0.52 6.36 1.97
N SER A 37 0.83 7.02 3.10
CA SER A 37 -0.19 7.39 4.10
C SER A 37 -1.25 8.33 3.50
N LEU A 38 -0.80 9.45 2.89
CA LEU A 38 -1.69 10.46 2.28
C LEU A 38 -2.34 9.93 0.98
N ASP A 39 -1.70 8.91 0.39
CA ASP A 39 -2.17 8.28 -0.87
C ASP A 39 -3.34 7.33 -0.59
N ILE A 40 -3.29 6.67 0.57
CA ILE A 40 -4.37 5.81 1.10
C ILE A 40 -5.43 6.65 1.86
N ASN A 41 -5.00 7.79 2.40
CA ASN A 41 -5.85 8.74 3.17
C ASN A 41 -7.06 9.22 2.35
N ARG A 42 -6.84 9.37 1.03
CA ARG A 42 -7.86 9.86 0.09
C ARG A 42 -8.87 8.77 -0.32
N LEU A 43 -8.57 7.49 -0.01
CA LEU A 43 -9.50 6.37 -0.27
C LEU A 43 -10.67 6.40 0.75
N PRO A 44 -11.94 6.11 0.31
CA PRO A 44 -13.12 6.03 1.21
C PRO A 44 -13.22 4.67 1.93
N GLY A 45 -14.18 4.58 2.87
CA GLY A 45 -14.30 3.51 3.88
C GLY A 45 -14.25 2.08 3.36
N GLU A 46 -14.91 1.79 2.22
CA GLU A 46 -14.96 0.43 1.64
C GLU A 46 -13.58 -0.01 1.14
N LYS A 47 -12.87 0.94 0.49
CA LYS A 47 -11.53 0.70 -0.08
C LYS A 47 -10.51 0.59 1.06
N LEU A 48 -10.73 1.41 2.10
CA LEU A 48 -10.00 1.34 3.38
C LEU A 48 -10.19 -0.01 4.09
N GLY A 49 -11.36 -0.64 3.84
CA GLY A 49 -11.67 -1.96 4.38
C GLY A 49 -10.80 -3.05 3.77
N ARG A 50 -10.48 -2.90 2.49
CA ARG A 50 -9.59 -3.83 1.77
C ARG A 50 -8.10 -3.50 2.05
N VAL A 51 -7.84 -2.20 2.30
CA VAL A 51 -6.51 -1.70 2.71
C VAL A 51 -6.10 -2.33 4.05
N VAL A 52 -6.99 -2.26 5.06
CA VAL A 52 -6.72 -2.86 6.38
C VAL A 52 -6.66 -4.38 6.28
N HIS A 53 -7.42 -4.99 5.35
CA HIS A 53 -7.52 -6.46 5.23
C HIS A 53 -6.15 -7.10 4.90
N ILE A 54 -5.39 -6.47 3.99
CA ILE A 54 -4.03 -6.95 3.62
C ILE A 54 -3.00 -6.61 4.73
N ILE A 55 -3.30 -5.58 5.54
CA ILE A 55 -2.54 -5.29 6.79
C ILE A 55 -2.78 -6.42 7.81
N GLN A 56 -4.07 -6.83 7.96
CA GLN A 56 -4.48 -7.87 8.93
C GLN A 56 -4.03 -9.27 8.45
N SER A 57 -3.79 -9.39 7.14
CA SER A 57 -3.21 -10.61 6.52
C SER A 57 -1.75 -10.83 6.97
N ARG A 58 -1.15 -9.78 7.57
CA ARG A 58 0.15 -9.85 8.24
C ARG A 58 -0.06 -9.91 9.77
N GLU A 59 -0.85 -8.95 10.29
CA GLU A 59 -1.09 -8.73 11.73
C GLU A 59 -2.61 -8.66 12.01
N PRO A 60 -3.30 -9.83 12.20
CA PRO A 60 -4.80 -9.90 12.33
C PRO A 60 -5.33 -9.47 13.72
N SER A 61 -4.48 -8.81 14.53
CA SER A 61 -4.80 -8.41 15.91
C SER A 61 -5.83 -7.25 15.94
N LEU A 62 -5.59 -6.22 15.12
CA LEU A 62 -6.34 -4.95 15.14
C LEU A 62 -7.82 -5.15 14.76
N ARG A 63 -8.05 -5.99 13.74
CA ARG A 63 -9.39 -6.36 13.25
C ARG A 63 -10.27 -6.95 14.36
N ASP A 64 -9.69 -7.88 15.13
CA ASP A 64 -10.42 -8.65 16.15
C ASP A 64 -10.68 -7.80 17.43
N SER A 65 -9.67 -7.03 17.83
CA SER A 65 -9.73 -6.19 19.03
C SER A 65 -10.71 -5.01 18.85
N ASN A 66 -10.56 -4.29 17.72
CA ASN A 66 -11.36 -3.10 17.42
C ASN A 66 -11.74 -3.09 15.93
N PRO A 67 -13.01 -3.52 15.58
CA PRO A 67 -13.55 -3.40 14.21
C PRO A 67 -14.08 -1.97 13.90
N ASP A 68 -13.80 -1.04 14.82
CA ASP A 68 -14.18 0.38 14.70
C ASP A 68 -12.93 1.26 14.51
N GLU A 69 -11.85 0.96 15.26
CA GLU A 69 -10.58 1.75 15.22
C GLU A 69 -9.40 0.83 14.85
N ILE A 70 -8.83 1.03 13.66
CA ILE A 70 -7.65 0.27 13.19
C ILE A 70 -6.54 1.26 12.82
N GLU A 71 -5.41 1.23 13.55
CA GLU A 71 -4.26 2.12 13.28
C GLU A 71 -3.24 1.38 12.42
N ILE A 72 -2.97 1.92 11.22
CA ILE A 72 -1.97 1.37 10.30
C ILE A 72 -0.65 2.12 10.48
N ASP A 73 0.35 1.43 11.06
CA ASP A 73 1.68 1.97 11.29
C ASP A 73 2.59 1.69 10.09
N PHE A 74 2.66 2.64 9.17
CA PHE A 74 3.56 2.55 7.99
C PHE A 74 5.03 2.58 8.43
N GLU A 75 5.26 3.27 9.55
CA GLU A 75 6.56 3.38 10.23
C GLU A 75 7.18 1.99 10.53
N THR A 76 6.38 1.06 11.11
CA THR A 76 6.87 -0.23 11.62
C THR A 76 6.42 -1.41 10.74
N LEU A 77 5.61 -1.13 9.71
CA LEU A 77 5.18 -2.16 8.73
C LEU A 77 6.36 -2.64 7.88
N LYS A 78 6.23 -3.89 7.40
CA LYS A 78 7.23 -4.56 6.57
C LYS A 78 7.32 -3.87 5.19
N PRO A 79 8.55 -3.53 4.69
CA PRO A 79 8.77 -3.01 3.31
C PRO A 79 7.96 -3.73 2.20
N THR A 80 7.89 -5.07 2.27
CA THR A 80 7.13 -5.88 1.28
C THR A 80 5.61 -5.68 1.43
N THR A 81 5.15 -5.54 2.68
CA THR A 81 3.73 -5.24 2.97
C THR A 81 3.37 -3.86 2.41
N LEU A 82 4.23 -2.88 2.67
CA LEU A 82 4.07 -1.49 2.20
C LEU A 82 4.11 -1.40 0.67
N ARG A 83 4.84 -2.35 0.06
CA ARG A 83 4.86 -2.52 -1.40
C ARG A 83 3.47 -2.98 -1.90
N GLU A 84 2.81 -3.89 -1.14
CA GLU A 84 1.44 -4.39 -1.46
C GLU A 84 0.41 -3.25 -1.41
N LEU A 85 0.53 -2.41 -0.37
CA LEU A 85 -0.35 -1.24 -0.18
C LEU A 85 -0.15 -0.23 -1.31
N GLU A 86 1.12 0.00 -1.65
CA GLU A 86 1.54 1.00 -2.65
C GLU A 86 1.08 0.59 -4.08
N ARG A 87 1.25 -0.71 -4.41
CA ARG A 87 0.85 -1.23 -5.74
C ARG A 87 -0.68 -1.32 -5.86
N TYR A 88 -1.36 -1.49 -4.71
CA TYR A 88 -2.83 -1.51 -4.64
C TYR A 88 -3.40 -0.12 -4.98
N VAL A 89 -2.97 0.89 -4.21
CA VAL A 89 -3.57 2.23 -4.22
C VAL A 89 -3.26 3.00 -5.52
N LYS A 90 -2.00 2.96 -5.99
CA LYS A 90 -1.58 3.63 -7.26
C LYS A 90 -2.39 3.11 -8.47
N SER A 91 -2.58 1.79 -8.52
CA SER A 91 -3.33 1.12 -9.60
C SER A 91 -4.86 1.32 -9.41
N CYS A 92 -5.28 1.54 -8.15
CA CYS A 92 -6.66 1.93 -7.81
C CYS A 92 -6.94 3.39 -8.26
N LEU A 93 -5.89 4.22 -8.31
CA LEU A 93 -5.94 5.61 -8.80
C LEU A 93 -5.67 5.67 -10.32
N GLN A 94 -5.41 4.48 -10.94
CA GLN A 94 -5.22 4.30 -12.40
C GLN A 94 -3.90 4.96 -12.90
N LYS A 95 -3.01 5.32 -11.95
CA LYS A 95 -1.73 5.99 -12.28
C LYS A 95 -0.69 5.00 -12.85
N LYS A 96 -0.98 3.70 -12.71
CA LYS A 96 -0.11 2.62 -13.23
C LYS A 96 -0.77 1.90 -14.41
N SER B 1 -27.03 -2.97 7.09
CA SER B 1 -26.25 -1.73 6.97
C SER B 1 -25.04 -1.76 7.93
N ARG B 2 -24.21 -0.70 7.88
CA ARG B 2 -23.01 -0.55 8.73
C ARG B 2 -22.79 0.93 9.08
N LEU B 3 -21.84 1.20 10.00
CA LEU B 3 -21.23 2.53 10.20
C LEU B 3 -19.77 2.43 9.70
N THR B 4 -19.47 3.14 8.60
CA THR B 4 -18.14 3.09 7.95
C THR B 4 -17.06 3.76 8.82
N TRP B 5 -15.78 3.51 8.48
CA TRP B 5 -14.64 4.19 9.10
C TRP B 5 -14.02 5.22 8.16
N ARG B 6 -13.26 6.14 8.75
CA ARG B 6 -12.55 7.20 8.04
C ARG B 6 -11.18 7.42 8.70
N VAL B 7 -10.21 7.89 7.89
CA VAL B 7 -8.83 8.10 8.35
C VAL B 7 -8.73 9.33 9.28
N GLN B 8 -8.72 9.06 10.59
CA GLN B 8 -8.38 10.05 11.62
C GLN B 8 -6.86 9.94 11.88
N ARG B 9 -6.07 10.83 11.26
CA ARG B 9 -4.62 10.86 11.40
C ARG B 9 -4.21 11.07 12.87
N SER B 10 -3.44 10.12 13.42
CA SER B 10 -2.97 10.16 14.82
C SER B 10 -1.76 11.12 14.97
N GLN B 11 -1.10 11.10 16.14
CA GLN B 11 0.03 12.03 16.47
C GLN B 11 1.29 11.81 15.59
N ASN B 12 1.22 10.86 14.66
CA ASN B 12 2.23 10.63 13.63
C ASN B 12 1.52 10.36 12.29
N PRO B 13 1.89 11.07 11.16
CA PRO B 13 1.33 10.79 9.80
C PRO B 13 1.55 9.32 9.35
N LEU B 14 2.56 8.65 9.93
CA LEU B 14 2.89 7.23 9.63
C LEU B 14 2.01 6.28 10.47
N LYS B 15 0.89 6.79 11.00
CA LYS B 15 -0.02 6.06 11.86
C LYS B 15 -1.45 6.59 11.61
N ILE B 16 -2.20 5.93 10.72
CA ILE B 16 -3.56 6.37 10.37
C ILE B 16 -4.61 5.53 11.14
N ARG B 17 -5.33 6.20 12.06
CA ARG B 17 -6.36 5.55 12.88
C ARG B 17 -7.73 5.66 12.20
N LEU B 18 -8.13 4.59 11.52
CA LEU B 18 -9.43 4.50 10.86
C LEU B 18 -10.53 4.32 11.92
N THR B 19 -11.07 5.45 12.40
CA THR B 19 -12.16 5.48 13.39
C THR B 19 -13.52 5.37 12.71
N ARG B 20 -14.40 4.54 13.28
CA ARG B 20 -15.82 4.44 12.89
C ARG B 20 -16.51 5.82 13.05
N GLU B 21 -17.61 6.02 12.31
CA GLU B 21 -18.48 7.20 12.44
C GLU B 21 -19.03 7.31 13.88
N ALA B 22 -18.72 8.43 14.55
CA ALA B 22 -19.22 8.72 15.92
C ALA B 22 -20.32 9.79 15.85
N PRO B 23 -21.63 9.40 15.85
CA PRO B 23 -22.75 10.36 15.93
C PRO B 23 -22.91 10.92 17.37
N HIS A 1 63.14 38.14 -28.13
CA HIS A 1 62.59 37.31 -27.04
C HIS A 1 61.91 36.07 -27.66
N HIS A 2 61.66 35.05 -26.82
CA HIS A 2 60.99 33.81 -27.23
C HIS A 2 59.81 33.51 -26.31
N HIS A 3 58.65 33.19 -26.90
CA HIS A 3 57.45 32.71 -26.18
C HIS A 3 56.80 31.59 -27.01
N HIS A 4 56.57 30.44 -26.36
CA HIS A 4 56.04 29.22 -27.01
C HIS A 4 55.51 28.25 -25.95
N HIS A 5 54.36 27.62 -26.24
CA HIS A 5 53.67 26.69 -25.32
C HIS A 5 52.57 25.92 -26.07
N HIS A 6 52.84 24.65 -26.41
CA HIS A 6 51.89 23.79 -27.14
C HIS A 6 51.17 22.84 -26.15
N SER A 7 49.97 23.22 -25.73
CA SER A 7 49.16 22.43 -24.78
C SER A 7 48.26 21.43 -25.52
N HIS A 8 48.14 20.21 -24.96
CA HIS A 8 47.28 19.14 -25.49
C HIS A 8 47.03 18.10 -24.37
N MET A 9 45.77 17.67 -24.25
CA MET A 9 45.32 16.70 -23.23
C MET A 9 43.95 16.13 -23.64
N GLY A 10 43.90 14.85 -24.02
CA GLY A 10 42.68 14.21 -24.49
C GLY A 10 42.48 12.86 -23.84
N LYS A 11 41.68 12.83 -22.77
CA LYS A 11 41.30 11.59 -22.08
C LYS A 11 39.91 11.14 -22.56
N GLN A 12 39.68 9.81 -22.58
CA GLN A 12 38.41 9.20 -22.99
C GLN A 12 38.38 7.73 -22.56
N ALA A 13 37.43 7.37 -21.68
CA ALA A 13 37.24 5.99 -21.20
C ALA A 13 35.74 5.68 -21.07
N SER A 14 35.35 4.45 -21.43
CA SER A 14 33.96 3.99 -21.38
C SER A 14 33.89 2.65 -20.62
N ALA A 15 33.55 2.74 -19.33
CA ALA A 15 33.42 1.59 -18.43
C ALA A 15 32.09 1.70 -17.67
N SER A 16 31.19 0.72 -17.89
CA SER A 16 29.86 0.71 -17.28
C SER A 16 29.54 -0.71 -16.77
N TYR A 17 29.94 -0.99 -15.51
CA TYR A 17 29.60 -2.24 -14.82
C TYR A 17 28.31 -2.00 -14.00
N ASP A 18 27.17 -2.34 -14.62
CA ASP A 18 25.83 -2.15 -14.02
C ASP A 18 24.93 -3.35 -14.37
N SER A 19 24.43 -4.02 -13.34
CA SER A 19 23.57 -5.21 -13.47
C SER A 19 22.12 -4.88 -13.05
N GLU A 20 22.01 -4.05 -11.98
CA GLU A 20 20.75 -3.71 -11.29
C GLU A 20 20.19 -4.93 -10.52
N GLU A 21 19.60 -4.69 -9.33
CA GLU A 21 19.08 -5.77 -8.49
C GLU A 21 18.01 -5.23 -7.52
N GLU A 22 16.77 -5.70 -7.71
CA GLU A 22 15.70 -5.51 -6.73
C GLU A 22 15.91 -6.49 -5.59
N GLU A 23 15.67 -6.02 -4.36
CA GLU A 23 15.95 -6.79 -3.12
C GLU A 23 14.69 -7.50 -2.65
N GLU A 24 14.91 -8.57 -1.84
CA GLU A 24 13.88 -9.36 -1.14
C GLU A 24 12.93 -8.42 -0.36
N GLY A 25 13.54 -7.59 0.49
CA GLY A 25 12.84 -6.58 1.26
C GLY A 25 13.73 -5.37 1.42
N LEU A 26 13.83 -4.59 0.33
CA LEU A 26 14.66 -3.36 0.27
C LEU A 26 14.27 -2.36 1.39
N PRO A 27 15.22 -1.47 1.83
CA PRO A 27 14.88 -0.40 2.80
C PRO A 27 13.89 0.61 2.18
N MET A 28 12.60 0.49 2.55
CA MET A 28 11.57 1.45 2.20
C MET A 28 11.81 2.75 3.00
N SER A 29 12.02 3.88 2.31
CA SER A 29 12.35 5.16 2.96
C SER A 29 11.11 5.75 3.65
N TYR A 30 11.40 6.62 4.64
CA TYR A 30 10.42 7.35 5.48
C TYR A 30 9.31 8.01 4.63
N ASP A 31 9.73 8.56 3.48
CA ASP A 31 8.86 9.33 2.58
C ASP A 31 7.90 8.47 1.74
N GLU A 32 8.20 7.17 1.54
CA GLU A 32 7.27 6.23 0.88
C GLU A 32 6.12 5.84 1.81
N LYS A 33 6.41 5.78 3.13
CA LYS A 33 5.37 5.57 4.16
C LYS A 33 4.43 6.81 4.21
N ARG A 34 5.03 8.01 4.00
CA ARG A 34 4.30 9.28 3.90
C ARG A 34 3.36 9.27 2.68
N GLN A 35 3.87 8.74 1.55
CA GLN A 35 3.11 8.66 0.30
C GLN A 35 1.86 7.77 0.48
N LEU A 36 2.07 6.62 1.16
CA LEU A 36 0.98 5.68 1.50
C LEU A 36 -0.02 6.31 2.48
N SER A 37 0.48 7.16 3.38
CA SER A 37 -0.34 7.84 4.39
C SER A 37 -1.44 8.67 3.73
N LEU A 38 -1.05 9.55 2.78
CA LEU A 38 -1.99 10.45 2.08
C LEU A 38 -2.85 9.71 1.04
N ASP A 39 -2.27 8.71 0.37
CA ASP A 39 -2.95 7.97 -0.72
C ASP A 39 -4.04 7.05 -0.18
N ILE A 40 -3.72 6.27 0.85
CA ILE A 40 -4.69 5.39 1.53
C ILE A 40 -5.76 6.24 2.26
N ASN A 41 -5.33 7.40 2.80
CA ASN A 41 -6.23 8.41 3.41
C ASN A 41 -7.33 8.86 2.42
N ARG A 42 -6.93 9.10 1.15
CA ARG A 42 -7.84 9.65 0.13
C ARG A 42 -8.74 8.55 -0.49
N LEU A 43 -8.44 7.27 -0.17
CA LEU A 43 -9.26 6.12 -0.62
C LEU A 43 -10.55 6.01 0.23
N PRO A 44 -11.72 5.64 -0.39
CA PRO A 44 -12.99 5.42 0.35
C PRO A 44 -12.95 4.12 1.18
N GLY A 45 -13.94 3.96 2.09
CA GLY A 45 -14.05 2.77 2.96
C GLY A 45 -14.11 1.44 2.19
N GLU A 46 -14.49 1.53 0.90
CA GLU A 46 -14.54 0.38 -0.03
C GLU A 46 -13.13 -0.22 -0.23
N LYS A 47 -12.17 0.69 -0.52
CA LYS A 47 -10.76 0.34 -0.75
C LYS A 47 -10.08 0.04 0.59
N LEU A 48 -10.41 0.88 1.61
CA LEU A 48 -9.87 0.78 2.98
C LEU A 48 -10.15 -0.61 3.61
N GLY A 49 -11.32 -1.18 3.25
CA GLY A 49 -11.70 -2.52 3.72
C GLY A 49 -10.69 -3.59 3.34
N ARG A 50 -10.16 -3.49 2.10
CA ARG A 50 -9.14 -4.42 1.58
C ARG A 50 -7.71 -4.03 2.03
N VAL A 51 -7.46 -2.71 2.10
CA VAL A 51 -6.15 -2.16 2.51
C VAL A 51 -5.80 -2.62 3.93
N VAL A 52 -6.75 -2.49 4.86
CA VAL A 52 -6.57 -2.95 6.24
C VAL A 52 -6.71 -4.46 6.34
N HIS A 53 -7.42 -5.10 5.38
CA HIS A 53 -7.66 -6.55 5.38
C HIS A 53 -6.32 -7.32 5.46
N ILE A 54 -5.30 -6.85 4.71
CA ILE A 54 -3.97 -7.48 4.68
C ILE A 54 -3.15 -7.14 5.97
N ILE A 55 -3.36 -5.94 6.52
CA ILE A 55 -2.61 -5.43 7.70
C ILE A 55 -3.10 -6.15 8.98
N GLN A 56 -4.42 -6.31 9.06
CA GLN A 56 -5.12 -6.94 10.18
C GLN A 56 -5.11 -8.47 10.05
N SER A 57 -4.83 -8.98 8.83
CA SER A 57 -4.57 -10.41 8.61
C SER A 57 -3.17 -10.77 9.12
N ARG A 58 -2.24 -9.80 9.04
CA ARG A 58 -0.89 -9.94 9.61
C ARG A 58 -0.93 -9.79 11.14
N GLU A 59 -1.74 -8.81 11.61
CA GLU A 59 -1.91 -8.51 13.05
C GLU A 59 -3.40 -8.66 13.45
N PRO A 60 -3.88 -9.94 13.68
CA PRO A 60 -5.32 -10.22 13.99
C PRO A 60 -5.78 -9.68 15.36
N SER A 61 -4.81 -9.42 16.28
CA SER A 61 -5.09 -8.88 17.61
C SER A 61 -5.73 -7.49 17.50
N LEU A 62 -5.16 -6.64 16.62
CA LEU A 62 -5.64 -5.27 16.38
C LEU A 62 -7.06 -5.24 15.81
N ARG A 63 -7.37 -6.24 14.98
CA ARG A 63 -8.66 -6.36 14.29
C ARG A 63 -9.80 -6.66 15.29
N ASP A 64 -9.60 -7.72 16.05
CA ASP A 64 -10.65 -8.26 16.94
C ASP A 64 -10.75 -7.50 18.26
N SER A 65 -9.64 -6.87 18.69
CA SER A 65 -9.62 -6.03 19.90
C SER A 65 -10.17 -4.62 19.58
N ASN A 66 -9.68 -4.03 18.48
CA ASN A 66 -10.02 -2.64 18.08
C ASN A 66 -10.45 -2.57 16.60
N PRO A 67 -11.70 -2.98 16.25
CA PRO A 67 -12.29 -2.75 14.91
C PRO A 67 -12.86 -1.31 14.79
N ASP A 68 -12.93 -0.61 15.93
CA ASP A 68 -13.41 0.77 16.03
C ASP A 68 -12.30 1.74 15.62
N GLU A 69 -11.04 1.46 16.04
CA GLU A 69 -9.86 2.24 15.63
C GLU A 69 -8.80 1.29 15.07
N ILE A 70 -8.63 1.32 13.73
CA ILE A 70 -7.64 0.51 13.01
C ILE A 70 -6.46 1.41 12.63
N GLU A 71 -5.28 1.13 13.20
CA GLU A 71 -4.06 1.92 12.95
C GLU A 71 -3.08 1.10 12.13
N ILE A 72 -2.90 1.51 10.87
CA ILE A 72 -1.90 0.92 9.97
C ILE A 72 -0.53 1.51 10.36
N ASP A 73 0.34 0.70 10.99
CA ASP A 73 1.64 1.16 11.49
C ASP A 73 2.68 0.98 10.38
N PHE A 74 2.88 2.05 9.59
CA PHE A 74 3.73 2.01 8.39
C PHE A 74 5.23 1.89 8.73
N GLU A 75 5.61 2.37 9.94
CA GLU A 75 7.02 2.49 10.35
C GLU A 75 7.58 1.14 10.87
N THR A 76 6.72 0.19 11.27
CA THR A 76 7.16 -1.19 11.60
C THR A 76 6.71 -2.20 10.53
N LEU A 77 5.83 -1.77 9.59
CA LEU A 77 5.33 -2.65 8.52
C LEU A 77 6.45 -3.12 7.58
N LYS A 78 6.30 -4.40 7.16
CA LYS A 78 7.17 -5.06 6.19
C LYS A 78 7.23 -4.25 4.87
N PRO A 79 8.45 -3.90 4.35
CA PRO A 79 8.62 -3.11 3.09
C PRO A 79 7.88 -3.70 1.88
N THR A 80 7.67 -5.04 1.87
CA THR A 80 6.96 -5.73 0.78
C THR A 80 5.43 -5.63 0.94
N THR A 81 4.94 -5.56 2.20
CA THR A 81 3.52 -5.27 2.49
C THR A 81 3.19 -3.82 2.07
N LEU A 82 4.18 -2.93 2.29
CA LEU A 82 4.13 -1.53 1.86
C LEU A 82 4.19 -1.42 0.32
N ARG A 83 4.86 -2.41 -0.33
CA ARG A 83 4.89 -2.52 -1.79
C ARG A 83 3.51 -2.96 -2.33
N GLU A 84 2.80 -3.82 -1.58
CA GLU A 84 1.42 -4.25 -1.91
C GLU A 84 0.45 -3.05 -1.79
N LEU A 85 0.76 -2.18 -0.81
CA LEU A 85 -0.01 -0.94 -0.57
C LEU A 85 0.19 0.08 -1.72
N GLU A 86 1.47 0.28 -2.16
CA GLU A 86 1.79 1.31 -3.18
C GLU A 86 1.22 0.93 -4.55
N ARG A 87 1.38 -0.33 -5.00
CA ARG A 87 0.88 -0.78 -6.31
C ARG A 87 -0.66 -0.68 -6.37
N TYR A 88 -1.29 -0.83 -5.19
CA TYR A 88 -2.74 -0.75 -5.03
C TYR A 88 -3.23 0.70 -5.21
N VAL A 89 -2.61 1.63 -4.45
CA VAL A 89 -3.03 3.05 -4.45
C VAL A 89 -2.75 3.72 -5.80
N LYS A 90 -1.63 3.34 -6.47
CA LYS A 90 -1.25 3.86 -7.81
C LYS A 90 -2.31 3.50 -8.87
N SER A 91 -2.89 2.30 -8.71
CA SER A 91 -3.99 1.82 -9.59
C SER A 91 -5.28 2.61 -9.31
N CYS A 92 -5.51 2.95 -8.03
CA CYS A 92 -6.70 3.71 -7.58
C CYS A 92 -6.54 5.23 -7.86
N LEU A 93 -5.30 5.69 -8.12
CA LEU A 93 -5.02 7.08 -8.53
C LEU A 93 -5.21 7.21 -10.05
N GLN A 94 -4.63 6.24 -10.77
CA GLN A 94 -4.67 6.18 -12.24
C GLN A 94 -5.98 5.46 -12.66
N LYS A 95 -7.07 6.24 -12.67
CA LYS A 95 -8.40 5.79 -13.11
C LYS A 95 -8.53 5.97 -14.64
N LYS A 96 -7.54 5.42 -15.37
CA LYS A 96 -7.36 5.65 -16.82
C LYS A 96 -7.25 4.31 -17.56
N SER B 1 -26.37 -3.98 8.33
CA SER B 1 -25.87 -2.65 8.00
C SER B 1 -24.52 -2.40 8.73
N ARG B 2 -23.54 -1.86 7.98
CA ARG B 2 -22.19 -1.58 8.50
C ARG B 2 -21.95 -0.07 8.52
N LEU B 3 -21.41 0.42 9.65
CA LEU B 3 -21.07 1.82 9.87
C LEU B 3 -19.71 2.11 9.23
N THR B 4 -19.75 2.74 8.05
CA THR B 4 -18.56 3.07 7.26
C THR B 4 -17.66 4.07 8.01
N TRP B 5 -16.51 3.57 8.45
CA TRP B 5 -15.47 4.35 9.16
C TRP B 5 -14.92 5.50 8.27
N ARG B 6 -14.34 6.50 8.91
CA ARG B 6 -13.60 7.58 8.23
C ARG B 6 -12.14 7.56 8.70
N VAL B 7 -11.28 8.20 7.90
CA VAL B 7 -9.84 8.24 8.15
C VAL B 7 -9.44 9.55 8.83
N GLN B 8 -8.49 9.46 9.75
CA GLN B 8 -7.83 10.60 10.38
C GLN B 8 -6.37 10.24 10.63
N ARG B 9 -5.61 11.18 11.15
CA ARG B 9 -4.21 10.96 11.50
C ARG B 9 -4.12 10.46 12.95
N SER B 10 -3.18 9.55 13.20
CA SER B 10 -2.83 9.11 14.56
C SER B 10 -1.87 10.13 15.23
N GLN B 11 -1.13 9.70 16.28
CA GLN B 11 -0.16 10.58 16.98
C GLN B 11 1.01 10.97 16.06
N ASN B 12 1.45 10.02 15.21
CA ASN B 12 2.54 10.20 14.26
C ASN B 12 1.97 10.63 12.89
N PRO B 13 2.62 11.62 12.19
CA PRO B 13 2.19 12.12 10.85
C PRO B 13 1.93 11.03 9.79
N LEU B 14 2.80 10.00 9.76
CA LEU B 14 2.77 8.94 8.71
C LEU B 14 1.66 7.93 8.97
N LYS B 15 1.36 7.67 10.24
CA LYS B 15 0.40 6.62 10.62
C LYS B 15 -1.02 7.19 10.68
N ILE B 16 -1.94 6.52 9.97
CA ILE B 16 -3.37 6.89 9.91
C ILE B 16 -4.20 5.96 10.81
N ARG B 17 -5.45 6.36 11.04
CA ARG B 17 -6.39 5.64 11.92
C ARG B 17 -7.81 5.71 11.33
N LEU B 18 -8.45 4.55 11.22
CA LEU B 18 -9.83 4.44 10.74
C LEU B 18 -10.77 4.30 11.95
N THR B 19 -11.41 5.42 12.32
CA THR B 19 -12.33 5.49 13.46
C THR B 19 -13.78 5.20 13.02
N ARG B 20 -14.49 4.39 13.83
CA ARG B 20 -15.88 3.99 13.58
C ARG B 20 -16.81 5.20 13.78
N GLU B 21 -17.13 5.88 12.67
CA GLU B 21 -17.95 7.09 12.69
C GLU B 21 -19.44 6.74 12.68
N ALA B 22 -20.19 7.49 13.51
CA ALA B 22 -21.62 7.28 13.77
C ALA B 22 -22.32 8.65 13.93
N PRO B 23 -23.69 8.74 13.72
CA PRO B 23 -24.47 10.00 13.88
C PRO B 23 -24.15 10.77 15.19
N HIS A 1 -0.49 -69.70 -20.49
CA HIS A 1 0.17 -68.37 -20.55
C HIS A 1 -0.81 -67.31 -21.08
N HIS A 2 -0.60 -66.06 -20.63
CA HIS A 2 -1.38 -64.89 -21.07
C HIS A 2 -0.50 -63.63 -20.86
N HIS A 3 0.33 -63.33 -21.86
CA HIS A 3 1.30 -62.22 -21.83
C HIS A 3 0.73 -61.01 -22.57
N HIS A 4 0.60 -59.88 -21.84
CA HIS A 4 0.21 -58.58 -22.39
C HIS A 4 1.35 -58.11 -23.33
N HIS A 5 1.03 -57.91 -24.62
CA HIS A 5 2.02 -57.72 -25.72
C HIS A 5 3.00 -56.56 -25.45
N HIS A 6 2.47 -55.42 -24.95
CA HIS A 6 3.30 -54.23 -24.63
C HIS A 6 2.50 -53.22 -23.78
N SER A 7 3.18 -52.55 -22.84
CA SER A 7 2.62 -51.46 -22.01
C SER A 7 3.75 -50.47 -21.63
N HIS A 8 3.81 -49.32 -22.32
CA HIS A 8 4.77 -48.24 -22.01
C HIS A 8 4.15 -47.29 -20.97
N MET A 9 4.61 -47.42 -19.72
CA MET A 9 4.10 -46.65 -18.57
C MET A 9 4.58 -45.19 -18.64
N GLY A 10 3.62 -44.27 -18.73
CA GLY A 10 3.89 -42.84 -18.80
C GLY A 10 2.65 -42.08 -19.25
N LYS A 11 2.74 -41.38 -20.41
CA LYS A 11 1.59 -40.73 -21.09
C LYS A 11 0.92 -39.62 -20.25
N GLN A 12 1.63 -39.15 -19.22
CA GLN A 12 1.12 -38.18 -18.23
C GLN A 12 1.13 -36.74 -18.78
N ALA A 13 0.23 -35.90 -18.25
CA ALA A 13 0.16 -34.46 -18.57
C ALA A 13 1.27 -33.67 -17.85
N SER A 14 1.47 -32.41 -18.25
CA SER A 14 2.52 -31.53 -17.70
C SER A 14 1.94 -30.12 -17.42
N ALA A 15 2.32 -29.56 -16.27
CA ALA A 15 1.88 -28.24 -15.82
C ALA A 15 2.87 -27.69 -14.78
N SER A 16 3.14 -26.39 -14.86
CA SER A 16 3.95 -25.68 -13.86
C SER A 16 3.06 -25.26 -12.69
N TYR A 17 3.54 -25.49 -11.45
CA TYR A 17 2.79 -25.24 -10.21
C TYR A 17 3.40 -24.05 -9.45
N ASP A 18 2.65 -22.93 -9.41
CA ASP A 18 3.03 -21.73 -8.65
C ASP A 18 1.75 -20.96 -8.30
N SER A 19 1.51 -20.75 -7.00
CA SER A 19 0.31 -20.05 -6.50
C SER A 19 0.69 -18.83 -5.63
N GLU A 20 1.99 -18.69 -5.33
CA GLU A 20 2.48 -17.63 -4.40
C GLU A 20 2.65 -16.29 -5.13
N GLU A 21 2.79 -15.23 -4.33
CA GLU A 21 3.08 -13.87 -4.80
C GLU A 21 4.26 -13.34 -3.96
N GLU A 22 5.49 -13.51 -4.48
CA GLU A 22 6.72 -13.11 -3.76
C GLU A 22 7.00 -11.62 -3.96
N GLU A 23 7.78 -11.05 -3.03
CA GLU A 23 8.26 -9.68 -3.08
C GLU A 23 9.58 -9.58 -2.31
N GLU A 24 10.54 -8.80 -2.89
CA GLU A 24 11.81 -8.46 -2.22
C GLU A 24 11.51 -7.65 -0.96
N GLY A 25 10.71 -6.59 -1.15
CA GLY A 25 10.43 -5.62 -0.11
C GLY A 25 11.64 -4.78 0.17
N LEU A 26 11.99 -3.95 -0.82
CA LEU A 26 13.07 -2.95 -0.72
C LEU A 26 12.87 -2.01 0.50
N PRO A 27 13.96 -1.41 1.08
CA PRO A 27 13.84 -0.52 2.27
C PRO A 27 12.92 0.68 1.99
N MET A 28 11.67 0.58 2.50
CA MET A 28 10.61 1.58 2.26
C MET A 28 11.04 2.91 2.88
N SER A 29 11.21 3.95 2.02
CA SER A 29 11.73 5.25 2.45
C SER A 29 10.72 5.98 3.35
N TYR A 30 11.25 6.88 4.20
CA TYR A 30 10.47 7.69 5.15
C TYR A 30 9.40 8.51 4.41
N ASP A 31 9.78 9.05 3.25
CA ASP A 31 8.90 9.85 2.38
C ASP A 31 7.77 9.00 1.78
N GLU A 32 8.07 7.74 1.43
CA GLU A 32 7.10 6.81 0.81
C GLU A 32 5.94 6.53 1.77
N LYS A 33 6.28 6.28 3.05
CA LYS A 33 5.29 5.97 4.11
C LYS A 33 4.36 7.17 4.40
N ARG A 34 4.94 8.39 4.39
CA ARG A 34 4.18 9.63 4.64
C ARG A 34 3.20 9.90 3.48
N GLN A 35 3.72 9.82 2.25
CA GLN A 35 2.94 10.02 1.00
C GLN A 35 1.78 9.00 0.96
N LEU A 36 2.10 7.74 1.33
CA LEU A 36 1.15 6.62 1.37
C LEU A 36 0.04 6.88 2.40
N SER A 37 0.39 7.55 3.51
CA SER A 37 -0.54 7.93 4.58
C SER A 37 -1.65 8.88 4.05
N LEU A 38 -1.28 9.86 3.18
CA LEU A 38 -2.26 10.78 2.55
C LEU A 38 -3.13 10.05 1.52
N ASP A 39 -2.52 9.11 0.79
CA ASP A 39 -3.14 8.47 -0.38
C ASP A 39 -4.01 7.25 0.00
N ILE A 40 -3.83 6.70 1.21
CA ILE A 40 -4.81 5.78 1.81
C ILE A 40 -5.99 6.60 2.43
N ASN A 41 -5.66 7.82 2.90
CA ASN A 41 -6.61 8.75 3.55
C ASN A 41 -7.71 9.23 2.55
N ARG A 42 -7.40 9.18 1.23
CA ARG A 42 -8.31 9.63 0.15
C ARG A 42 -9.07 8.46 -0.53
N LEU A 43 -8.80 7.21 -0.10
CA LEU A 43 -9.46 6.02 -0.67
C LEU A 43 -10.91 5.87 -0.17
N PRO A 44 -11.86 5.36 -1.03
CA PRO A 44 -13.25 5.04 -0.61
C PRO A 44 -13.32 3.86 0.38
N GLY A 45 -14.46 3.74 1.10
CA GLY A 45 -14.67 2.73 2.15
C GLY A 45 -14.46 1.28 1.70
N GLU A 46 -14.61 1.02 0.39
CA GLU A 46 -14.39 -0.30 -0.21
C GLU A 46 -12.89 -0.64 -0.17
N LYS A 47 -12.08 0.32 -0.65
CA LYS A 47 -10.61 0.21 -0.68
C LYS A 47 -10.05 0.16 0.73
N LEU A 48 -10.68 0.92 1.66
CA LEU A 48 -10.28 0.94 3.09
C LEU A 48 -10.51 -0.42 3.75
N GLY A 49 -11.58 -1.11 3.32
CA GLY A 49 -11.89 -2.46 3.77
C GLY A 49 -10.86 -3.48 3.29
N ARG A 50 -10.29 -3.24 2.10
CA ARG A 50 -9.26 -4.13 1.51
C ARG A 50 -7.86 -3.78 2.08
N VAL A 51 -7.65 -2.48 2.37
CA VAL A 51 -6.40 -1.97 2.94
C VAL A 51 -6.19 -2.62 4.31
N VAL A 52 -7.21 -2.50 5.19
CA VAL A 52 -7.13 -3.10 6.53
C VAL A 52 -6.99 -4.63 6.45
N HIS A 53 -7.52 -5.28 5.38
CA HIS A 53 -7.46 -6.75 5.21
C HIS A 53 -5.99 -7.22 5.09
N ILE A 54 -5.21 -6.57 4.20
CA ILE A 54 -3.79 -6.90 3.97
C ILE A 54 -2.90 -6.43 5.15
N ILE A 55 -3.37 -5.42 5.91
CA ILE A 55 -2.71 -4.97 7.15
C ILE A 55 -2.90 -6.02 8.27
N GLN A 56 -4.12 -6.60 8.37
CA GLN A 56 -4.46 -7.60 9.41
C GLN A 56 -3.84 -8.96 9.10
N SER A 57 -3.49 -9.16 7.82
CA SER A 57 -2.72 -10.34 7.38
C SER A 57 -1.30 -10.33 8.03
N ARG A 58 -0.79 -9.12 8.35
CA ARG A 58 0.51 -8.95 9.03
C ARG A 58 0.30 -8.82 10.55
N GLU A 59 -0.48 -7.80 10.95
CA GLU A 59 -0.77 -7.47 12.36
C GLU A 59 -2.27 -7.74 12.65
N PRO A 60 -2.67 -9.02 12.97
CA PRO A 60 -4.11 -9.39 13.16
C PRO A 60 -4.71 -8.93 14.50
N SER A 61 -3.88 -8.29 15.35
CA SER A 61 -4.28 -7.83 16.70
C SER A 61 -5.52 -6.91 16.65
N LEU A 62 -5.48 -5.94 15.72
CA LEU A 62 -6.48 -4.86 15.62
C LEU A 62 -7.80 -5.37 15.03
N ARG A 63 -7.72 -6.47 14.24
CA ARG A 63 -8.87 -7.11 13.59
C ARG A 63 -9.89 -7.55 14.65
N ASP A 64 -9.40 -8.28 15.64
CA ASP A 64 -10.23 -8.88 16.69
C ASP A 64 -10.57 -7.86 17.79
N SER A 65 -9.56 -7.05 18.20
CA SER A 65 -9.68 -6.14 19.36
C SER A 65 -10.58 -4.92 19.04
N ASN A 66 -10.31 -4.25 17.91
CA ASN A 66 -11.06 -3.04 17.50
C ASN A 66 -11.27 -3.05 15.98
N PRO A 67 -12.33 -3.75 15.48
CA PRO A 67 -12.71 -3.72 14.04
C PRO A 67 -13.33 -2.36 13.64
N ASP A 68 -13.76 -1.60 14.66
CA ASP A 68 -14.36 -0.26 14.48
C ASP A 68 -13.29 0.80 14.25
N GLU A 69 -12.08 0.59 14.84
CA GLU A 69 -10.95 1.53 14.74
C GLU A 69 -9.63 0.74 14.62
N ILE A 70 -9.02 0.77 13.43
CA ILE A 70 -7.77 0.06 13.13
C ILE A 70 -6.64 1.08 12.88
N GLU A 71 -5.56 0.99 13.70
CA GLU A 71 -4.38 1.87 13.58
C GLU A 71 -3.32 1.18 12.73
N ILE A 72 -3.19 1.62 11.48
CA ILE A 72 -2.24 1.05 10.53
C ILE A 72 -0.83 1.61 10.85
N ASP A 73 0.06 0.72 11.34
CA ASP A 73 1.34 1.09 11.95
C ASP A 73 2.49 0.86 10.95
N PHE A 74 2.88 1.94 10.22
CA PHE A 74 3.81 1.87 9.06
C PHE A 74 5.26 1.50 9.44
N GLU A 75 5.67 1.85 10.67
CA GLU A 75 7.06 1.64 11.14
C GLU A 75 7.31 0.15 11.48
N THR A 76 6.26 -0.56 11.95
CA THR A 76 6.34 -2.04 12.20
C THR A 76 5.73 -2.84 11.04
N LEU A 77 5.16 -2.14 10.03
CA LEU A 77 4.67 -2.78 8.80
C LEU A 77 5.86 -3.30 7.98
N LYS A 78 5.65 -4.46 7.36
CA LYS A 78 6.65 -5.16 6.56
C LYS A 78 6.87 -4.39 5.23
N PRO A 79 8.16 -4.16 4.77
CA PRO A 79 8.45 -3.43 3.49
C PRO A 79 7.79 -4.07 2.26
N THR A 80 7.63 -5.41 2.30
CA THR A 80 6.90 -6.18 1.28
C THR A 80 5.42 -5.77 1.25
N THR A 81 4.84 -5.60 2.44
CA THR A 81 3.43 -5.23 2.61
C THR A 81 3.20 -3.77 2.25
N LEU A 82 4.14 -2.89 2.61
CA LEU A 82 4.09 -1.46 2.29
C LEU A 82 4.15 -1.26 0.76
N ARG A 83 4.90 -2.16 0.09
CA ARG A 83 4.91 -2.27 -1.37
C ARG A 83 3.52 -2.69 -1.90
N GLU A 84 2.88 -3.71 -1.26
CA GLU A 84 1.50 -4.18 -1.62
C GLU A 84 0.49 -3.03 -1.52
N LEU A 85 0.65 -2.20 -0.47
CA LEU A 85 -0.20 -1.02 -0.21
C LEU A 85 -0.04 -0.01 -1.34
N GLU A 86 1.19 0.45 -1.57
CA GLU A 86 1.47 1.57 -2.48
C GLU A 86 1.16 1.22 -3.95
N ARG A 87 1.34 -0.05 -4.36
CA ARG A 87 1.00 -0.52 -5.71
C ARG A 87 -0.53 -0.64 -5.86
N TYR A 88 -1.21 -1.00 -4.76
CA TYR A 88 -2.68 -1.10 -4.71
C TYR A 88 -3.33 0.28 -4.82
N VAL A 89 -2.75 1.26 -4.10
CA VAL A 89 -3.23 2.64 -4.08
C VAL A 89 -3.08 3.29 -5.46
N LYS A 90 -1.86 3.18 -6.07
CA LYS A 90 -1.60 3.73 -7.42
C LYS A 90 -2.49 3.07 -8.49
N SER A 91 -2.80 1.76 -8.29
CA SER A 91 -3.71 1.02 -9.16
C SER A 91 -5.15 1.53 -9.00
N CYS A 92 -5.52 1.89 -7.75
CA CYS A 92 -6.84 2.48 -7.42
C CYS A 92 -6.93 3.91 -8.00
N LEU A 93 -5.78 4.60 -8.08
CA LEU A 93 -5.68 5.92 -8.72
C LEU A 93 -5.68 5.76 -10.25
N GLN A 94 -5.33 4.54 -10.73
CA GLN A 94 -5.28 4.17 -12.16
C GLN A 94 -4.29 5.09 -12.93
N LYS A 95 -3.20 5.42 -12.24
CA LYS A 95 -2.18 6.36 -12.72
C LYS A 95 -0.81 5.98 -12.14
N LYS A 96 0.26 6.37 -12.86
CA LYS A 96 1.71 6.17 -12.49
C LYS A 96 2.02 4.77 -11.94
N SER B 1 -26.16 0.32 10.21
CA SER B 1 -25.40 -0.60 11.03
C SER B 1 -23.88 -0.35 10.84
N ARG B 2 -23.41 -0.44 9.59
CA ARG B 2 -22.00 -0.22 9.23
C ARG B 2 -21.78 1.30 9.02
N LEU B 3 -21.13 1.95 9.99
CA LEU B 3 -20.76 3.37 9.88
C LEU B 3 -19.50 3.50 9.00
N THR B 4 -19.53 4.45 8.05
CA THR B 4 -18.39 4.73 7.17
C THR B 4 -17.25 5.40 7.97
N TRP B 5 -16.41 4.54 8.55
CA TRP B 5 -15.21 4.92 9.30
C TRP B 5 -14.15 5.51 8.35
N ARG B 6 -13.82 6.80 8.53
CA ARG B 6 -12.83 7.50 7.69
C ARG B 6 -11.45 7.50 8.36
N VAL B 7 -10.42 7.50 7.51
CA VAL B 7 -9.02 7.52 7.91
C VAL B 7 -8.65 8.91 8.47
N GLN B 8 -8.28 8.96 9.75
CA GLN B 8 -7.55 10.09 10.34
C GLN B 8 -6.05 9.71 10.35
N ARG B 9 -5.15 10.69 10.51
CA ARG B 9 -3.71 10.43 10.70
C ARG B 9 -3.46 10.10 12.19
N SER B 10 -2.32 9.46 12.44
CA SER B 10 -1.81 9.24 13.80
C SER B 10 -1.01 10.47 14.25
N GLN B 11 -0.68 10.56 15.56
CA GLN B 11 0.18 11.63 16.11
C GLN B 11 1.60 11.55 15.50
N ASN B 12 2.00 10.31 15.16
CA ASN B 12 3.14 10.04 14.27
C ASN B 12 2.62 10.10 12.80
N PRO B 13 3.08 11.10 11.96
CA PRO B 13 2.52 11.36 10.60
C PRO B 13 2.67 10.19 9.61
N LEU B 14 3.63 9.29 9.90
CA LEU B 14 3.85 8.05 9.13
C LEU B 14 2.59 7.17 9.12
N LYS B 15 1.99 7.01 10.32
CA LYS B 15 0.92 6.06 10.58
C LYS B 15 -0.46 6.73 10.48
N ILE B 16 -1.52 5.92 10.52
CA ILE B 16 -2.92 6.38 10.46
C ILE B 16 -3.82 5.54 11.40
N ARG B 17 -5.04 6.06 11.65
CA ARG B 17 -6.10 5.40 12.43
C ARG B 17 -7.44 5.62 11.73
N LEU B 18 -8.11 4.53 11.31
CA LEU B 18 -9.47 4.62 10.74
C LEU B 18 -10.47 4.81 11.90
N THR B 19 -10.88 6.06 12.11
CA THR B 19 -11.75 6.46 13.23
C THR B 19 -13.23 6.12 12.95
N ARG B 20 -13.86 5.40 13.89
CA ARG B 20 -15.31 5.14 13.89
C ARG B 20 -16.05 6.46 14.22
N GLU B 21 -16.71 7.02 13.21
CA GLU B 21 -17.50 8.24 13.36
C GLU B 21 -18.95 7.88 13.74
N ALA B 22 -19.48 8.59 14.75
CA ALA B 22 -20.90 8.46 15.14
C ALA B 22 -21.79 9.12 14.07
N PRO B 23 -22.97 8.51 13.72
CA PRO B 23 -23.87 9.05 12.65
C PRO B 23 -24.46 10.44 13.02
N HIS A 1 65.85 -37.25 -33.32
CA HIS A 1 65.76 -35.90 -33.93
C HIS A 1 64.36 -35.68 -34.52
N HIS A 2 63.39 -35.50 -33.60
CA HIS A 2 62.01 -35.12 -33.92
C HIS A 2 61.26 -34.86 -32.59
N HIS A 3 60.50 -33.75 -32.53
CA HIS A 3 59.65 -33.42 -31.37
C HIS A 3 58.68 -32.28 -31.75
N HIS A 4 57.38 -32.51 -31.55
CA HIS A 4 56.32 -31.49 -31.72
C HIS A 4 55.33 -31.64 -30.56
N HIS A 5 54.98 -30.51 -29.92
CA HIS A 5 54.04 -30.48 -28.79
C HIS A 5 52.95 -29.43 -29.06
N HIS A 6 51.77 -29.91 -29.45
CA HIS A 6 50.57 -29.09 -29.70
C HIS A 6 49.41 -29.67 -28.88
N SER A 7 49.23 -29.15 -27.66
CA SER A 7 48.21 -29.62 -26.73
C SER A 7 47.55 -28.43 -26.00
N HIS A 8 46.39 -28.01 -26.53
CA HIS A 8 45.56 -26.95 -25.92
C HIS A 8 44.09 -27.40 -25.95
N MET A 9 43.49 -27.51 -24.76
CA MET A 9 42.10 -27.95 -24.58
C MET A 9 41.62 -27.50 -23.19
N GLY A 10 40.74 -26.49 -23.15
CA GLY A 10 40.19 -26.00 -21.91
C GLY A 10 39.19 -24.87 -22.12
N LYS A 11 37.94 -25.24 -22.44
CA LYS A 11 36.80 -24.30 -22.57
C LYS A 11 35.57 -24.86 -21.81
N GLN A 12 35.79 -25.22 -20.54
CA GLN A 12 34.73 -25.68 -19.62
C GLN A 12 34.38 -24.55 -18.64
N ALA A 13 33.24 -23.88 -18.87
CA ALA A 13 32.70 -22.84 -17.98
C ALA A 13 31.17 -22.99 -17.87
N SER A 14 30.58 -22.38 -16.82
CA SER A 14 29.13 -22.48 -16.55
C SER A 14 28.71 -21.36 -15.58
N ALA A 15 27.65 -20.62 -15.94
CA ALA A 15 27.10 -19.53 -15.13
C ALA A 15 25.59 -19.75 -14.93
N SER A 16 25.22 -20.42 -13.83
CA SER A 16 23.83 -20.71 -13.47
C SER A 16 23.67 -20.83 -11.95
N TYR A 17 22.69 -20.10 -11.39
CA TYR A 17 22.37 -20.10 -9.95
C TYR A 17 20.92 -19.67 -9.73
N ASP A 18 20.47 -19.66 -8.47
CA ASP A 18 19.10 -19.28 -8.09
C ASP A 18 19.15 -18.44 -6.81
N SER A 19 19.62 -17.19 -6.97
CA SER A 19 19.78 -16.22 -5.86
C SER A 19 19.04 -14.90 -6.14
N GLU A 20 18.49 -14.77 -7.37
CA GLU A 20 17.90 -13.52 -7.88
C GLU A 20 16.52 -13.25 -7.23
N GLU A 21 15.57 -14.18 -7.44
CA GLU A 21 14.22 -14.09 -6.88
C GLU A 21 14.23 -14.50 -5.41
N GLU A 22 14.47 -13.51 -4.55
CA GLU A 22 14.56 -13.68 -3.09
C GLU A 22 13.76 -12.58 -2.39
N GLU A 23 13.68 -12.70 -1.06
CA GLU A 23 13.14 -11.66 -0.19
C GLU A 23 14.30 -10.74 0.22
N GLU A 24 14.77 -9.95 -0.76
CA GLU A 24 15.80 -8.93 -0.56
C GLU A 24 15.28 -7.90 0.47
N GLY A 25 14.10 -7.33 0.15
CA GLY A 25 13.31 -6.51 1.08
C GLY A 25 14.09 -5.37 1.71
N LEU A 26 14.66 -4.49 0.86
CA LEU A 26 15.43 -3.29 1.29
C LEU A 26 14.64 -2.44 2.32
N PRO A 27 15.34 -1.73 3.26
CA PRO A 27 14.66 -0.92 4.30
C PRO A 27 13.87 0.24 3.64
N MET A 28 12.54 0.01 3.45
CA MET A 28 11.62 0.97 2.79
C MET A 28 11.73 2.34 3.48
N SER A 29 12.11 3.36 2.70
CA SER A 29 12.44 4.70 3.23
C SER A 29 11.22 5.35 3.92
N TYR A 30 11.53 6.29 4.84
CA TYR A 30 10.55 7.11 5.56
C TYR A 30 9.57 7.79 4.57
N ASP A 31 10.17 8.38 3.51
CA ASP A 31 9.45 9.12 2.47
C ASP A 31 8.49 8.21 1.68
N GLU A 32 8.91 6.95 1.42
CA GLU A 32 8.10 5.96 0.66
C GLU A 32 6.74 5.73 1.35
N LYS A 33 6.80 5.59 2.68
CA LYS A 33 5.65 5.26 3.54
C LYS A 33 4.70 6.46 3.70
N ARG A 34 5.23 7.69 3.50
CA ARG A 34 4.43 8.94 3.56
C ARG A 34 3.41 9.00 2.40
N GLN A 35 3.74 8.35 1.27
CA GLN A 35 2.84 8.27 0.09
C GLN A 35 1.50 7.62 0.50
N LEU A 36 1.61 6.50 1.22
CA LEU A 36 0.45 5.73 1.71
C LEU A 36 -0.40 6.53 2.71
N SER A 37 0.27 7.41 3.49
CA SER A 37 -0.39 8.26 4.49
C SER A 37 -1.48 9.18 3.86
N LEU A 38 -1.17 9.77 2.69
CA LEU A 38 -2.11 10.67 1.98
C LEU A 38 -3.09 9.86 1.10
N ASP A 39 -2.53 8.89 0.37
CA ASP A 39 -3.21 8.21 -0.76
C ASP A 39 -4.15 7.08 -0.35
N ILE A 40 -4.01 6.56 0.87
CA ILE A 40 -5.02 5.67 1.47
C ILE A 40 -6.23 6.51 1.94
N ASN A 41 -5.97 7.77 2.35
CA ASN A 41 -7.02 8.70 2.84
C ASN A 41 -7.94 9.19 1.70
N ARG A 42 -7.47 9.03 0.44
CA ARG A 42 -8.27 9.43 -0.75
C ARG A 42 -9.12 8.23 -1.25
N LEU A 43 -8.89 7.03 -0.67
CA LEU A 43 -9.63 5.80 -1.02
C LEU A 43 -10.98 5.73 -0.26
N PRO A 44 -12.10 5.30 -0.94
CA PRO A 44 -13.41 5.02 -0.29
C PRO A 44 -13.34 3.96 0.83
N GLY A 45 -14.36 3.94 1.72
CA GLY A 45 -14.44 3.02 2.87
C GLY A 45 -14.37 1.54 2.49
N GLU A 46 -14.87 1.21 1.28
CA GLU A 46 -14.80 -0.15 0.70
C GLU A 46 -13.33 -0.57 0.48
N LYS A 47 -12.50 0.37 -0.02
CA LYS A 47 -11.07 0.13 -0.29
C LYS A 47 -10.30 0.05 1.03
N LEU A 48 -10.71 0.95 1.98
CA LEU A 48 -10.14 1.02 3.34
C LEU A 48 -10.30 -0.31 4.09
N GLY A 49 -11.39 -1.04 3.78
CA GLY A 49 -11.62 -2.37 4.31
C GLY A 49 -10.52 -3.35 3.93
N ARG A 50 -10.16 -3.36 2.63
CA ARG A 50 -9.09 -4.26 2.10
C ARG A 50 -7.70 -3.78 2.58
N VAL A 51 -7.53 -2.45 2.69
CA VAL A 51 -6.29 -1.80 3.15
C VAL A 51 -5.85 -2.37 4.52
N VAL A 52 -6.79 -2.40 5.48
CA VAL A 52 -6.49 -2.95 6.80
C VAL A 52 -6.37 -4.47 6.76
N HIS A 53 -7.21 -5.18 5.97
CA HIS A 53 -7.23 -6.67 5.91
C HIS A 53 -5.85 -7.25 5.56
N ILE A 54 -5.18 -6.64 4.57
CA ILE A 54 -3.84 -7.07 4.12
C ILE A 54 -2.75 -6.68 5.15
N ILE A 55 -3.04 -5.69 6.00
CA ILE A 55 -2.19 -5.34 7.16
C ILE A 55 -2.46 -6.32 8.34
N GLN A 56 -3.72 -6.82 8.47
CA GLN A 56 -4.15 -7.67 9.61
C GLN A 56 -3.71 -9.12 9.42
N SER A 57 -3.43 -9.51 8.17
CA SER A 57 -2.83 -10.80 7.85
C SER A 57 -1.36 -10.87 8.34
N ARG A 58 -0.79 -9.69 8.68
CA ARG A 58 0.56 -9.56 9.24
C ARG A 58 0.49 -9.24 10.74
N GLU A 59 -0.25 -8.17 11.08
CA GLU A 59 -0.37 -7.63 12.46
C GLU A 59 -1.86 -7.67 12.90
N PRO A 60 -2.41 -8.86 13.29
CA PRO A 60 -3.87 -9.03 13.57
C PRO A 60 -4.34 -8.39 14.89
N SER A 61 -3.39 -7.97 15.75
CA SER A 61 -3.66 -7.41 17.08
C SER A 61 -4.37 -6.03 17.00
N LEU A 62 -4.23 -5.35 15.84
CA LEU A 62 -4.88 -4.05 15.59
C LEU A 62 -6.41 -4.23 15.45
N ARG A 63 -6.79 -5.22 14.61
CA ARG A 63 -8.20 -5.59 14.34
C ARG A 63 -8.85 -6.22 15.58
N ASP A 64 -8.04 -6.96 16.35
CA ASP A 64 -8.49 -7.65 17.56
C ASP A 64 -8.78 -6.63 18.67
N SER A 65 -7.90 -5.62 18.80
CA SER A 65 -8.03 -4.56 19.81
C SER A 65 -9.29 -3.71 19.55
N ASN A 66 -9.40 -3.21 18.31
CA ASN A 66 -10.54 -2.42 17.83
C ASN A 66 -10.81 -2.81 16.37
N PRO A 67 -11.90 -3.58 16.09
CA PRO A 67 -12.27 -3.93 14.69
C PRO A 67 -12.81 -2.71 13.93
N ASP A 68 -13.32 -1.72 14.70
CA ASP A 68 -13.92 -0.49 14.18
C ASP A 68 -12.87 0.62 13.98
N GLU A 69 -11.73 0.54 14.71
CA GLU A 69 -10.66 1.56 14.67
C GLU A 69 -9.28 0.89 14.59
N ILE A 70 -8.61 1.01 13.45
CA ILE A 70 -7.30 0.37 13.21
C ILE A 70 -6.23 1.42 12.87
N GLU A 71 -5.21 1.53 13.73
CA GLU A 71 -4.04 2.39 13.49
C GLU A 71 -2.94 1.59 12.79
N ILE A 72 -2.72 1.91 11.52
CA ILE A 72 -1.73 1.24 10.68
C ILE A 72 -0.35 1.90 10.87
N ASP A 73 0.59 1.16 11.51
CA ASP A 73 1.96 1.65 11.75
C ASP A 73 2.85 1.28 10.55
N PHE A 74 2.98 2.19 9.57
CA PHE A 74 3.74 1.94 8.32
C PHE A 74 5.23 1.74 8.60
N GLU A 75 5.72 2.48 9.61
CA GLU A 75 7.14 2.49 10.02
C GLU A 75 7.63 1.10 10.47
N THR A 76 6.81 0.41 11.28
CA THR A 76 7.15 -0.90 11.88
C THR A 76 6.53 -2.07 11.07
N LEU A 77 5.83 -1.74 9.97
CA LEU A 77 5.26 -2.75 9.04
C LEU A 77 6.34 -3.35 8.14
N LYS A 78 6.01 -4.52 7.59
CA LYS A 78 6.85 -5.25 6.64
C LYS A 78 6.94 -4.47 5.29
N PRO A 79 8.18 -4.16 4.78
CA PRO A 79 8.36 -3.37 3.53
C PRO A 79 7.72 -4.04 2.30
N THR A 80 7.77 -5.39 2.28
CA THR A 80 7.24 -6.21 1.17
C THR A 80 5.70 -6.30 1.21
N THR A 81 5.09 -6.03 2.39
CA THR A 81 3.61 -5.98 2.56
C THR A 81 3.06 -4.63 2.07
N LEU A 82 3.83 -3.55 2.33
CA LEU A 82 3.49 -2.18 1.91
C LEU A 82 3.42 -2.06 0.38
N ARG A 83 4.16 -2.94 -0.32
CA ARG A 83 4.09 -3.13 -1.79
C ARG A 83 2.62 -3.30 -2.30
N GLU A 84 1.81 -4.08 -1.54
CA GLU A 84 0.37 -4.29 -1.82
C GLU A 84 -0.41 -2.96 -1.73
N LEU A 85 -0.07 -2.16 -0.70
CA LEU A 85 -0.71 -0.85 -0.45
C LEU A 85 -0.33 0.15 -1.56
N GLU A 86 0.95 0.06 -2.00
CA GLU A 86 1.51 0.91 -3.06
C GLU A 86 0.71 0.78 -4.35
N ARG A 87 0.59 -0.44 -4.89
CA ARG A 87 -0.13 -0.68 -6.17
C ARG A 87 -1.62 -0.30 -6.06
N TYR A 88 -2.15 -0.43 -4.83
CA TYR A 88 -3.57 -0.23 -4.52
C TYR A 88 -3.91 1.27 -4.59
N VAL A 89 -2.98 2.12 -4.10
CA VAL A 89 -3.11 3.58 -4.15
C VAL A 89 -2.65 4.13 -5.53
N LYS A 90 -1.74 3.38 -6.20
CA LYS A 90 -1.29 3.66 -7.58
C LYS A 90 -2.38 3.28 -8.60
N SER A 91 -3.34 2.46 -8.16
CA SER A 91 -4.54 2.16 -8.95
C SER A 91 -5.43 3.42 -9.05
N CYS A 92 -5.47 4.19 -7.95
CA CYS A 92 -6.20 5.47 -7.88
C CYS A 92 -5.44 6.57 -8.67
N LEU A 93 -4.10 6.61 -8.50
CA LEU A 93 -3.23 7.62 -9.15
C LEU A 93 -3.09 7.37 -10.65
N GLN A 94 -2.83 6.10 -11.02
CA GLN A 94 -2.72 5.69 -12.42
C GLN A 94 -4.06 5.06 -12.85
N LYS A 95 -5.00 5.95 -13.13
CA LYS A 95 -6.35 5.63 -13.57
C LYS A 95 -6.51 6.09 -15.03
N LYS A 96 -7.38 5.38 -15.81
CA LYS A 96 -7.70 5.69 -17.24
C LYS A 96 -6.53 5.33 -18.18
N SER B 1 -18.89 -1.46 12.12
CA SER B 1 -18.13 -2.57 11.54
C SER B 1 -18.46 -2.72 10.05
N ARG B 2 -19.74 -3.07 9.77
CA ARG B 2 -20.26 -3.16 8.39
C ARG B 2 -20.65 -1.77 7.86
N LEU B 3 -20.70 -0.79 8.78
CA LEU B 3 -20.95 0.62 8.48
C LEU B 3 -19.64 1.28 8.00
N THR B 4 -19.76 2.26 7.09
CA THR B 4 -18.62 3.00 6.51
C THR B 4 -17.90 3.82 7.59
N TRP B 5 -16.56 3.84 7.56
CA TRP B 5 -15.73 4.63 8.48
C TRP B 5 -14.93 5.70 7.72
N ARG B 6 -14.50 6.72 8.47
CA ARG B 6 -13.63 7.80 7.96
C ARG B 6 -12.22 7.62 8.54
N VAL B 7 -11.30 8.53 8.19
CA VAL B 7 -9.89 8.44 8.61
C VAL B 7 -9.52 9.64 9.51
N GLN B 8 -8.71 9.36 10.54
CA GLN B 8 -8.14 10.35 11.46
C GLN B 8 -6.67 9.99 11.70
N ARG B 9 -5.77 10.96 11.51
CA ARG B 9 -4.31 10.76 11.64
C ARG B 9 -3.92 10.39 13.10
N SER B 10 -2.95 9.47 13.23
CA SER B 10 -2.37 9.06 14.53
C SER B 10 -1.31 10.11 14.98
N GLN B 11 -0.57 9.81 16.08
CA GLN B 11 0.44 10.71 16.65
C GLN B 11 1.52 11.08 15.61
N ASN B 12 2.03 10.05 14.91
CA ASN B 12 2.97 10.24 13.79
C ASN B 12 2.18 10.54 12.50
N PRO B 13 2.63 11.55 11.67
CA PRO B 13 1.91 12.00 10.44
C PRO B 13 1.67 10.88 9.42
N LEU B 14 2.60 9.91 9.38
CA LEU B 14 2.53 8.77 8.45
C LEU B 14 1.39 7.83 8.84
N LYS B 15 1.28 7.54 10.14
CA LYS B 15 0.32 6.56 10.65
C LYS B 15 -1.09 7.17 10.67
N ILE B 16 -2.09 6.34 10.34
CA ILE B 16 -3.50 6.75 10.25
C ILE B 16 -4.40 5.73 10.97
N ARG B 17 -5.57 6.18 11.42
CA ARG B 17 -6.58 5.36 12.09
C ARG B 17 -7.90 5.43 11.30
N LEU B 18 -8.50 4.28 11.02
CA LEU B 18 -9.84 4.23 10.40
C LEU B 18 -10.91 4.29 11.49
N THR B 19 -11.33 5.52 11.82
CA THR B 19 -12.32 5.80 12.87
C THR B 19 -13.75 5.50 12.39
N ARG B 20 -14.50 4.70 13.16
CA ARG B 20 -15.92 4.41 12.91
C ARG B 20 -16.77 5.46 13.67
N GLU B 21 -17.75 6.09 12.99
CA GLU B 21 -18.55 7.20 13.55
C GLU B 21 -19.61 6.72 14.55
N ALA B 22 -20.02 7.64 15.44
CA ALA B 22 -21.12 7.44 16.40
C ALA B 22 -22.48 7.72 15.71
N PRO B 23 -23.63 7.14 16.25
CA PRO B 23 -24.99 7.39 15.70
C PRO B 23 -25.37 8.90 15.70
N HIS A 1 28.11 -4.82 -72.71
CA HIS A 1 27.31 -5.75 -71.89
C HIS A 1 27.19 -5.24 -70.45
N HIS A 2 26.03 -5.45 -69.83
CA HIS A 2 25.79 -5.12 -68.42
C HIS A 2 26.02 -6.36 -67.55
N HIS A 3 26.47 -6.14 -66.32
CA HIS A 3 26.63 -7.20 -65.29
C HIS A 3 25.40 -7.21 -64.37
N HIS A 4 25.33 -8.24 -63.53
CA HIS A 4 24.27 -8.39 -62.51
C HIS A 4 24.57 -7.52 -61.28
N HIS A 5 23.60 -7.39 -60.38
CA HIS A 5 23.70 -6.53 -59.19
C HIS A 5 22.87 -7.12 -58.04
N HIS A 6 23.35 -6.96 -56.79
CA HIS A 6 22.68 -7.48 -55.59
C HIS A 6 23.26 -6.80 -54.34
N SER A 7 22.38 -6.18 -53.53
CA SER A 7 22.75 -5.67 -52.20
C SER A 7 22.68 -6.83 -51.18
N HIS A 8 23.01 -6.55 -49.90
CA HIS A 8 23.07 -7.58 -48.85
C HIS A 8 21.66 -7.82 -48.26
N MET A 9 21.04 -6.74 -47.74
CA MET A 9 19.75 -6.79 -47.01
C MET A 9 19.86 -7.69 -45.76
N GLY A 10 20.19 -7.07 -44.61
CA GLY A 10 20.41 -7.77 -43.35
C GLY A 10 19.85 -7.01 -42.16
N LYS A 11 18.87 -7.60 -41.46
CA LYS A 11 18.26 -6.99 -40.26
C LYS A 11 19.22 -7.06 -39.06
N GLN A 12 19.19 -6.02 -38.22
CA GLN A 12 20.00 -5.93 -37.00
C GLN A 12 19.15 -6.36 -35.80
N ALA A 13 19.81 -6.85 -34.74
CA ALA A 13 19.13 -7.32 -33.50
C ALA A 13 19.60 -6.50 -32.28
N SER A 14 18.70 -5.66 -31.75
CA SER A 14 18.97 -4.84 -30.55
C SER A 14 18.50 -5.58 -29.26
N ALA A 15 19.00 -5.11 -28.12
CA ALA A 15 18.72 -5.70 -26.79
C ALA A 15 17.58 -4.95 -26.08
N SER A 16 16.87 -5.68 -25.21
CA SER A 16 15.78 -5.14 -24.41
C SER A 16 16.35 -4.24 -23.29
N TYR A 17 16.09 -2.93 -23.40
CA TYR A 17 16.55 -1.90 -22.44
C TYR A 17 15.82 -2.08 -21.09
N ASP A 18 16.44 -2.82 -20.17
CA ASP A 18 15.88 -3.07 -18.84
C ASP A 18 16.61 -2.23 -17.79
N SER A 19 15.82 -1.54 -16.97
CA SER A 19 16.28 -0.83 -15.77
C SER A 19 15.62 -1.45 -14.53
N GLU A 20 14.79 -2.48 -14.79
CA GLU A 20 13.91 -3.11 -13.79
C GLU A 20 14.71 -4.11 -12.95
N GLU A 21 14.86 -3.81 -11.66
CA GLU A 21 15.50 -4.68 -10.68
C GLU A 21 15.05 -4.21 -9.28
N GLU A 22 13.73 -4.30 -9.06
CA GLU A 22 13.09 -3.86 -7.82
C GLU A 22 13.37 -4.87 -6.72
N GLU A 23 13.82 -4.37 -5.57
CA GLU A 23 14.08 -5.21 -4.40
C GLU A 23 12.73 -5.65 -3.79
N GLU A 24 12.68 -6.91 -3.32
CA GLU A 24 11.48 -7.53 -2.71
C GLU A 24 10.93 -6.64 -1.58
N GLY A 25 11.78 -6.41 -0.58
CA GLY A 25 11.49 -5.48 0.51
C GLY A 25 12.43 -4.30 0.45
N LEU A 26 12.31 -3.54 -0.65
CA LEU A 26 13.18 -2.38 -0.94
C LEU A 26 13.24 -1.38 0.24
N PRO A 27 14.39 -0.65 0.44
CA PRO A 27 14.52 0.33 1.56
C PRO A 27 13.57 1.53 1.37
N MET A 28 12.30 1.32 1.79
CA MET A 28 11.25 2.33 1.73
C MET A 28 11.66 3.47 2.66
N SER A 29 11.87 4.67 2.08
CA SER A 29 12.40 5.83 2.81
C SER A 29 11.36 6.42 3.76
N TYR A 30 11.83 7.22 4.74
CA TYR A 30 10.99 7.84 5.78
C TYR A 30 9.78 8.59 5.17
N ASP A 31 10.10 9.41 4.17
CA ASP A 31 9.14 10.24 3.43
C ASP A 31 8.22 9.41 2.51
N GLU A 32 8.65 8.19 2.16
CA GLU A 32 7.84 7.26 1.34
C GLU A 32 6.66 6.68 2.14
N LYS A 33 6.85 6.47 3.47
CA LYS A 33 5.74 6.06 4.36
C LYS A 33 4.71 7.20 4.49
N ARG A 34 5.23 8.45 4.51
CA ARG A 34 4.40 9.67 4.56
C ARG A 34 3.57 9.81 3.28
N GLN A 35 4.22 9.56 2.12
CA GLN A 35 3.57 9.64 0.81
C GLN A 35 2.44 8.60 0.72
N LEU A 36 2.77 7.36 1.15
CA LEU A 36 1.83 6.24 1.18
C LEU A 36 0.71 6.46 2.21
N SER A 37 1.02 7.22 3.29
CA SER A 37 0.06 7.56 4.35
C SER A 37 -1.08 8.43 3.79
N LEU A 38 -0.68 9.48 3.03
CA LEU A 38 -1.65 10.41 2.39
C LEU A 38 -2.36 9.75 1.19
N ASP A 39 -1.64 8.85 0.50
CA ASP A 39 -2.16 8.10 -0.68
C ASP A 39 -3.28 7.12 -0.26
N ILE A 40 -3.13 6.49 0.91
CA ILE A 40 -4.16 5.60 1.48
C ILE A 40 -5.25 6.43 2.18
N ASN A 41 -4.86 7.57 2.76
CA ASN A 41 -5.76 8.51 3.48
C ASN A 41 -6.85 9.08 2.54
N ARG A 42 -6.47 9.34 1.28
CA ARG A 42 -7.39 9.92 0.26
C ARG A 42 -8.38 8.88 -0.29
N LEU A 43 -8.14 7.58 -0.02
CA LEU A 43 -9.07 6.49 -0.40
C LEU A 43 -10.29 6.47 0.56
N PRO A 44 -11.53 6.20 0.05
CA PRO A 44 -12.74 6.07 0.90
C PRO A 44 -12.74 4.80 1.75
N GLY A 45 -13.55 4.79 2.84
CA GLY A 45 -13.61 3.67 3.80
C GLY A 45 -13.98 2.32 3.17
N GLU A 46 -14.59 2.38 1.98
CA GLU A 46 -14.92 1.20 1.17
C GLU A 46 -13.62 0.56 0.61
N LYS A 47 -12.77 1.38 -0.05
CA LYS A 47 -11.46 0.94 -0.59
C LYS A 47 -10.53 0.55 0.57
N LEU A 48 -10.62 1.33 1.66
CA LEU A 48 -9.87 1.11 2.90
C LEU A 48 -10.22 -0.24 3.53
N GLY A 49 -11.47 -0.70 3.32
CA GLY A 49 -11.91 -2.02 3.77
C GLY A 49 -11.03 -3.15 3.26
N ARG A 50 -10.53 -3.00 2.01
CA ARG A 50 -9.60 -3.96 1.39
C ARG A 50 -8.13 -3.68 1.80
N VAL A 51 -7.77 -2.38 1.90
CA VAL A 51 -6.40 -1.93 2.26
C VAL A 51 -6.02 -2.44 3.67
N VAL A 52 -6.97 -2.33 4.60
CA VAL A 52 -6.78 -2.74 5.99
C VAL A 52 -6.87 -4.26 6.13
N HIS A 53 -7.61 -4.91 5.19
CA HIS A 53 -7.96 -6.34 5.30
C HIS A 53 -6.69 -7.20 5.31
N ILE A 54 -5.70 -6.82 4.47
CA ILE A 54 -4.41 -7.53 4.37
C ILE A 54 -3.53 -7.27 5.63
N ILE A 55 -3.75 -6.11 6.28
CA ILE A 55 -3.03 -5.71 7.51
C ILE A 55 -3.60 -6.49 8.73
N GLN A 56 -4.92 -6.70 8.71
CA GLN A 56 -5.66 -7.40 9.79
C GLN A 56 -5.58 -8.93 9.61
N SER A 57 -5.35 -9.38 8.36
CA SER A 57 -5.06 -10.79 8.08
C SER A 57 -3.63 -11.11 8.56
N ARG A 58 -2.74 -10.12 8.36
CA ARG A 58 -1.33 -10.18 8.79
C ARG A 58 -1.25 -10.21 10.33
N GLU A 59 -1.94 -9.24 10.98
CA GLU A 59 -2.00 -9.11 12.44
C GLU A 59 -3.49 -9.15 12.91
N PRO A 60 -4.07 -10.37 13.14
CA PRO A 60 -5.47 -10.53 13.65
C PRO A 60 -5.67 -10.00 15.09
N SER A 61 -4.57 -9.68 15.78
CA SER A 61 -4.59 -9.12 17.13
C SER A 61 -5.35 -7.78 17.19
N LEU A 62 -5.05 -6.88 16.21
CA LEU A 62 -5.63 -5.52 16.14
C LEU A 62 -7.16 -5.55 15.96
N ARG A 63 -7.62 -6.34 14.97
CA ARG A 63 -9.05 -6.39 14.59
C ARG A 63 -9.92 -7.06 15.68
N ASP A 64 -9.32 -8.00 16.42
CA ASP A 64 -10.01 -8.75 17.50
C ASP A 64 -10.20 -7.84 18.72
N SER A 65 -9.16 -7.05 19.03
CA SER A 65 -9.17 -6.10 20.15
C SER A 65 -10.15 -4.94 19.87
N ASN A 66 -10.03 -4.35 18.67
CA ASN A 66 -10.87 -3.22 18.24
C ASN A 66 -11.39 -3.49 16.81
N PRO A 67 -12.66 -3.98 16.65
CA PRO A 67 -13.31 -4.10 15.33
C PRO A 67 -13.74 -2.72 14.75
N ASP A 68 -13.80 -1.72 15.64
CA ASP A 68 -14.21 -0.35 15.29
C ASP A 68 -12.99 0.56 15.01
N GLU A 69 -11.78 0.11 15.40
CA GLU A 69 -10.52 0.86 15.16
C GLU A 69 -9.45 -0.05 14.56
N ILE A 70 -8.95 0.35 13.38
CA ILE A 70 -7.83 -0.31 12.72
C ILE A 70 -6.73 0.73 12.49
N GLU A 71 -5.57 0.53 13.15
CA GLU A 71 -4.46 1.48 13.13
C GLU A 71 -3.27 0.87 12.35
N ILE A 72 -3.05 1.40 11.14
CA ILE A 72 -1.98 0.95 10.24
C ILE A 72 -0.76 1.86 10.43
N ASP A 73 0.31 1.30 11.01
CA ASP A 73 1.53 2.05 11.34
C ASP A 73 2.63 1.68 10.34
N PHE A 74 2.80 2.52 9.30
CA PHE A 74 3.71 2.27 8.16
C PHE A 74 5.19 2.24 8.59
N GLU A 75 5.50 3.01 9.65
CA GLU A 75 6.84 3.05 10.27
C GLU A 75 7.24 1.67 10.85
N THR A 76 6.24 0.93 11.39
CA THR A 76 6.45 -0.39 12.00
C THR A 76 5.80 -1.51 11.16
N LEU A 77 5.62 -1.25 9.85
CA LEU A 77 5.25 -2.29 8.87
C LEU A 77 6.50 -2.80 8.14
N LYS A 78 6.32 -3.88 7.40
CA LYS A 78 7.37 -4.47 6.55
C LYS A 78 7.42 -3.70 5.20
N PRO A 79 8.62 -3.40 4.62
CA PRO A 79 8.75 -2.78 3.27
C PRO A 79 8.05 -3.61 2.16
N THR A 80 7.96 -4.94 2.38
CA THR A 80 7.20 -5.87 1.52
C THR A 80 5.67 -5.63 1.65
N THR A 81 5.20 -5.41 2.88
CA THR A 81 3.78 -5.12 3.17
C THR A 81 3.37 -3.75 2.56
N LEU A 82 4.31 -2.78 2.66
CA LEU A 82 4.16 -1.42 2.08
C LEU A 82 4.12 -1.50 0.55
N ARG A 83 4.81 -2.52 0.00
CA ARG A 83 4.86 -2.80 -1.44
C ARG A 83 3.48 -3.32 -1.93
N GLU A 84 2.76 -4.10 -1.10
CA GLU A 84 1.37 -4.54 -1.41
C GLU A 84 0.39 -3.37 -1.35
N LEU A 85 0.63 -2.44 -0.41
CA LEU A 85 -0.21 -1.25 -0.23
C LEU A 85 -0.11 -0.32 -1.45
N GLU A 86 1.14 0.05 -1.83
CA GLU A 86 1.40 1.04 -2.91
C GLU A 86 0.83 0.58 -4.27
N ARG A 87 1.04 -0.72 -4.64
CA ARG A 87 0.61 -1.23 -5.96
C ARG A 87 -0.91 -1.21 -6.09
N TYR A 88 -1.60 -1.40 -4.94
CA TYR A 88 -3.06 -1.38 -4.88
C TYR A 88 -3.57 0.06 -5.05
N VAL A 89 -3.00 0.99 -4.27
CA VAL A 89 -3.43 2.39 -4.25
C VAL A 89 -3.20 3.05 -5.62
N LYS A 90 -2.00 2.84 -6.18
CA LYS A 90 -1.61 3.41 -7.48
C LYS A 90 -2.53 2.91 -8.62
N SER A 91 -2.88 1.61 -8.59
CA SER A 91 -3.77 1.00 -9.60
C SER A 91 -5.23 1.48 -9.41
N CYS A 92 -5.64 1.69 -8.15
CA CYS A 92 -6.99 2.21 -7.83
C CYS A 92 -7.14 3.67 -8.31
N LEU A 93 -6.07 4.46 -8.12
CA LEU A 93 -6.02 5.87 -8.53
C LEU A 93 -5.75 6.01 -10.04
N GLN A 94 -5.22 4.93 -10.67
CA GLN A 94 -4.98 4.86 -12.12
C GLN A 94 -6.33 4.87 -12.87
N LYS A 95 -6.41 5.68 -13.93
CA LYS A 95 -7.64 5.92 -14.70
C LYS A 95 -7.42 5.57 -16.18
N LYS A 96 -8.41 5.91 -17.01
CA LYS A 96 -8.39 5.63 -18.45
C LYS A 96 -8.54 6.94 -19.23
N SER B 1 -24.59 -1.36 11.09
CA SER B 1 -25.13 -0.86 9.84
C SER B 1 -24.03 -0.71 8.77
N ARG B 2 -22.75 -0.82 9.22
CA ARG B 2 -21.56 -0.58 8.40
C ARG B 2 -21.59 0.88 7.90
N LEU B 3 -21.14 1.80 8.75
CA LEU B 3 -21.17 3.24 8.48
C LEU B 3 -19.89 3.67 7.74
N THR B 4 -19.81 4.98 7.43
CA THR B 4 -18.66 5.58 6.74
C THR B 4 -17.50 5.73 7.75
N TRP B 5 -16.79 4.62 7.96
CA TRP B 5 -15.67 4.53 8.91
C TRP B 5 -14.39 5.08 8.25
N ARG B 6 -14.35 6.43 8.14
CA ARG B 6 -13.25 7.14 7.46
C ARG B 6 -11.98 7.15 8.30
N VAL B 7 -10.86 7.47 7.64
CA VAL B 7 -9.55 7.45 8.27
C VAL B 7 -9.18 8.85 8.81
N GLN B 8 -8.74 8.88 10.07
CA GLN B 8 -8.12 10.06 10.67
C GLN B 8 -6.60 9.80 10.77
N ARG B 9 -5.81 10.84 10.56
CA ARG B 9 -4.35 10.76 10.68
C ARG B 9 -3.95 10.70 12.17
N SER B 10 -2.94 9.86 12.48
CA SER B 10 -2.40 9.69 13.84
C SER B 10 -1.42 10.84 14.20
N GLN B 11 -0.72 10.70 15.36
CA GLN B 11 0.24 11.72 15.84
C GLN B 11 1.41 11.89 14.86
N ASN B 12 2.06 10.77 14.49
CA ASN B 12 3.13 10.75 13.46
C ASN B 12 2.51 10.79 12.05
N PRO B 13 3.26 11.34 11.02
CA PRO B 13 2.82 11.34 9.59
C PRO B 13 3.07 9.96 8.91
N LEU B 14 3.50 8.99 9.72
CA LEU B 14 3.86 7.63 9.28
C LEU B 14 2.77 6.62 9.65
N LYS B 15 1.64 7.10 10.20
CA LYS B 15 0.58 6.24 10.76
C LYS B 15 -0.80 6.81 10.44
N ILE B 16 -1.76 5.92 10.20
CA ILE B 16 -3.18 6.26 10.03
C ILE B 16 -4.03 5.47 11.04
N ARG B 17 -5.26 5.94 11.27
CA ARG B 17 -6.14 5.39 12.31
C ARG B 17 -7.60 5.45 11.81
N LEU B 18 -8.15 4.31 11.41
CA LEU B 18 -9.53 4.20 10.95
C LEU B 18 -10.46 3.96 12.15
N THR B 19 -10.93 5.07 12.74
CA THR B 19 -11.99 5.06 13.76
C THR B 19 -13.36 5.05 13.06
N ARG B 20 -14.28 4.23 13.56
CA ARG B 20 -15.64 4.07 13.01
C ARG B 20 -16.53 5.27 13.42
N GLU B 21 -17.14 5.92 12.41
CA GLU B 21 -18.11 7.01 12.62
C GLU B 21 -19.50 6.41 12.94
N ALA B 22 -20.05 6.78 14.11
CA ALA B 22 -21.41 6.36 14.53
C ALA B 22 -22.32 7.60 14.57
N PRO B 23 -23.41 7.66 13.72
CA PRO B 23 -24.29 8.86 13.60
C PRO B 23 -25.04 9.16 14.91
N HIS A 1 -32.05 -33.15 -7.64
CA HIS A 1 -31.76 -34.20 -8.65
C HIS A 1 -30.27 -34.15 -9.03
N HIS A 2 -29.77 -35.25 -9.63
CA HIS A 2 -28.37 -35.34 -10.07
C HIS A 2 -28.16 -34.45 -11.32
N HIS A 3 -27.29 -33.43 -11.17
CA HIS A 3 -26.88 -32.50 -12.23
C HIS A 3 -25.65 -31.73 -11.72
N HIS A 4 -24.54 -31.78 -12.47
CA HIS A 4 -23.26 -31.17 -12.07
C HIS A 4 -22.35 -30.96 -13.29
N HIS A 5 -21.63 -29.83 -13.30
CA HIS A 5 -20.67 -29.46 -14.36
C HIS A 5 -19.26 -29.96 -14.02
N HIS A 6 -18.49 -30.29 -15.07
CA HIS A 6 -17.10 -30.80 -14.97
C HIS A 6 -16.13 -29.62 -15.22
N SER A 7 -15.69 -29.01 -14.11
CA SER A 7 -14.91 -27.77 -14.10
C SER A 7 -13.39 -28.07 -14.07
N HIS A 8 -12.67 -27.67 -15.13
CA HIS A 8 -11.20 -27.85 -15.23
C HIS A 8 -10.60 -26.89 -16.28
N MET A 9 -9.33 -26.51 -16.08
CA MET A 9 -8.62 -25.55 -16.96
C MET A 9 -7.65 -26.31 -17.88
N GLY A 10 -6.81 -27.16 -17.28
CA GLY A 10 -5.80 -27.93 -18.00
C GLY A 10 -4.39 -27.46 -17.64
N LYS A 11 -3.76 -26.65 -18.53
CA LYS A 11 -2.42 -26.08 -18.29
C LYS A 11 -2.51 -24.99 -17.20
N GLN A 12 -1.47 -24.90 -16.36
CA GLN A 12 -1.42 -24.01 -15.19
C GLN A 12 -0.08 -23.23 -15.17
N ALA A 13 0.47 -23.00 -16.39
CA ALA A 13 1.76 -22.30 -16.56
C ALA A 13 1.58 -20.78 -16.41
N SER A 14 2.41 -20.18 -15.54
CA SER A 14 2.40 -18.74 -15.25
C SER A 14 3.82 -18.18 -15.45
N ALA A 15 4.06 -17.61 -16.65
CA ALA A 15 5.37 -17.07 -17.05
C ALA A 15 5.63 -15.72 -16.35
N SER A 16 6.21 -15.81 -15.14
CA SER A 16 6.63 -14.64 -14.36
C SER A 16 7.90 -14.02 -15.00
N TYR A 17 7.65 -13.13 -15.99
CA TYR A 17 8.70 -12.42 -16.74
C TYR A 17 9.44 -11.43 -15.81
N ASP A 18 10.60 -11.88 -15.29
CA ASP A 18 11.40 -11.11 -14.32
C ASP A 18 12.31 -10.11 -15.07
N SER A 19 11.66 -9.12 -15.68
CA SER A 19 12.32 -8.01 -16.39
C SER A 19 11.85 -6.65 -15.84
N GLU A 20 11.01 -6.68 -14.79
CA GLU A 20 10.39 -5.46 -14.21
C GLU A 20 11.16 -5.00 -12.98
N GLU A 21 11.00 -3.72 -12.61
CA GLU A 21 11.59 -3.14 -11.38
C GLU A 21 10.80 -3.63 -10.15
N GLU A 22 11.05 -4.88 -9.77
CA GLU A 22 10.35 -5.55 -8.67
C GLU A 22 10.93 -5.05 -7.32
N GLU A 23 10.07 -4.93 -6.30
CA GLU A 23 10.42 -4.29 -5.02
C GLU A 23 9.83 -5.07 -3.81
N GLU A 24 10.16 -6.37 -3.74
CA GLU A 24 9.75 -7.27 -2.65
C GLU A 24 10.09 -6.69 -1.26
N GLY A 25 11.39 -6.69 -0.92
CA GLY A 25 11.87 -6.22 0.38
C GLY A 25 12.87 -5.10 0.23
N LEU A 26 12.49 -4.08 -0.56
CA LEU A 26 13.35 -2.90 -0.80
C LEU A 26 13.46 -2.05 0.47
N PRO A 27 14.57 -1.28 0.69
CA PRO A 27 14.63 -0.32 1.81
C PRO A 27 13.72 0.90 1.50
N MET A 28 12.46 0.81 1.94
CA MET A 28 11.45 1.84 1.70
C MET A 28 11.80 3.09 2.55
N SER A 29 12.04 4.23 1.88
CA SER A 29 12.47 5.48 2.55
C SER A 29 11.32 6.08 3.40
N TYR A 30 11.69 6.90 4.41
CA TYR A 30 10.72 7.48 5.39
C TYR A 30 9.62 8.31 4.69
N ASP A 31 10.00 9.01 3.61
CA ASP A 31 9.08 9.87 2.83
C ASP A 31 8.10 9.02 2.00
N GLU A 32 8.50 7.78 1.66
CA GLU A 32 7.63 6.82 0.95
C GLU A 32 6.47 6.37 1.86
N LYS A 33 6.78 6.24 3.19
CA LYS A 33 5.77 5.95 4.23
C LYS A 33 4.76 7.10 4.31
N ARG A 34 5.30 8.34 4.28
CA ARG A 34 4.52 9.58 4.34
C ARG A 34 3.59 9.72 3.13
N GLN A 35 4.14 9.50 1.92
CA GLN A 35 3.41 9.68 0.66
C GLN A 35 2.27 8.64 0.60
N LEU A 36 2.62 7.38 0.88
CA LEU A 36 1.67 6.25 0.92
C LEU A 36 0.53 6.52 1.93
N SER A 37 0.86 7.15 3.06
CA SER A 37 -0.12 7.52 4.09
C SER A 37 -1.18 8.47 3.51
N LEU A 38 -0.73 9.62 2.97
CA LEU A 38 -1.63 10.63 2.38
C LEU A 38 -2.39 10.10 1.15
N ASP A 39 -1.77 9.13 0.46
CA ASP A 39 -2.31 8.55 -0.78
C ASP A 39 -3.40 7.51 -0.46
N ILE A 40 -3.32 6.89 0.73
CA ILE A 40 -4.37 6.02 1.27
C ILE A 40 -5.46 6.86 1.98
N ASN A 41 -5.07 8.07 2.46
CA ASN A 41 -6.01 9.02 3.11
C ASN A 41 -7.07 9.52 2.11
N ARG A 42 -6.67 9.72 0.84
CA ARG A 42 -7.59 10.18 -0.23
C ARG A 42 -8.52 9.06 -0.74
N LEU A 43 -8.23 7.79 -0.34
CA LEU A 43 -9.05 6.63 -0.72
C LEU A 43 -10.39 6.62 0.08
N PRO A 44 -11.56 6.36 -0.59
CA PRO A 44 -12.87 6.17 0.08
C PRO A 44 -12.91 4.90 0.95
N GLY A 45 -13.94 4.80 1.82
CA GLY A 45 -14.08 3.70 2.78
C GLY A 45 -14.21 2.31 2.16
N GLU A 46 -14.61 2.25 0.88
CA GLU A 46 -14.64 1.02 0.07
C GLU A 46 -13.20 0.50 -0.07
N LYS A 47 -12.29 1.40 -0.51
CA LYS A 47 -10.86 1.10 -0.68
C LYS A 47 -10.24 0.79 0.67
N LEU A 48 -10.58 1.63 1.68
CA LEU A 48 -10.07 1.53 3.06
C LEU A 48 -10.45 0.18 3.70
N GLY A 49 -11.57 -0.40 3.25
CA GLY A 49 -11.98 -1.74 3.65
C GLY A 49 -10.93 -2.80 3.30
N ARG A 50 -10.48 -2.76 2.03
CA ARG A 50 -9.54 -3.75 1.49
C ARG A 50 -8.06 -3.39 1.84
N VAL A 51 -7.81 -2.09 2.10
CA VAL A 51 -6.52 -1.59 2.65
C VAL A 51 -6.25 -2.26 4.01
N VAL A 52 -7.28 -2.22 4.86
CA VAL A 52 -7.23 -2.81 6.20
C VAL A 52 -7.30 -4.34 6.14
N HIS A 53 -7.99 -4.91 5.12
CA HIS A 53 -8.24 -6.38 5.02
C HIS A 53 -6.93 -7.19 4.99
N ILE A 54 -5.91 -6.68 4.27
CA ILE A 54 -4.57 -7.31 4.25
C ILE A 54 -3.86 -7.12 5.61
N ILE A 55 -4.08 -5.95 6.25
CA ILE A 55 -3.48 -5.60 7.56
C ILE A 55 -4.14 -6.38 8.72
N GLN A 56 -5.38 -6.89 8.50
CA GLN A 56 -6.08 -7.78 9.45
C GLN A 56 -5.35 -9.13 9.50
N SER A 57 -4.92 -9.60 8.32
CA SER A 57 -4.13 -10.82 8.17
C SER A 57 -2.73 -10.63 8.78
N ARG A 58 -2.12 -9.45 8.51
CA ARG A 58 -0.75 -9.11 8.98
C ARG A 58 -0.71 -8.93 10.51
N GLU A 59 -1.75 -8.27 11.05
CA GLU A 59 -1.89 -8.00 12.49
C GLU A 59 -3.21 -8.57 13.01
N PRO A 60 -3.21 -9.87 13.47
CA PRO A 60 -4.32 -10.42 14.28
C PRO A 60 -4.30 -9.85 15.72
N SER A 61 -3.19 -9.15 16.06
CA SER A 61 -2.91 -8.59 17.39
C SER A 61 -3.97 -7.57 17.85
N LEU A 62 -4.32 -6.61 16.96
CA LEU A 62 -5.19 -5.47 17.32
C LEU A 62 -6.64 -5.63 16.83
N ARG A 63 -6.88 -6.49 15.82
CA ARG A 63 -8.15 -6.50 15.05
C ARG A 63 -9.38 -6.95 15.89
N ASP A 64 -9.20 -8.00 16.72
CA ASP A 64 -10.28 -8.53 17.59
C ASP A 64 -10.39 -7.70 18.87
N SER A 65 -9.25 -7.12 19.29
CA SER A 65 -9.14 -6.32 20.52
C SER A 65 -9.91 -4.99 20.38
N ASN A 66 -9.68 -4.29 19.25
CA ASN A 66 -10.39 -3.05 18.91
C ASN A 66 -10.66 -3.03 17.38
N PRO A 67 -11.88 -3.44 16.93
CA PRO A 67 -12.29 -3.34 15.50
C PRO A 67 -12.70 -1.90 15.11
N ASP A 68 -12.99 -1.07 16.11
CA ASP A 68 -13.54 0.30 15.90
C ASP A 68 -12.42 1.33 15.69
N GLU A 69 -11.19 0.96 16.09
CA GLU A 69 -9.97 1.77 15.88
C GLU A 69 -8.87 0.83 15.39
N ILE A 70 -8.49 0.96 14.11
CA ILE A 70 -7.47 0.12 13.49
C ILE A 70 -6.32 1.03 13.02
N GLU A 71 -5.14 0.90 13.67
CA GLU A 71 -3.98 1.76 13.38
C GLU A 71 -2.99 1.05 12.44
N ILE A 72 -2.83 1.61 11.25
CA ILE A 72 -1.83 1.17 10.28
C ILE A 72 -0.69 2.20 10.31
N ASP A 73 0.47 1.83 10.87
CA ASP A 73 1.64 2.72 10.94
C ASP A 73 2.77 2.14 10.09
N PHE A 74 2.96 2.78 8.92
CA PHE A 74 3.89 2.35 7.87
C PHE A 74 5.36 2.42 8.34
N GLU A 75 5.59 3.22 9.41
CA GLU A 75 6.90 3.45 10.01
C GLU A 75 7.51 2.16 10.62
N THR A 76 6.66 1.23 11.06
CA THR A 76 7.11 -0.06 11.65
C THR A 76 6.77 -1.26 10.74
N LEU A 77 5.78 -1.07 9.83
CA LEU A 77 5.34 -2.12 8.88
C LEU A 77 6.47 -2.54 7.92
N LYS A 78 6.40 -3.81 7.51
CA LYS A 78 7.42 -4.47 6.71
C LYS A 78 7.41 -3.93 5.25
N PRO A 79 8.61 -3.68 4.60
CA PRO A 79 8.70 -3.21 3.18
C PRO A 79 7.86 -4.07 2.21
N THR A 80 7.79 -5.38 2.51
CA THR A 80 7.05 -6.37 1.72
C THR A 80 5.53 -6.14 1.79
N THR A 81 5.03 -5.89 3.02
CA THR A 81 3.62 -5.60 3.28
C THR A 81 3.20 -4.30 2.57
N LEU A 82 4.10 -3.31 2.62
CA LEU A 82 3.86 -1.96 2.11
C LEU A 82 3.85 -1.92 0.58
N ARG A 83 4.56 -2.87 -0.06
CA ARG A 83 4.51 -3.08 -1.51
C ARG A 83 3.06 -3.36 -1.98
N GLU A 84 2.27 -4.02 -1.11
CA GLU A 84 0.86 -4.34 -1.38
C GLU A 84 -0.02 -3.09 -1.28
N LEU A 85 0.28 -2.22 -0.30
CA LEU A 85 -0.42 -0.93 -0.13
C LEU A 85 -0.12 0.00 -1.34
N GLU A 86 1.16 -0.03 -1.82
CA GLU A 86 1.59 0.68 -3.04
C GLU A 86 0.77 0.21 -4.26
N ARG A 87 0.86 -1.10 -4.53
CA ARG A 87 0.24 -1.75 -5.71
C ARG A 87 -1.28 -1.49 -5.78
N TYR A 88 -1.93 -1.54 -4.60
CA TYR A 88 -3.38 -1.34 -4.48
C TYR A 88 -3.77 0.11 -4.84
N VAL A 89 -3.10 1.10 -4.23
CA VAL A 89 -3.46 2.53 -4.41
C VAL A 89 -3.09 3.03 -5.82
N LYS A 90 -2.02 2.46 -6.42
CA LYS A 90 -1.57 2.80 -7.79
C LYS A 90 -2.66 2.49 -8.82
N SER A 91 -3.23 1.28 -8.75
CA SER A 91 -4.30 0.83 -9.66
C SER A 91 -5.59 1.68 -9.49
N CYS A 92 -5.70 2.39 -8.34
CA CYS A 92 -6.81 3.32 -8.08
C CYS A 92 -6.52 4.72 -8.70
N LEU A 93 -5.23 5.09 -8.83
CA LEU A 93 -4.82 6.40 -9.37
C LEU A 93 -4.79 6.41 -10.91
N GLN A 94 -4.21 5.36 -11.51
CA GLN A 94 -4.20 5.18 -12.97
C GLN A 94 -4.77 3.80 -13.31
N LYS A 95 -5.72 3.78 -14.25
CA LYS A 95 -6.52 2.59 -14.61
C LYS A 95 -5.78 1.71 -15.64
N LYS A 96 -4.65 2.24 -16.15
CA LYS A 96 -3.79 1.55 -17.15
C LYS A 96 -2.39 1.32 -16.57
N SER B 1 -22.02 -5.75 5.23
CA SER B 1 -22.64 -5.13 6.41
C SER B 1 -21.64 -4.25 7.17
N ARG B 2 -20.39 -4.15 6.67
CA ARG B 2 -19.33 -3.33 7.27
C ARG B 2 -19.66 -1.83 7.10
N LEU B 3 -19.94 -1.16 8.22
CA LEU B 3 -20.23 0.28 8.26
C LEU B 3 -18.99 1.06 7.79
N THR B 4 -19.13 1.73 6.62
CA THR B 4 -18.04 2.44 5.92
C THR B 4 -17.31 3.42 6.86
N TRP B 5 -16.06 3.08 7.19
CA TRP B 5 -15.24 3.86 8.10
C TRP B 5 -14.38 4.88 7.36
N ARG B 6 -13.84 5.82 8.13
CA ARG B 6 -12.98 6.90 7.63
C ARG B 6 -11.62 6.84 8.30
N VAL B 7 -10.62 7.49 7.71
CA VAL B 7 -9.26 7.52 8.23
C VAL B 7 -8.98 8.85 8.95
N GLN B 8 -8.35 8.76 10.12
CA GLN B 8 -7.79 9.90 10.87
C GLN B 8 -6.32 9.60 11.19
N ARG B 9 -5.65 10.58 11.81
CA ARG B 9 -4.25 10.47 12.22
C ARG B 9 -4.18 10.16 13.73
N SER B 10 -3.03 9.62 14.18
CA SER B 10 -2.74 9.41 15.60
C SER B 10 -1.26 9.74 15.85
N GLN B 11 -1.00 10.81 16.65
CA GLN B 11 0.33 11.42 16.92
C GLN B 11 1.20 11.61 15.64
N ASN B 12 1.79 10.51 15.12
CA ASN B 12 2.64 10.51 13.92
C ASN B 12 1.74 10.51 12.66
N PRO B 13 2.15 11.22 11.56
CA PRO B 13 1.40 11.22 10.27
C PRO B 13 1.58 9.91 9.47
N LEU B 14 2.30 8.94 10.06
CA LEU B 14 2.43 7.58 9.53
C LEU B 14 1.32 6.69 10.10
N LYS B 15 0.92 6.99 11.36
CA LYS B 15 -0.11 6.22 12.06
C LYS B 15 -1.50 6.69 11.62
N ILE B 16 -2.08 5.98 10.65
CA ILE B 16 -3.44 6.25 10.18
C ILE B 16 -4.43 5.32 10.92
N ARG B 17 -5.21 5.91 11.84
CA ARG B 17 -6.21 5.18 12.62
C ARG B 17 -7.56 5.23 11.87
N LEU B 18 -7.88 4.14 11.18
CA LEU B 18 -9.16 4.00 10.47
C LEU B 18 -10.24 3.63 11.50
N THR B 19 -10.92 4.67 11.98
CA THR B 19 -11.97 4.57 12.99
C THR B 19 -13.33 4.33 12.34
N ARG B 20 -14.02 3.28 12.80
CA ARG B 20 -15.38 2.94 12.38
C ARG B 20 -16.35 3.98 12.99
N GLU B 21 -16.50 5.11 12.27
CA GLU B 21 -17.42 6.19 12.61
C GLU B 21 -18.58 6.17 11.61
N ALA B 22 -19.66 5.49 11.98
CA ALA B 22 -20.91 5.47 11.24
C ALA B 22 -21.81 6.60 11.76
N PRO B 23 -22.54 7.36 10.87
CA PRO B 23 -23.38 8.53 11.25
C PRO B 23 -24.34 8.25 12.45
N HIS A 1 -27.69 -11.81 -43.46
CA HIS A 1 -26.39 -11.35 -42.92
C HIS A 1 -25.67 -12.55 -42.29
N HIS A 2 -24.50 -12.91 -42.84
CA HIS A 2 -23.71 -14.06 -42.35
C HIS A 2 -22.77 -13.58 -41.23
N HIS A 3 -22.78 -14.32 -40.11
CA HIS A 3 -21.99 -14.01 -38.90
C HIS A 3 -21.01 -15.16 -38.65
N HIS A 4 -19.73 -14.86 -38.76
CA HIS A 4 -18.64 -15.81 -38.49
C HIS A 4 -17.58 -15.13 -37.61
N HIS A 5 -17.60 -15.45 -36.30
CA HIS A 5 -16.60 -14.99 -35.35
C HIS A 5 -16.38 -16.07 -34.27
N HIS A 6 -15.30 -16.84 -34.43
CA HIS A 6 -14.84 -17.80 -33.43
C HIS A 6 -13.37 -17.50 -33.13
N SER A 7 -13.03 -17.31 -31.85
CA SER A 7 -11.65 -17.03 -31.41
C SER A 7 -10.76 -18.28 -31.65
N HIS A 8 -10.17 -18.34 -32.85
CA HIS A 8 -9.26 -19.42 -33.24
C HIS A 8 -7.84 -19.07 -32.78
N MET A 9 -7.43 -19.66 -31.63
CA MET A 9 -6.13 -19.38 -30.97
C MET A 9 -6.07 -17.88 -30.52
N GLY A 10 -7.27 -17.28 -30.34
CA GLY A 10 -7.43 -15.87 -30.00
C GLY A 10 -6.87 -15.55 -28.62
N LYS A 11 -7.18 -16.40 -27.66
CA LYS A 11 -6.68 -16.31 -26.28
C LYS A 11 -5.74 -17.49 -26.02
N GLN A 12 -4.53 -17.19 -25.54
CA GLN A 12 -3.51 -18.19 -25.20
C GLN A 12 -3.00 -17.95 -23.77
N ALA A 13 -2.54 -19.04 -23.14
CA ALA A 13 -1.91 -18.99 -21.81
C ALA A 13 -0.39 -19.19 -21.93
N SER A 14 0.15 -18.92 -23.14
CA SER A 14 1.56 -19.09 -23.47
C SER A 14 2.40 -17.89 -22.96
N ALA A 15 2.49 -17.77 -21.62
CA ALA A 15 3.20 -16.70 -20.93
C ALA A 15 3.80 -17.25 -19.63
N SER A 16 4.68 -16.46 -19.01
CA SER A 16 5.37 -16.85 -17.77
C SER A 16 4.45 -16.59 -16.54
N TYR A 17 4.93 -17.00 -15.36
CA TYR A 17 4.21 -16.87 -14.09
C TYR A 17 5.21 -16.55 -12.97
N ASP A 18 4.98 -15.45 -12.25
CA ASP A 18 5.78 -15.06 -11.09
C ASP A 18 5.45 -16.01 -9.92
N SER A 19 6.38 -16.93 -9.63
CA SER A 19 6.19 -17.97 -8.62
C SER A 19 6.62 -17.49 -7.23
N GLU A 20 7.79 -16.83 -7.17
CA GLU A 20 8.46 -16.49 -5.91
C GLU A 20 8.00 -15.11 -5.38
N GLU A 21 7.08 -15.14 -4.39
CA GLU A 21 6.74 -13.97 -3.59
C GLU A 21 7.60 -14.03 -2.32
N GLU A 22 8.78 -13.41 -2.38
CA GLU A 22 9.79 -13.53 -1.32
C GLU A 22 9.68 -12.37 -0.31
N GLU A 23 9.91 -12.70 0.95
CA GLU A 23 10.00 -11.74 2.05
C GLU A 23 11.41 -11.14 2.06
N GLU A 24 11.54 -9.98 1.40
CA GLU A 24 12.80 -9.22 1.35
C GLU A 24 12.91 -8.31 2.58
N GLY A 25 12.00 -7.32 2.65
CA GLY A 25 12.04 -6.29 3.69
C GLY A 25 13.11 -5.24 3.39
N LEU A 26 13.28 -4.90 2.09
CA LEU A 26 14.22 -3.87 1.62
C LEU A 26 13.79 -2.49 2.18
N PRO A 27 14.74 -1.64 2.68
CA PRO A 27 14.39 -0.39 3.40
C PRO A 27 13.61 0.62 2.52
N MET A 28 12.29 0.67 2.73
CA MET A 28 11.40 1.64 2.09
C MET A 28 11.67 3.04 2.69
N SER A 29 11.92 4.03 1.83
CA SER A 29 12.27 5.40 2.24
C SER A 29 11.16 6.05 3.07
N TYR A 30 11.56 6.93 4.00
CA TYR A 30 10.63 7.68 4.87
C TYR A 30 9.76 8.64 4.02
N ASP A 31 10.30 9.07 2.88
CA ASP A 31 9.56 9.84 1.86
C ASP A 31 8.38 9.02 1.33
N GLU A 32 8.64 7.72 1.05
CA GLU A 32 7.62 6.78 0.54
C GLU A 32 6.58 6.43 1.62
N LYS A 33 6.99 6.50 2.90
CA LYS A 33 6.07 6.29 4.05
C LYS A 33 5.04 7.43 4.12
N ARG A 34 5.56 8.68 4.06
CA ARG A 34 4.75 9.92 4.10
C ARG A 34 3.81 10.00 2.89
N GLN A 35 4.34 9.63 1.71
CA GLN A 35 3.57 9.62 0.46
C GLN A 35 2.42 8.60 0.56
N LEU A 36 2.77 7.35 0.92
CA LEU A 36 1.81 6.22 1.05
C LEU A 36 0.69 6.55 2.07
N SER A 37 1.03 7.39 3.07
CA SER A 37 0.09 7.84 4.10
C SER A 37 -1.07 8.67 3.48
N LEU A 38 -0.71 9.74 2.75
CA LEU A 38 -1.70 10.63 2.07
C LEU A 38 -2.37 9.91 0.89
N ASP A 39 -1.62 8.99 0.27
CA ASP A 39 -2.03 8.26 -0.95
C ASP A 39 -3.18 7.29 -0.61
N ILE A 40 -3.10 6.68 0.58
CA ILE A 40 -4.16 5.81 1.12
C ILE A 40 -5.26 6.65 1.80
N ASN A 41 -4.85 7.77 2.43
CA ASN A 41 -5.78 8.65 3.19
C ASN A 41 -6.86 9.27 2.28
N ARG A 42 -6.53 9.46 0.99
CA ARG A 42 -7.47 10.04 0.02
C ARG A 42 -8.52 9.03 -0.46
N LEU A 43 -8.20 7.71 -0.38
CA LEU A 43 -9.09 6.62 -0.85
C LEU A 43 -10.45 6.63 -0.11
N PRO A 44 -11.59 6.32 -0.82
CA PRO A 44 -12.93 6.23 -0.18
C PRO A 44 -12.97 5.18 0.95
N GLY A 45 -13.87 5.38 1.93
CA GLY A 45 -14.02 4.46 3.07
C GLY A 45 -14.29 3.02 2.67
N GLU A 46 -15.10 2.83 1.61
CA GLU A 46 -15.36 1.53 0.99
C GLU A 46 -14.04 0.85 0.57
N LYS A 47 -13.15 1.64 -0.05
CA LYS A 47 -11.87 1.15 -0.59
C LYS A 47 -10.91 0.78 0.54
N LEU A 48 -10.94 1.63 1.59
CA LEU A 48 -10.11 1.47 2.80
C LEU A 48 -10.36 0.12 3.47
N GLY A 49 -11.57 -0.43 3.33
CA GLY A 49 -11.91 -1.76 3.85
C GLY A 49 -11.05 -2.87 3.27
N ARG A 50 -10.76 -2.79 1.95
CA ARG A 50 -9.90 -3.79 1.27
C ARG A 50 -8.40 -3.48 1.51
N VAL A 51 -8.07 -2.19 1.65
CA VAL A 51 -6.69 -1.73 1.94
C VAL A 51 -6.23 -2.28 3.30
N VAL A 52 -7.08 -2.12 4.32
CA VAL A 52 -6.80 -2.53 5.69
C VAL A 52 -6.92 -4.05 5.84
N HIS A 53 -7.71 -4.70 4.95
CA HIS A 53 -7.97 -6.15 5.01
C HIS A 53 -6.66 -6.97 4.94
N ILE A 54 -5.75 -6.56 4.05
CA ILE A 54 -4.43 -7.24 3.92
C ILE A 54 -3.53 -6.93 5.14
N ILE A 55 -3.76 -5.77 5.78
CA ILE A 55 -3.06 -5.37 7.03
C ILE A 55 -3.63 -6.15 8.24
N GLN A 56 -4.90 -6.56 8.14
CA GLN A 56 -5.57 -7.40 9.16
C GLN A 56 -5.16 -8.88 9.01
N SER A 57 -4.81 -9.26 7.76
CA SER A 57 -4.23 -10.59 7.47
C SER A 57 -2.78 -10.68 8.00
N ARG A 58 -2.09 -9.53 7.96
CA ARG A 58 -0.73 -9.41 8.53
C ARG A 58 -0.80 -9.38 10.06
N GLU A 59 -1.66 -8.49 10.57
CA GLU A 59 -1.80 -8.19 12.00
C GLU A 59 -3.24 -8.40 12.47
N PRO A 60 -3.56 -9.60 13.05
CA PRO A 60 -4.82 -9.81 13.80
C PRO A 60 -4.88 -8.89 15.05
N SER A 61 -3.67 -8.49 15.52
CA SER A 61 -3.47 -7.63 16.69
C SER A 61 -4.40 -6.39 16.71
N LEU A 62 -4.59 -5.80 15.54
CA LEU A 62 -5.35 -4.54 15.37
C LEU A 62 -6.85 -4.74 15.64
N ARG A 63 -7.44 -5.81 15.07
CA ARG A 63 -8.88 -6.10 15.22
C ARG A 63 -9.21 -6.54 16.65
N ASP A 64 -8.30 -7.32 17.27
CA ASP A 64 -8.50 -7.90 18.61
C ASP A 64 -8.30 -6.88 19.72
N SER A 65 -7.45 -5.86 19.47
CA SER A 65 -7.20 -4.79 20.43
C SER A 65 -8.35 -3.78 20.40
N ASN A 66 -8.68 -3.31 19.19
CA ASN A 66 -9.72 -2.27 18.96
C ASN A 66 -10.60 -2.73 17.77
N PRO A 67 -11.91 -3.12 18.00
CA PRO A 67 -12.80 -3.64 16.93
C PRO A 67 -13.24 -2.59 15.87
N ASP A 68 -13.38 -1.33 16.28
CA ASP A 68 -13.75 -0.22 15.38
C ASP A 68 -12.51 0.40 14.72
N GLU A 69 -11.42 0.46 15.49
CA GLU A 69 -10.21 1.23 15.15
C GLU A 69 -9.08 0.31 14.65
N ILE A 70 -8.75 0.42 13.36
CA ILE A 70 -7.64 -0.35 12.74
C ILE A 70 -6.44 0.59 12.61
N GLU A 71 -5.36 0.33 13.37
CA GLU A 71 -4.20 1.24 13.43
C GLU A 71 -3.09 0.73 12.50
N ILE A 72 -2.92 1.41 11.37
CA ILE A 72 -1.88 1.09 10.38
C ILE A 72 -0.68 2.04 10.58
N ASP A 73 0.43 1.49 11.08
CA ASP A 73 1.64 2.26 11.38
C ASP A 73 2.71 1.91 10.33
N PHE A 74 2.84 2.76 9.30
CA PHE A 74 3.82 2.57 8.19
C PHE A 74 5.27 2.58 8.72
N GLU A 75 5.44 3.29 9.83
CA GLU A 75 6.74 3.47 10.52
C GLU A 75 7.32 2.14 11.07
N THR A 76 6.44 1.15 11.35
CA THR A 76 6.87 -0.15 11.94
C THR A 76 6.38 -1.36 11.10
N LEU A 77 5.55 -1.11 10.07
CA LEU A 77 5.10 -2.18 9.16
C LEU A 77 6.23 -2.64 8.23
N LYS A 78 6.16 -3.92 7.83
CA LYS A 78 7.09 -4.54 6.91
C LYS A 78 7.06 -3.86 5.52
N PRO A 79 8.24 -3.46 4.95
CA PRO A 79 8.33 -2.81 3.61
C PRO A 79 7.68 -3.63 2.45
N THR A 80 7.63 -4.98 2.61
CA THR A 80 6.94 -5.87 1.63
C THR A 80 5.41 -5.62 1.69
N THR A 81 4.88 -5.55 2.92
CA THR A 81 3.46 -5.26 3.19
C THR A 81 3.07 -3.85 2.69
N LEU A 82 4.01 -2.92 2.84
CA LEU A 82 3.85 -1.53 2.40
C LEU A 82 3.91 -1.44 0.87
N ARG A 83 4.63 -2.40 0.25
CA ARG A 83 4.65 -2.54 -1.21
C ARG A 83 3.32 -3.14 -1.72
N GLU A 84 2.65 -3.96 -0.89
CA GLU A 84 1.30 -4.50 -1.21
C GLU A 84 0.28 -3.35 -1.24
N LEU A 85 0.36 -2.47 -0.23
CA LEU A 85 -0.40 -1.22 -0.15
C LEU A 85 -0.10 -0.33 -1.36
N GLU A 86 1.19 -0.24 -1.71
CA GLU A 86 1.71 0.59 -2.81
C GLU A 86 1.08 0.20 -4.15
N ARG A 87 1.25 -1.07 -4.56
CA ARG A 87 0.78 -1.57 -5.87
C ARG A 87 -0.76 -1.52 -5.97
N TYR A 88 -1.44 -1.67 -4.81
CA TYR A 88 -2.90 -1.61 -4.74
C TYR A 88 -3.40 -0.18 -4.97
N VAL A 89 -2.82 0.78 -4.23
CA VAL A 89 -3.29 2.18 -4.23
C VAL A 89 -2.94 2.87 -5.57
N LYS A 90 -1.84 2.43 -6.20
CA LYS A 90 -1.47 2.90 -7.56
C LYS A 90 -2.45 2.36 -8.62
N SER A 91 -3.05 1.18 -8.36
CA SER A 91 -4.09 0.59 -9.22
C SER A 91 -5.49 1.19 -8.91
N CYS A 92 -5.64 1.79 -7.71
CA CYS A 92 -6.89 2.44 -7.29
C CYS A 92 -6.99 3.88 -7.81
N LEU A 93 -5.84 4.56 -7.91
CA LEU A 93 -5.76 5.97 -8.37
C LEU A 93 -5.44 6.03 -9.87
N GLN A 94 -4.46 5.23 -10.28
CA GLN A 94 -3.98 5.15 -11.67
C GLN A 94 -4.23 3.74 -12.22
N LYS A 95 -3.76 3.46 -13.43
CA LYS A 95 -3.85 2.12 -14.05
C LYS A 95 -2.45 1.51 -14.19
N LYS A 96 -1.59 1.80 -13.20
CA LYS A 96 -0.18 1.36 -13.17
C LYS A 96 0.08 0.51 -11.93
N SER B 1 -26.16 0.11 10.37
CA SER B 1 -25.24 -0.94 9.94
C SER B 1 -24.17 -0.38 8.99
N ARG B 2 -22.96 -0.96 9.06
CA ARG B 2 -21.86 -0.70 8.09
C ARG B 2 -21.51 0.80 8.01
N LEU B 3 -21.50 1.45 9.18
CA LEU B 3 -21.05 2.84 9.34
C LEU B 3 -19.64 2.98 8.77
N THR B 4 -19.52 3.71 7.66
CA THR B 4 -18.31 3.76 6.86
C THR B 4 -17.20 4.50 7.61
N TRP B 5 -16.21 3.71 8.03
CA TRP B 5 -14.99 4.15 8.72
C TRP B 5 -14.21 5.24 7.96
N ARG B 6 -13.44 6.00 8.75
CA ARG B 6 -12.65 7.14 8.28
C ARG B 6 -11.20 6.95 8.73
N VAL B 7 -10.27 7.16 7.79
CA VAL B 7 -8.83 7.06 8.03
C VAL B 7 -8.33 8.29 8.85
N GLN B 8 -8.45 8.17 10.18
CA GLN B 8 -8.02 9.19 11.13
C GLN B 8 -6.51 9.06 11.37
N ARG B 9 -5.82 10.19 11.54
CA ARG B 9 -4.41 10.25 11.93
C ARG B 9 -4.30 10.07 13.47
N SER B 10 -3.16 9.55 13.94
CA SER B 10 -2.85 9.43 15.36
C SER B 10 -1.42 9.95 15.62
N GLN B 11 -1.33 11.25 15.95
CA GLN B 11 -0.05 11.96 16.29
C GLN B 11 0.88 12.04 15.07
N ASN B 12 1.50 10.90 14.72
CA ASN B 12 2.33 10.78 13.51
C ASN B 12 1.42 10.57 12.28
N PRO B 13 1.80 11.13 11.07
CA PRO B 13 1.09 10.83 9.79
C PRO B 13 1.11 9.33 9.47
N LEU B 14 2.21 8.68 9.90
CA LEU B 14 2.50 7.26 9.62
C LEU B 14 1.51 6.35 10.36
N LYS B 15 0.99 6.85 11.51
CA LYS B 15 -0.08 6.18 12.26
C LYS B 15 -1.44 6.62 11.70
N ILE B 16 -2.09 5.79 10.89
CA ILE B 16 -3.46 6.05 10.43
C ILE B 16 -4.45 5.05 11.09
N ARG B 17 -5.13 5.54 12.12
CA ARG B 17 -6.15 4.78 12.85
C ARG B 17 -7.50 4.92 12.12
N LEU B 18 -7.85 3.89 11.36
CA LEU B 18 -9.15 3.78 10.69
C LEU B 18 -10.28 3.66 11.75
N THR B 19 -10.81 4.81 12.18
CA THR B 19 -11.88 4.89 13.19
C THR B 19 -13.26 4.71 12.53
N ARG B 20 -13.98 3.63 12.90
CA ARG B 20 -15.39 3.47 12.51
C ARG B 20 -16.25 4.43 13.34
N GLU B 21 -16.59 5.58 12.74
CA GLU B 21 -17.32 6.65 13.43
C GLU B 21 -18.79 6.24 13.69
N ALA B 22 -19.31 6.64 14.85
CA ALA B 22 -20.72 6.41 15.23
C ALA B 22 -21.47 7.76 15.29
N PRO B 23 -22.30 8.09 14.24
CA PRO B 23 -23.22 9.25 14.26
C PRO B 23 -24.13 9.29 15.53
N HIS A 1 23.83 52.45 -24.00
CA HIS A 1 22.97 51.71 -24.95
C HIS A 1 21.85 50.99 -24.20
N HIS A 2 20.68 50.89 -24.86
CA HIS A 2 19.56 50.05 -24.40
C HIS A 2 19.63 48.70 -25.12
N HIS A 3 20.29 47.73 -24.48
CA HIS A 3 20.33 46.32 -24.92
C HIS A 3 19.70 45.46 -23.81
N HIS A 4 18.62 45.99 -23.20
CA HIS A 4 17.82 45.25 -22.24
C HIS A 4 16.96 44.22 -22.99
N HIS A 5 17.56 43.06 -23.23
CA HIS A 5 16.98 41.99 -24.04
C HIS A 5 17.49 40.65 -23.48
N HIS A 6 16.67 40.00 -22.66
CA HIS A 6 16.99 38.69 -22.05
C HIS A 6 15.77 37.78 -22.12
N SER A 7 16.01 36.47 -22.24
CA SER A 7 14.93 35.46 -22.21
C SER A 7 14.72 34.93 -20.79
N HIS A 8 13.71 34.07 -20.63
CA HIS A 8 13.41 33.37 -19.37
C HIS A 8 13.12 31.91 -19.70
N MET A 9 13.50 31.00 -18.79
CA MET A 9 13.23 29.55 -18.94
C MET A 9 12.59 29.02 -17.66
N GLY A 10 11.98 27.83 -17.77
CA GLY A 10 11.31 27.19 -16.64
C GLY A 10 10.39 26.07 -17.11
N LYS A 11 9.48 25.64 -16.22
CA LYS A 11 8.46 24.59 -16.49
C LYS A 11 9.10 23.25 -16.88
N GLN A 12 10.38 23.06 -16.51
CA GLN A 12 11.14 21.84 -16.79
C GLN A 12 11.40 21.17 -15.44
N ALA A 13 10.97 19.92 -15.31
CA ALA A 13 11.17 19.12 -14.10
C ALA A 13 11.49 17.68 -14.52
N SER A 14 12.79 17.38 -14.61
CA SER A 14 13.28 16.04 -14.93
C SER A 14 13.25 15.17 -13.66
N ALA A 15 12.14 14.44 -13.47
CA ALA A 15 11.96 13.52 -12.32
C ALA A 15 12.79 12.24 -12.53
N SER A 16 13.22 11.63 -11.42
CA SER A 16 14.08 10.44 -11.43
C SER A 16 13.30 9.21 -11.92
N TYR A 17 13.72 8.66 -13.07
CA TYR A 17 13.11 7.47 -13.66
C TYR A 17 13.62 6.21 -12.95
N ASP A 18 12.96 5.87 -11.83
CA ASP A 18 13.27 4.66 -11.04
C ASP A 18 12.71 3.44 -11.77
N SER A 19 13.39 3.02 -12.84
CA SER A 19 12.93 1.99 -13.79
C SER A 19 13.35 0.57 -13.33
N GLU A 20 13.98 0.49 -12.15
CA GLU A 20 14.49 -0.76 -11.57
C GLU A 20 14.14 -0.81 -10.08
N GLU A 21 13.94 -2.02 -9.55
CA GLU A 21 13.49 -2.27 -8.17
C GLU A 21 14.17 -3.54 -7.66
N GLU A 22 14.83 -3.49 -6.49
CA GLU A 22 15.31 -4.68 -5.79
C GLU A 22 14.14 -5.27 -4.99
N GLU A 23 13.48 -6.21 -5.64
CA GLU A 23 12.19 -6.80 -5.20
C GLU A 23 12.39 -7.90 -4.14
N GLU A 24 13.66 -8.07 -3.71
CA GLU A 24 14.03 -8.88 -2.53
C GLU A 24 13.25 -8.37 -1.29
N GLY A 25 13.28 -7.04 -1.14
CA GLY A 25 12.65 -6.35 -0.02
C GLY A 25 13.46 -5.13 0.34
N LEU A 26 13.67 -4.26 -0.66
CA LEU A 26 14.48 -3.03 -0.53
C LEU A 26 13.93 -2.12 0.60
N PRO A 27 14.82 -1.37 1.33
CA PRO A 27 14.38 -0.49 2.42
C PRO A 27 13.47 0.64 1.92
N MET A 28 12.15 0.55 2.22
CA MET A 28 11.22 1.66 1.98
C MET A 28 11.64 2.83 2.86
N SER A 29 12.05 3.95 2.23
CA SER A 29 12.53 5.13 2.93
C SER A 29 11.40 5.78 3.75
N TYR A 30 11.80 6.45 4.83
CA TYR A 30 10.90 7.00 5.87
C TYR A 30 9.85 7.97 5.27
N ASP A 31 10.28 8.76 4.29
CA ASP A 31 9.45 9.77 3.63
C ASP A 31 8.41 9.14 2.68
N GLU A 32 8.67 7.91 2.20
CA GLU A 32 7.72 7.20 1.31
C GLU A 32 6.55 6.60 2.11
N LYS A 33 6.75 6.38 3.42
CA LYS A 33 5.64 6.07 4.34
C LYS A 33 4.68 7.29 4.44
N ARG A 34 5.24 8.52 4.35
CA ARG A 34 4.45 9.77 4.36
C ARG A 34 3.60 9.84 3.08
N GLN A 35 4.27 9.67 1.92
CA GLN A 35 3.63 9.73 0.59
C GLN A 35 2.47 8.73 0.50
N LEU A 36 2.73 7.50 0.97
CA LEU A 36 1.76 6.41 0.96
C LEU A 36 0.61 6.68 1.95
N SER A 37 0.91 7.35 3.07
CA SER A 37 -0.09 7.72 4.08
C SER A 37 -1.14 8.72 3.49
N LEU A 38 -0.66 9.74 2.73
CA LEU A 38 -1.55 10.71 2.03
C LEU A 38 -2.34 10.03 0.90
N ASP A 39 -1.69 9.07 0.23
CA ASP A 39 -2.26 8.30 -0.89
C ASP A 39 -3.37 7.33 -0.42
N ILE A 40 -3.24 6.81 0.81
CA ILE A 40 -4.27 5.95 1.44
C ILE A 40 -5.33 6.81 2.15
N ASN A 41 -4.93 8.01 2.61
CA ASN A 41 -5.84 8.99 3.24
C ASN A 41 -6.97 9.40 2.26
N ARG A 42 -6.60 9.50 0.97
CA ARG A 42 -7.52 9.95 -0.10
C ARG A 42 -8.34 8.79 -0.71
N LEU A 43 -8.03 7.54 -0.30
CA LEU A 43 -8.79 6.35 -0.75
C LEU A 43 -10.21 6.35 -0.15
N PRO A 44 -11.27 6.12 -0.99
CA PRO A 44 -12.64 5.83 -0.50
C PRO A 44 -12.69 4.58 0.42
N GLY A 45 -13.73 4.49 1.26
CA GLY A 45 -13.85 3.46 2.29
C GLY A 45 -13.91 2.02 1.78
N GLU A 46 -14.29 1.86 0.49
CA GLU A 46 -14.28 0.56 -0.22
C GLU A 46 -12.83 0.03 -0.32
N LYS A 47 -11.92 0.95 -0.66
CA LYS A 47 -10.50 0.64 -0.86
C LYS A 47 -9.85 0.45 0.51
N LEU A 48 -10.27 1.29 1.48
CA LEU A 48 -9.87 1.15 2.91
C LEU A 48 -10.36 -0.19 3.49
N GLY A 49 -11.39 -0.78 2.86
CA GLY A 49 -11.87 -2.13 3.18
C GLY A 49 -10.80 -3.20 2.97
N ARG A 50 -10.07 -3.10 1.85
CA ARG A 50 -8.95 -4.02 1.54
C ARG A 50 -7.69 -3.61 2.33
N VAL A 51 -7.47 -2.28 2.46
CA VAL A 51 -6.29 -1.73 3.15
C VAL A 51 -6.24 -2.26 4.59
N VAL A 52 -7.39 -2.24 5.31
CA VAL A 52 -7.47 -2.80 6.68
C VAL A 52 -7.41 -4.35 6.66
N HIS A 53 -7.92 -4.96 5.57
CA HIS A 53 -8.04 -6.42 5.46
C HIS A 53 -6.66 -7.10 5.44
N ILE A 54 -5.75 -6.57 4.60
CA ILE A 54 -4.38 -7.10 4.48
C ILE A 54 -3.55 -6.82 5.75
N ILE A 55 -3.88 -5.70 6.43
CA ILE A 55 -3.23 -5.32 7.70
C ILE A 55 -3.66 -6.29 8.81
N GLN A 56 -4.97 -6.57 8.92
CA GLN A 56 -5.50 -7.53 9.92
C GLN A 56 -5.01 -8.95 9.64
N SER A 57 -4.68 -9.22 8.37
CA SER A 57 -4.14 -10.52 7.94
C SER A 57 -2.68 -10.67 8.45
N ARG A 58 -1.93 -9.55 8.48
CA ARG A 58 -0.54 -9.51 9.00
C ARG A 58 -0.55 -9.49 10.54
N GLU A 59 -1.50 -8.74 11.11
CA GLU A 59 -1.57 -8.48 12.56
C GLU A 59 -3.05 -8.53 13.04
N PRO A 60 -3.57 -9.75 13.37
CA PRO A 60 -4.94 -9.90 13.92
C PRO A 60 -5.05 -9.43 15.39
N SER A 61 -3.92 -9.00 15.97
CA SER A 61 -3.85 -8.42 17.34
C SER A 61 -4.78 -7.20 17.49
N LEU A 62 -4.88 -6.41 16.40
CA LEU A 62 -5.76 -5.23 16.32
C LEU A 62 -7.24 -5.62 16.52
N ARG A 63 -7.65 -6.79 15.99
CA ARG A 63 -9.05 -7.28 16.07
C ARG A 63 -9.50 -7.44 17.54
N ASP A 64 -8.63 -8.09 18.33
CA ASP A 64 -8.91 -8.39 19.76
C ASP A 64 -8.98 -7.12 20.61
N SER A 65 -7.98 -6.24 20.45
CA SER A 65 -7.83 -5.06 21.29
C SER A 65 -8.85 -3.95 20.90
N ASN A 66 -8.88 -3.60 19.61
CA ASN A 66 -9.78 -2.55 19.05
C ASN A 66 -10.40 -3.04 17.74
N PRO A 67 -11.58 -3.75 17.80
CA PRO A 67 -12.21 -4.36 16.60
C PRO A 67 -12.77 -3.31 15.61
N ASP A 68 -13.12 -2.13 16.12
CA ASP A 68 -13.75 -1.05 15.32
C ASP A 68 -12.81 0.14 15.09
N GLU A 69 -11.62 0.10 15.69
CA GLU A 69 -10.58 1.14 15.50
C GLU A 69 -9.31 0.45 14.99
N ILE A 70 -8.96 0.68 13.72
CA ILE A 70 -7.80 0.04 13.10
C ILE A 70 -6.77 1.12 12.78
N GLU A 71 -5.64 1.11 13.52
CA GLU A 71 -4.51 2.00 13.27
C GLU A 71 -3.50 1.26 12.41
N ILE A 72 -3.25 1.78 11.20
CA ILE A 72 -2.32 1.19 10.26
C ILE A 72 -0.94 1.80 10.50
N ASP A 73 -0.04 0.97 11.03
CA ASP A 73 1.29 1.36 11.45
C ASP A 73 2.27 1.13 10.29
N PHE A 74 2.54 2.19 9.50
CA PHE A 74 3.39 2.11 8.29
C PHE A 74 4.88 1.96 8.65
N GLU A 75 5.24 2.31 9.89
CA GLU A 75 6.65 2.43 10.35
C GLU A 75 7.16 1.14 11.02
N THR A 76 6.27 0.18 11.28
CA THR A 76 6.66 -1.19 11.71
C THR A 76 6.30 -2.21 10.62
N LEU A 77 5.51 -1.79 9.60
CA LEU A 77 5.15 -2.64 8.45
C LEU A 77 6.40 -3.00 7.62
N LYS A 78 6.35 -4.19 7.02
CA LYS A 78 7.43 -4.73 6.20
C LYS A 78 7.40 -4.03 4.82
N PRO A 79 8.57 -3.63 4.20
CA PRO A 79 8.60 -2.93 2.89
C PRO A 79 7.86 -3.69 1.77
N THR A 80 7.80 -5.02 1.92
CA THR A 80 7.06 -5.93 1.03
C THR A 80 5.52 -5.71 1.15
N THR A 81 5.07 -5.48 2.39
CA THR A 81 3.67 -5.16 2.69
C THR A 81 3.30 -3.79 2.12
N LEU A 82 4.17 -2.76 2.35
CA LEU A 82 3.96 -1.39 1.79
C LEU A 82 3.91 -1.42 0.26
N ARG A 83 4.60 -2.40 -0.36
CA ARG A 83 4.59 -2.56 -1.82
C ARG A 83 3.23 -3.11 -2.32
N GLU A 84 2.51 -3.88 -1.47
CA GLU A 84 1.13 -4.32 -1.77
C GLU A 84 0.20 -3.11 -1.73
N LEU A 85 0.35 -2.30 -0.65
CA LEU A 85 -0.42 -1.06 -0.46
C LEU A 85 -0.32 -0.17 -1.71
N GLU A 86 0.91 0.28 -2.03
CA GLU A 86 1.14 1.24 -3.15
C GLU A 86 0.68 0.64 -4.51
N ARG A 87 0.84 -0.69 -4.67
CA ARG A 87 0.36 -1.40 -5.87
C ARG A 87 -1.14 -1.15 -6.09
N TYR A 88 -1.91 -1.40 -5.03
CA TYR A 88 -3.37 -1.35 -5.08
C TYR A 88 -3.87 0.10 -5.15
N VAL A 89 -3.23 0.99 -4.38
CA VAL A 89 -3.56 2.42 -4.33
C VAL A 89 -3.39 3.04 -5.72
N LYS A 90 -2.20 2.85 -6.30
CA LYS A 90 -1.84 3.42 -7.61
C LYS A 90 -2.74 2.86 -8.72
N SER A 91 -3.01 1.55 -8.69
CA SER A 91 -3.88 0.88 -9.67
C SER A 91 -5.29 1.50 -9.66
N CYS A 92 -5.81 1.70 -8.45
CA CYS A 92 -7.18 2.22 -8.24
C CYS A 92 -7.31 3.71 -8.59
N LEU A 93 -6.23 4.48 -8.36
CA LEU A 93 -6.23 5.94 -8.60
C LEU A 93 -5.80 6.29 -10.03
N GLN A 94 -5.12 5.35 -10.70
CA GLN A 94 -4.66 5.52 -12.08
C GLN A 94 -5.81 5.23 -13.04
N LYS A 95 -6.26 6.27 -13.77
CA LYS A 95 -7.29 6.11 -14.79
C LYS A 95 -6.71 5.27 -15.94
N LYS A 96 -7.31 4.09 -16.20
CA LYS A 96 -6.79 3.02 -17.11
C LYS A 96 -5.27 2.78 -16.92
N SER B 1 -26.11 -0.37 5.56
CA SER B 1 -26.15 -1.32 6.67
C SER B 1 -24.83 -1.26 7.46
N ARG B 2 -23.72 -1.17 6.72
CA ARG B 2 -22.36 -1.14 7.29
C ARG B 2 -21.83 0.31 7.33
N LEU B 3 -21.71 0.87 8.54
CA LEU B 3 -21.21 2.24 8.74
C LEU B 3 -19.68 2.26 8.53
N THR B 4 -19.26 2.80 7.39
CA THR B 4 -17.87 2.82 6.95
C THR B 4 -16.97 3.63 7.92
N TRP B 5 -15.77 3.12 8.19
CA TRP B 5 -14.73 3.80 8.99
C TRP B 5 -14.06 4.92 8.16
N ARG B 6 -13.57 5.98 8.84
CA ARG B 6 -12.97 7.15 8.17
C ARG B 6 -11.54 7.41 8.70
N VAL B 7 -10.75 8.13 7.89
CA VAL B 7 -9.33 8.35 8.16
C VAL B 7 -9.09 9.58 9.06
N GLN B 8 -8.38 9.34 10.17
CA GLN B 8 -7.95 10.38 11.11
C GLN B 8 -6.50 10.07 11.53
N ARG B 9 -5.57 10.95 11.15
CA ARG B 9 -4.13 10.74 11.39
C ARG B 9 -3.78 10.97 12.87
N SER B 10 -2.87 10.13 13.38
CA SER B 10 -2.40 10.20 14.78
C SER B 10 -1.35 11.32 14.97
N GLN B 11 -0.73 11.38 16.15
CA GLN B 11 0.39 12.29 16.46
C GLN B 11 1.59 12.08 15.50
N ASN B 12 1.73 10.84 14.99
CA ASN B 12 2.74 10.49 13.99
C ASN B 12 2.20 10.83 12.58
N PRO B 13 3.04 11.44 11.70
CA PRO B 13 2.63 11.83 10.32
C PRO B 13 2.39 10.60 9.40
N LEU B 14 2.82 9.42 9.86
CA LEU B 14 2.68 8.17 9.11
C LEU B 14 1.36 7.47 9.48
N LYS B 15 1.26 7.06 10.75
CA LYS B 15 0.19 6.17 11.22
C LYS B 15 -1.19 6.85 11.18
N ILE B 16 -2.14 6.22 10.45
CA ILE B 16 -3.53 6.69 10.33
C ILE B 16 -4.46 5.75 11.10
N ARG B 17 -5.35 6.33 11.91
CA ARG B 17 -6.38 5.61 12.66
C ARG B 17 -7.69 5.59 11.83
N LEU B 18 -8.33 4.41 11.75
CA LEU B 18 -9.57 4.21 10.99
C LEU B 18 -10.67 3.75 11.96
N THR B 19 -11.41 4.74 12.50
CA THR B 19 -12.43 4.53 13.54
C THR B 19 -13.83 4.36 12.94
N ARG B 20 -14.64 3.51 13.61
CA ARG B 20 -16.06 3.30 13.28
C ARG B 20 -16.87 4.56 13.69
N GLU B 21 -16.98 5.51 12.76
CA GLU B 21 -17.67 6.78 13.00
C GLU B 21 -19.05 6.78 12.35
N ALA B 22 -20.08 6.95 13.17
CA ALA B 22 -21.46 7.10 12.71
C ALA B 22 -21.67 8.52 12.13
N PRO B 23 -22.44 8.68 11.00
CA PRO B 23 -22.74 10.01 10.41
C PRO B 23 -23.52 10.92 11.40
N HIS A 1 -33.31 -31.07 -49.59
CA HIS A 1 -31.86 -30.86 -49.38
C HIS A 1 -31.62 -30.18 -48.03
N HIS A 2 -30.45 -30.48 -47.41
CA HIS A 2 -29.98 -29.81 -46.17
C HIS A 2 -29.08 -28.61 -46.52
N HIS A 3 -28.67 -27.84 -45.50
CA HIS A 3 -27.77 -26.70 -45.68
C HIS A 3 -26.89 -26.53 -44.43
N HIS A 4 -25.60 -26.24 -44.64
CA HIS A 4 -24.68 -25.84 -43.55
C HIS A 4 -23.47 -25.11 -44.16
N HIS A 5 -23.04 -24.00 -43.52
CA HIS A 5 -21.91 -23.21 -44.01
C HIS A 5 -21.30 -22.42 -42.83
N HIS A 6 -20.49 -23.13 -42.01
CA HIS A 6 -19.84 -22.55 -40.83
C HIS A 6 -18.34 -22.37 -41.09
N SER A 7 -17.80 -21.21 -40.68
CA SER A 7 -16.37 -20.88 -40.86
C SER A 7 -15.97 -19.80 -39.85
N HIS A 8 -14.82 -20.01 -39.16
CA HIS A 8 -14.22 -19.02 -38.25
C HIS A 8 -12.72 -19.32 -38.04
N MET A 9 -11.96 -18.25 -37.75
CA MET A 9 -10.51 -18.31 -37.51
C MET A 9 -10.06 -17.08 -36.72
N GLY A 10 -8.94 -17.19 -35.99
CA GLY A 10 -8.43 -16.08 -35.18
C GLY A 10 -7.16 -16.45 -34.41
N LYS A 11 -6.28 -15.45 -34.21
CA LYS A 11 -5.04 -15.60 -33.41
C LYS A 11 -5.27 -14.97 -32.02
N GLN A 12 -5.04 -15.73 -30.95
CA GLN A 12 -5.10 -15.25 -29.56
C GLN A 12 -3.71 -15.38 -28.93
N ALA A 13 -3.10 -14.25 -28.57
CA ALA A 13 -1.70 -14.18 -28.09
C ALA A 13 -1.52 -13.07 -27.05
N SER A 14 -2.62 -12.59 -26.45
CA SER A 14 -2.61 -11.51 -25.47
C SER A 14 -2.15 -12.03 -24.09
N ALA A 15 -0.82 -12.10 -23.91
CA ALA A 15 -0.18 -12.63 -22.70
C ALA A 15 1.25 -12.08 -22.56
N SER A 16 1.70 -11.90 -21.32
CA SER A 16 3.07 -11.49 -20.99
C SER A 16 3.44 -12.10 -19.64
N TYR A 17 4.44 -13.00 -19.63
CA TYR A 17 4.86 -13.73 -18.43
C TYR A 17 5.50 -12.80 -17.38
N ASP A 18 4.77 -12.55 -16.29
CA ASP A 18 5.27 -11.80 -15.12
C ASP A 18 4.29 -11.97 -13.98
N SER A 19 4.78 -12.53 -12.86
CA SER A 19 3.97 -12.74 -11.65
C SER A 19 3.56 -11.40 -11.03
N GLU A 20 4.52 -10.42 -11.01
CA GLU A 20 4.35 -9.06 -10.42
C GLU A 20 4.24 -9.14 -8.88
N GLU A 21 4.39 -10.35 -8.32
CA GLU A 21 4.25 -10.63 -6.87
C GLU A 21 5.64 -10.56 -6.21
N GLU A 22 6.49 -9.67 -6.74
CA GLU A 22 7.91 -9.63 -6.43
C GLU A 22 8.12 -8.95 -5.06
N GLU A 23 8.40 -9.80 -4.07
CA GLU A 23 8.60 -9.39 -2.68
C GLU A 23 10.08 -9.04 -2.46
N GLU A 24 10.51 -7.92 -3.07
CA GLU A 24 11.88 -7.40 -2.96
C GLU A 24 12.25 -7.13 -1.49
N GLY A 25 11.23 -6.70 -0.70
CA GLY A 25 11.42 -6.39 0.71
C GLY A 25 12.39 -5.24 0.95
N LEU A 26 12.42 -4.33 -0.04
CA LEU A 26 13.28 -3.14 -0.01
C LEU A 26 12.78 -2.16 1.08
N PRO A 27 13.69 -1.36 1.71
CA PRO A 27 13.29 -0.33 2.69
C PRO A 27 12.47 0.78 2.00
N MET A 28 11.15 0.79 2.28
CA MET A 28 10.24 1.83 1.77
C MET A 28 10.68 3.19 2.33
N SER A 29 10.98 4.14 1.42
CA SER A 29 11.48 5.48 1.76
C SER A 29 10.53 6.20 2.72
N TYR A 30 11.11 7.00 3.66
CA TYR A 30 10.34 7.71 4.71
C TYR A 30 9.25 8.63 4.12
N ASP A 31 9.58 9.23 2.97
CA ASP A 31 8.66 10.10 2.22
C ASP A 31 7.51 9.28 1.63
N GLU A 32 7.83 8.06 1.15
CA GLU A 32 6.83 7.12 0.58
C GLU A 32 5.99 6.44 1.67
N LYS A 33 6.49 6.40 2.91
CA LYS A 33 5.71 5.95 4.08
C LYS A 33 4.58 6.97 4.36
N ARG A 34 4.98 8.26 4.36
CA ARG A 34 4.06 9.40 4.56
C ARG A 34 3.16 9.60 3.34
N GLN A 35 3.69 9.32 2.14
CA GLN A 35 2.94 9.43 0.87
C GLN A 35 1.88 8.34 0.83
N LEU A 36 2.27 7.13 1.27
CA LEU A 36 1.36 5.96 1.36
C LEU A 36 0.24 6.24 2.37
N SER A 37 0.59 6.98 3.45
CA SER A 37 -0.37 7.47 4.45
C SER A 37 -1.41 8.38 3.79
N LEU A 38 -0.94 9.43 3.08
CA LEU A 38 -1.80 10.41 2.39
C LEU A 38 -2.61 9.75 1.26
N ASP A 39 -2.03 8.69 0.67
CA ASP A 39 -2.64 7.92 -0.42
C ASP A 39 -3.79 7.04 0.09
N ILE A 40 -3.64 6.49 1.30
CA ILE A 40 -4.72 5.69 1.94
C ILE A 40 -5.78 6.63 2.57
N ASN A 41 -5.34 7.83 3.00
CA ASN A 41 -6.22 8.85 3.61
C ASN A 41 -7.16 9.48 2.58
N ARG A 42 -6.85 9.35 1.28
CA ARG A 42 -7.72 9.86 0.21
C ARG A 42 -8.72 8.77 -0.26
N LEU A 43 -8.48 7.51 0.16
CA LEU A 43 -9.28 6.35 -0.25
C LEU A 43 -10.63 6.32 0.49
N PRO A 44 -11.78 6.12 -0.25
CA PRO A 44 -13.14 6.02 0.33
C PRO A 44 -13.28 4.86 1.34
N GLY A 45 -14.29 4.97 2.24
CA GLY A 45 -14.49 4.03 3.35
C GLY A 45 -14.60 2.56 2.96
N GLU A 46 -15.21 2.29 1.80
CA GLU A 46 -15.39 0.91 1.28
C GLU A 46 -14.06 0.34 0.76
N LYS A 47 -13.25 1.21 0.15
CA LYS A 47 -11.91 0.85 -0.38
C LYS A 47 -10.98 0.51 0.77
N LEU A 48 -11.12 1.28 1.88
CA LEU A 48 -10.36 1.08 3.13
C LEU A 48 -10.55 -0.34 3.70
N GLY A 49 -11.71 -0.95 3.40
CA GLY A 49 -11.98 -2.35 3.77
C GLY A 49 -10.95 -3.30 3.19
N ARG A 50 -10.71 -3.19 1.88
CA ARG A 50 -9.74 -4.05 1.17
C ARG A 50 -8.29 -3.71 1.58
N VAL A 51 -8.04 -2.40 1.76
CA VAL A 51 -6.74 -1.84 2.14
C VAL A 51 -6.27 -2.39 3.50
N VAL A 52 -7.21 -2.46 4.47
CA VAL A 52 -6.87 -3.00 5.81
C VAL A 52 -6.79 -4.52 5.79
N HIS A 53 -7.53 -5.21 4.88
CA HIS A 53 -7.60 -6.70 4.87
C HIS A 53 -6.21 -7.36 4.76
N ILE A 54 -5.36 -6.82 3.87
CA ILE A 54 -3.95 -7.27 3.72
C ILE A 54 -3.09 -6.88 4.95
N ILE A 55 -3.53 -5.84 5.70
CA ILE A 55 -2.90 -5.44 6.97
C ILE A 55 -3.37 -6.37 8.14
N GLN A 56 -4.68 -6.75 8.12
CA GLN A 56 -5.36 -7.49 9.23
C GLN A 56 -4.75 -8.88 9.43
N SER A 57 -4.31 -9.47 8.32
CA SER A 57 -3.64 -10.78 8.31
C SER A 57 -2.25 -10.70 8.97
N ARG A 58 -1.63 -9.50 8.91
CA ARG A 58 -0.29 -9.24 9.49
C ARG A 58 -0.41 -8.79 10.96
N GLU A 59 -1.58 -8.26 11.37
CA GLU A 59 -1.80 -7.80 12.76
C GLU A 59 -3.23 -8.14 13.28
N PRO A 60 -3.59 -9.47 13.41
CA PRO A 60 -4.92 -9.91 13.93
C PRO A 60 -5.15 -9.45 15.38
N SER A 61 -4.05 -9.09 16.06
CA SER A 61 -4.06 -8.53 17.43
C SER A 61 -4.76 -7.16 17.46
N LEU A 62 -4.36 -6.25 16.53
CA LEU A 62 -4.89 -4.87 16.46
C LEU A 62 -6.37 -4.88 16.06
N ARG A 63 -6.71 -5.81 15.13
CA ARG A 63 -8.10 -6.09 14.74
C ARG A 63 -8.97 -6.53 15.93
N ASP A 64 -8.43 -7.51 16.69
CA ASP A 64 -9.12 -8.13 17.84
C ASP A 64 -9.28 -7.13 19.00
N SER A 65 -8.31 -6.20 19.11
CA SER A 65 -8.29 -5.17 20.16
C SER A 65 -9.37 -4.12 19.89
N ASN A 66 -9.36 -3.58 18.65
CA ASN A 66 -10.32 -2.56 18.20
C ASN A 66 -10.68 -2.81 16.72
N PRO A 67 -11.85 -3.49 16.45
CA PRO A 67 -12.38 -3.64 15.05
C PRO A 67 -12.96 -2.30 14.52
N ASP A 68 -13.18 -1.36 15.44
CA ASP A 68 -13.66 -0.01 15.13
C ASP A 68 -12.48 0.89 14.72
N GLU A 69 -11.37 0.80 15.48
CA GLU A 69 -10.17 1.66 15.28
C GLU A 69 -8.97 0.80 14.89
N ILE A 70 -8.55 0.89 13.61
CA ILE A 70 -7.41 0.14 13.08
C ILE A 70 -6.28 1.12 12.75
N GLU A 71 -5.16 1.04 13.47
CA GLU A 71 -4.00 1.93 13.26
C GLU A 71 -2.94 1.21 12.42
N ILE A 72 -2.75 1.68 11.19
CA ILE A 72 -1.73 1.17 10.27
C ILE A 72 -0.40 1.91 10.55
N ASP A 73 0.57 1.16 11.12
CA ASP A 73 1.92 1.68 11.46
C ASP A 73 2.85 1.45 10.28
N PHE A 74 3.06 2.48 9.45
CA PHE A 74 3.94 2.40 8.26
C PHE A 74 5.41 2.17 8.68
N GLU A 75 5.75 2.64 9.89
CA GLU A 75 7.07 2.46 10.51
C GLU A 75 7.38 0.97 10.77
N THR A 76 6.42 0.22 11.34
CA THR A 76 6.62 -1.19 11.75
C THR A 76 6.02 -2.18 10.74
N LEU A 77 5.34 -1.66 9.69
CA LEU A 77 4.81 -2.49 8.59
C LEU A 77 5.95 -3.18 7.86
N LYS A 78 5.70 -4.45 7.50
CA LYS A 78 6.65 -5.29 6.78
C LYS A 78 6.88 -4.71 5.37
N PRO A 79 8.16 -4.53 4.90
CA PRO A 79 8.47 -4.01 3.53
C PRO A 79 7.82 -4.82 2.37
N THR A 80 7.54 -6.11 2.63
CA THR A 80 6.80 -6.98 1.70
C THR A 80 5.31 -6.56 1.62
N THR A 81 4.74 -6.18 2.78
CA THR A 81 3.36 -5.66 2.88
C THR A 81 3.26 -4.25 2.28
N LEU A 82 4.28 -3.40 2.57
CA LEU A 82 4.38 -2.00 2.09
C LEU A 82 4.42 -1.94 0.55
N ARG A 83 5.03 -2.99 -0.04
CA ARG A 83 5.05 -3.20 -1.50
C ARG A 83 3.59 -3.29 -2.01
N GLU A 84 2.80 -4.12 -1.32
CA GLU A 84 1.43 -4.46 -1.73
C GLU A 84 0.52 -3.21 -1.71
N LEU A 85 0.59 -2.45 -0.60
CA LEU A 85 -0.18 -1.20 -0.41
C LEU A 85 0.18 -0.15 -1.48
N GLU A 86 1.50 0.06 -1.67
CA GLU A 86 2.04 1.10 -2.55
C GLU A 86 1.59 0.88 -4.00
N ARG A 87 1.89 -0.31 -4.54
CA ARG A 87 1.63 -0.65 -5.94
C ARG A 87 0.13 -0.65 -6.26
N TYR A 88 -0.69 -1.00 -5.25
CA TYR A 88 -2.16 -1.05 -5.38
C TYR A 88 -2.76 0.36 -5.42
N VAL A 89 -2.35 1.23 -4.47
CA VAL A 89 -2.95 2.57 -4.31
C VAL A 89 -2.54 3.49 -5.47
N LYS A 90 -1.28 3.37 -5.94
CA LYS A 90 -0.79 4.08 -7.14
C LYS A 90 -1.59 3.65 -8.39
N SER A 91 -1.96 2.36 -8.42
CA SER A 91 -2.78 1.77 -9.50
C SER A 91 -4.26 2.19 -9.35
N CYS A 92 -4.67 2.56 -8.12
CA CYS A 92 -6.04 3.07 -7.82
C CYS A 92 -6.13 4.57 -8.14
N LEU A 93 -4.97 5.27 -8.15
CA LEU A 93 -4.86 6.67 -8.63
C LEU A 93 -5.06 6.72 -10.15
N GLN A 94 -4.70 5.60 -10.80
CA GLN A 94 -4.85 5.38 -12.23
C GLN A 94 -6.03 4.45 -12.51
N LYS A 95 -6.24 4.17 -13.79
CA LYS A 95 -7.22 3.17 -14.29
C LYS A 95 -6.46 1.95 -14.87
N LYS A 96 -5.12 2.00 -14.80
CA LYS A 96 -4.22 1.00 -15.37
C LYS A 96 -3.97 -0.13 -14.37
N SER B 1 -21.26 -3.29 13.41
CA SER B 1 -21.82 -3.54 12.08
C SER B 1 -21.14 -2.61 11.05
N ARG B 2 -21.51 -2.76 9.75
CA ARG B 2 -20.91 -1.99 8.66
C ARG B 2 -21.31 -0.50 8.73
N LEU B 3 -20.38 0.33 9.23
CA LEU B 3 -20.45 1.79 9.15
C LEU B 3 -19.20 2.26 8.39
N THR B 4 -19.38 3.20 7.45
CA THR B 4 -18.30 3.73 6.61
C THR B 4 -17.24 4.44 7.49
N TRP B 5 -16.18 3.71 7.85
CA TRP B 5 -15.10 4.23 8.72
C TRP B 5 -14.29 5.34 8.01
N ARG B 6 -13.91 6.38 8.78
CA ARG B 6 -13.08 7.48 8.27
C ARG B 6 -11.61 7.23 8.64
N VAL B 7 -10.74 7.36 7.64
CA VAL B 7 -9.29 7.22 7.81
C VAL B 7 -8.69 8.61 8.14
N GLN B 8 -8.31 8.82 9.40
CA GLN B 8 -7.65 10.06 9.83
C GLN B 8 -6.27 9.71 10.40
N ARG B 9 -5.25 10.41 9.91
CA ARG B 9 -3.88 10.28 10.37
C ARG B 9 -3.76 10.90 11.77
N SER B 10 -3.21 10.12 12.70
CA SER B 10 -2.91 10.56 14.07
C SER B 10 -1.71 11.57 14.07
N GLN B 11 -1.27 11.99 15.26
CA GLN B 11 -0.21 13.02 15.43
C GLN B 11 1.12 12.61 14.77
N ASN B 12 1.39 11.29 14.77
CA ASN B 12 2.56 10.70 14.10
C ASN B 12 2.21 10.51 12.60
N PRO B 13 3.09 10.95 11.64
CA PRO B 13 2.82 10.85 10.19
C PRO B 13 2.76 9.40 9.66
N LEU B 14 3.25 8.44 10.46
CA LEU B 14 3.30 7.00 10.11
C LEU B 14 2.21 6.22 10.85
N LYS B 15 1.23 6.95 11.41
CA LYS B 15 0.09 6.38 12.16
C LYS B 15 -1.22 6.92 11.58
N ILE B 16 -2.04 6.05 10.97
CA ILE B 16 -3.39 6.41 10.54
C ILE B 16 -4.42 5.53 11.26
N ARG B 17 -5.34 6.17 11.99
CA ARG B 17 -6.39 5.48 12.75
C ARG B 17 -7.71 5.58 11.96
N LEU B 18 -8.15 4.42 11.43
CA LEU B 18 -9.45 4.28 10.75
C LEU B 18 -10.53 4.07 11.82
N THR B 19 -11.21 5.16 12.20
CA THR B 19 -12.24 5.14 13.25
C THR B 19 -13.63 4.93 12.63
N ARG B 20 -14.32 3.87 13.08
CA ARG B 20 -15.70 3.56 12.66
C ARG B 20 -16.68 4.30 13.59
N GLU B 21 -17.03 5.53 13.19
CA GLU B 21 -17.88 6.44 13.98
C GLU B 21 -19.37 6.08 13.78
N ALA B 22 -19.99 6.70 12.77
CA ALA B 22 -21.45 6.64 12.57
C ALA B 22 -21.82 7.28 11.21
N PRO B 23 -22.99 6.89 10.57
CA PRO B 23 -23.45 7.45 9.26
C PRO B 23 -23.51 9.00 9.24
#